data_5HR4
#
_entry.id   5HR4
#
_cell.length_a   61.877
_cell.length_b   95.292
_cell.length_c   161.969
_cell.angle_alpha   72.84
_cell.angle_beta   89.15
_cell.angle_gamma   71.62
#
_symmetry.space_group_name_H-M   'P 1'
#
loop_
_entity.id
_entity.type
_entity.pdbx_description
1 polymer MmeI
2 polymer "DNA (5'-D(P*TP*AP*TP*CP*CP*GP*AP*CP*AP*TP*AP*AP*C)-3')"
3 polymer "DNA (5'-D(P*GP*TP*TP*AP*TP*GP*TP*CP*GP*GP*AP*TP*A)-3')"
4 non-polymer 'CALCIUM ION'
5 non-polymer SINEFUNGIN
6 water water
#
loop_
_entity_poly.entity_id
_entity_poly.type
_entity_poly.pdbx_seq_one_letter_code
_entity_poly.pdbx_strand_id
1 'polypeptide(L)'
;MALSWNEIRRKAIEFSKRWEDASDENSQAKPFLIDFFEVFGITNKRVATFEHAVKKFAKAHKEQSRGFVDLFWPGILLIE
MKSRGKDLDKAYDQALDYFSGIAERDLPRYVLVCDFQRFRLTDLITKESVEFLLKDLYQNVRSFGFIAGYQTQVIKPQDP
INIKAAERMGKLHDTLKLVGYEGHALELYLVRLLFCLFAEDTTIFEKSLFQEYIETKTLEDGSDLAHHINTLFYVLNTPE
QKRLKNLDEHLAAFPYINGKLFEEPLPPAQFDKAMREALLDLCSLDWSRISPAIFGSLFQSIMDAKKRRNLGAHYTSEAN
ILKLIKPLFLDELWVEFEKVKNNKNKLLAFHKKLRGLTFFDPACGCGNFLVITYRELRLLEIEVLRGLHRGGQQVLDIEH
LIQINVDQFFGIEIEEFPAQIAQVALWLTDHQMNMKISDEFGNYFARIPLKSTPHILNANALQIDWNDVLEAKKCCFILG
NPPFVGKSKQTPGQKADLLSVFGNLKSASDLDLVAAWYPKAAHYIQTNANIRCAFVSTNSITQGEQVSLLWPLLLSLGIK
INFAHRTFSWTNEASGVAAVHCVIIGFGLKDSDEKIIYEYESINGEPLAIKAKNINPYLRDGVDVIACKRQQPISKLPSM
RYGNKPTDDGNFLFTDEEKNQFITNEPSSEKYFRRFVGGDEFINNTSRWCLWLDGADISEIRAMPLVLARIKKVQEFRLK
SSAKPTRQSASTPMKFFYISQPDTDYLLIPETSSENRQFIPIGFVDRNVISSNATYHIPSAEPLIFGLLSSTMHNCWMRN
VGGRLESRYRYSASLVYNTFPWIQPNEKQSKAIEEAAFAILKARSNYPNESLAGLYDPKTMPSELLKAHQKLDKAVDSVY
GFKGPNTEIARIAFLFETYQKMTSLLPPEKEIKKSKGKN
;
C,J
2 'polydeoxyribonucleotide' (DT)(DA)(DT)(DC)(DC)(DG)(DA)(DC)(DA)(DT)(DA)(DA)(DC) H,K
3 'polydeoxyribonucleotide' (DG)(DT)(DT)(DA)(DT)(DG)(DT)(DC)(DG)(DG)(DA)(DT)(DA) I,L
#
loop_
_chem_comp.id
_chem_comp.type
_chem_comp.name
_chem_comp.formula
CA non-polymer 'CALCIUM ION' 'Ca 2'
DA DNA linking 2'-DEOXYADENOSINE-5'-MONOPHOSPHATE 'C10 H14 N5 O6 P'
DC DNA linking 2'-DEOXYCYTIDINE-5'-MONOPHOSPHATE 'C9 H14 N3 O7 P'
DG DNA linking 2'-DEOXYGUANOSINE-5'-MONOPHOSPHATE 'C10 H14 N5 O7 P'
DT DNA linking THYMIDINE-5'-MONOPHOSPHATE 'C10 H15 N2 O8 P'
SFG non-polymer SINEFUNGIN 'C15 H23 N7 O5'
#
# COMPACT_ATOMS: atom_id res chain seq x y z
N PRO A 157 -41.32 -14.01 -3.98
CA PRO A 157 -40.10 -13.36 -4.45
C PRO A 157 -39.92 -11.97 -3.82
N GLN A 158 -38.70 -11.44 -3.89
CA GLN A 158 -38.38 -10.16 -3.27
C GLN A 158 -38.80 -9.00 -4.17
N ASP A 159 -39.25 -7.91 -3.55
CA ASP A 159 -39.71 -6.74 -4.30
C ASP A 159 -38.57 -6.18 -5.14
N PRO A 160 -38.74 -6.03 -6.45
CA PRO A 160 -37.68 -5.40 -7.24
C PRO A 160 -37.47 -3.96 -6.84
N ILE A 161 -36.22 -3.50 -6.97
CA ILE A 161 -35.87 -2.15 -6.52
C ILE A 161 -36.53 -1.12 -7.42
N ASN A 162 -36.80 0.05 -6.86
CA ASN A 162 -37.29 1.18 -7.64
C ASN A 162 -36.42 2.40 -7.33
N ILE A 163 -36.87 3.58 -7.72
CA ILE A 163 -36.13 4.78 -7.35
C ILE A 163 -36.02 4.95 -5.83
N LYS A 164 -37.04 4.53 -5.07
CA LYS A 164 -36.99 4.78 -3.63
C LYS A 164 -35.86 3.98 -2.97
N ALA A 165 -35.40 2.90 -3.61
CA ALA A 165 -34.31 2.12 -3.06
C ALA A 165 -32.98 2.83 -3.23
N ALA A 166 -32.73 3.39 -4.42
CA ALA A 166 -31.49 4.14 -4.58
C ALA A 166 -31.44 5.32 -3.61
N GLU A 167 -32.55 6.04 -3.46
CA GLU A 167 -32.55 7.18 -2.56
C GLU A 167 -32.25 6.75 -1.13
N ARG A 168 -32.76 5.60 -0.70
CA ARG A 168 -32.46 5.09 0.64
C ARG A 168 -30.98 4.72 0.76
N MET A 169 -30.43 4.08 -0.28
CA MET A 169 -29.00 3.78 -0.29
C MET A 169 -28.16 5.05 -0.22
N GLY A 170 -28.60 6.10 -0.92
CA GLY A 170 -27.94 7.39 -0.79
C GLY A 170 -27.93 7.90 0.64
N LYS A 171 -29.02 7.72 1.38
CA LYS A 171 -29.03 8.23 2.76
C LYS A 171 -28.08 7.43 3.65
N LEU A 172 -27.92 6.14 3.37
CA LEU A 172 -26.91 5.34 4.06
C LEU A 172 -25.53 5.95 3.86
N HIS A 173 -25.21 6.29 2.61
CA HIS A 173 -23.96 6.97 2.30
C HIS A 173 -23.77 8.21 3.15
N ASP A 174 -24.71 9.15 3.09
CA ASP A 174 -24.58 10.39 3.87
C ASP A 174 -24.60 10.12 5.37
N THR A 175 -25.31 9.07 5.81
CA THR A 175 -25.28 8.69 7.21
C THR A 175 -23.88 8.23 7.63
N LEU A 176 -23.25 7.40 6.81
CA LEU A 176 -21.86 7.06 7.01
C LEU A 176 -20.97 8.30 6.90
N LYS A 177 -21.23 9.17 5.93
CA LYS A 177 -20.39 10.36 5.82
C LYS A 177 -20.44 11.17 7.10
N LEU A 178 -21.61 11.29 7.73
CA LEU A 178 -21.74 12.19 8.86
C LEU A 178 -20.97 11.71 10.09
N VAL A 179 -20.66 10.42 10.20
CA VAL A 179 -19.90 9.95 11.36
C VAL A 179 -18.40 10.00 11.07
N GLY A 180 -18.02 10.54 9.91
CA GLY A 180 -16.63 10.76 9.57
C GLY A 180 -16.01 9.74 8.64
N TYR A 181 -16.80 8.84 8.04
CA TYR A 181 -16.30 7.91 7.04
C TYR A 181 -16.52 8.56 5.69
N GLU A 182 -15.53 9.34 5.28
CA GLU A 182 -15.64 10.37 4.26
C GLU A 182 -14.71 10.02 3.11
N GLY A 183 -14.90 10.71 2.00
CA GLY A 183 -13.87 10.65 0.98
C GLY A 183 -13.83 9.33 0.21
N HIS A 184 -12.62 9.03 -0.28
CA HIS A 184 -12.38 7.90 -1.16
C HIS A 184 -12.85 6.59 -0.54
N ALA A 185 -12.52 6.34 0.73
CA ALA A 185 -13.03 5.11 1.35
C ALA A 185 -14.54 5.07 1.24
N LEU A 186 -15.22 6.15 1.58
CA LEU A 186 -16.69 6.15 1.54
C LEU A 186 -17.22 5.75 0.16
N GLU A 187 -16.76 6.43 -0.88
CA GLU A 187 -17.25 6.17 -2.23
C GLU A 187 -17.05 4.72 -2.63
N LEU A 188 -15.88 4.15 -2.34
CA LEU A 188 -15.62 2.78 -2.75
C LEU A 188 -16.24 1.78 -1.79
N TYR A 189 -16.35 2.11 -0.51
CA TYR A 189 -17.11 1.25 0.41
C TYR A 189 -18.51 1.01 -0.13
N LEU A 190 -19.18 2.09 -0.56
CA LEU A 190 -20.59 1.99 -0.90
C LEU A 190 -20.79 1.26 -2.22
N VAL A 191 -20.02 1.64 -3.22
CA VAL A 191 -20.04 0.93 -4.50
C VAL A 191 -19.68 -0.55 -4.32
N ARG A 192 -18.82 -0.90 -3.37
CA ARG A 192 -18.63 -2.31 -3.04
C ARG A 192 -19.92 -2.93 -2.51
N LEU A 193 -20.55 -2.30 -1.51
CA LEU A 193 -21.85 -2.80 -1.02
C LEU A 193 -22.84 -2.97 -2.16
N LEU A 194 -22.84 -2.04 -3.10
CA LEU A 194 -23.77 -2.12 -4.21
C LEU A 194 -23.55 -3.41 -4.98
N PHE A 195 -22.29 -3.75 -5.23
CA PHE A 195 -21.99 -4.99 -5.92
C PHE A 195 -22.47 -6.18 -5.12
N CYS A 196 -22.28 -6.14 -3.80
CA CYS A 196 -22.76 -7.26 -3.00
C CYS A 196 -24.28 -7.37 -3.06
N LEU A 197 -24.99 -6.24 -3.06
CA LEU A 197 -26.45 -6.33 -3.12
C LEU A 197 -26.91 -6.95 -4.43
N PHE A 198 -26.27 -6.56 -5.53
CA PHE A 198 -26.58 -7.17 -6.82
C PHE A 198 -26.19 -8.65 -6.85
N ALA A 199 -25.07 -8.99 -6.20
CA ALA A 199 -24.49 -10.32 -6.37
C ALA A 199 -25.33 -11.40 -5.68
N GLU A 200 -25.90 -11.11 -4.50
CA GLU A 200 -26.65 -12.16 -3.82
C GLU A 200 -27.98 -12.44 -4.49
N ASP A 201 -28.47 -11.50 -5.30
CA ASP A 201 -29.74 -11.62 -6.01
C ASP A 201 -29.58 -12.19 -7.40
N THR A 202 -28.36 -12.54 -7.76
CA THR A 202 -28.03 -13.22 -8.98
C THR A 202 -27.25 -14.48 -8.56
N THR A 203 -26.60 -15.11 -9.51
CA THR A 203 -25.87 -16.33 -9.21
C THR A 203 -24.40 -16.08 -8.90
N ILE A 204 -24.02 -14.84 -8.62
CA ILE A 204 -22.63 -14.55 -8.31
C ILE A 204 -22.28 -15.08 -6.92
N PHE A 205 -23.02 -14.63 -5.91
CA PHE A 205 -23.11 -15.35 -4.64
C PHE A 205 -24.29 -16.31 -4.71
N GLU A 206 -24.23 -17.36 -3.89
CA GLU A 206 -25.44 -18.13 -3.59
C GLU A 206 -26.53 -17.18 -3.15
N LYS A 207 -27.77 -17.49 -3.53
CA LYS A 207 -28.90 -16.60 -3.30
C LYS A 207 -28.93 -16.11 -1.86
N SER A 208 -28.90 -14.80 -1.71
CA SER A 208 -29.06 -14.12 -0.42
C SER A 208 -27.91 -14.38 0.55
N LEU A 209 -26.74 -14.78 0.06
CA LEU A 209 -25.67 -15.17 0.97
C LEU A 209 -25.21 -13.97 1.80
N PHE A 210 -25.10 -12.80 1.18
CA PHE A 210 -24.75 -11.59 1.91
C PHE A 210 -25.77 -11.30 2.99
N GLN A 211 -27.06 -11.32 2.63
CA GLN A 211 -28.09 -11.00 3.62
C GLN A 211 -28.09 -12.01 4.75
N GLU A 212 -28.00 -13.30 4.43
CA GLU A 212 -28.03 -14.32 5.47
C GLU A 212 -26.86 -14.15 6.42
N TYR A 213 -25.67 -13.84 5.89
CA TYR A 213 -24.51 -13.68 6.76
C TYR A 213 -24.75 -12.56 7.75
N ILE A 214 -25.13 -11.38 7.25
CA ILE A 214 -25.45 -10.26 8.11
C ILE A 214 -26.50 -10.65 9.15
N GLU A 215 -27.55 -11.36 8.73
CA GLU A 215 -28.61 -11.70 9.67
C GLU A 215 -28.18 -12.74 10.70
N THR A 216 -27.17 -13.55 10.44
CA THR A 216 -26.84 -14.65 11.34
C THR A 216 -25.52 -14.47 12.07
N LYS A 217 -24.53 -13.84 11.44
CA LYS A 217 -23.21 -13.70 12.04
C LYS A 217 -22.95 -12.29 12.55
N THR A 218 -23.95 -11.42 12.57
CA THR A 218 -23.77 -10.02 12.92
C THR A 218 -24.76 -9.60 13.98
N LEU A 219 -24.28 -8.84 14.96
CA LEU A 219 -25.07 -8.47 16.13
C LEU A 219 -26.17 -7.47 15.76
N GLU A 220 -27.29 -7.55 16.49
CA GLU A 220 -28.45 -6.74 16.16
C GLU A 220 -28.19 -5.25 16.37
N ASP A 221 -27.32 -4.89 17.33
CA ASP A 221 -27.02 -3.49 17.59
C ASP A 221 -26.05 -2.89 16.57
N GLY A 222 -25.58 -3.66 15.60
CA GLY A 222 -24.70 -3.14 14.57
C GLY A 222 -23.29 -2.86 15.01
N SER A 223 -22.93 -3.24 16.24
CA SER A 223 -21.62 -2.87 16.78
C SER A 223 -20.48 -3.57 16.04
N ASP A 224 -20.67 -4.84 15.67
CA ASP A 224 -19.64 -5.64 15.03
C ASP A 224 -19.75 -5.70 13.51
N LEU A 225 -20.74 -5.04 12.90
CA LEU A 225 -20.99 -5.26 11.48
C LEU A 225 -19.80 -4.85 10.62
N ALA A 226 -19.13 -3.75 10.97
CA ALA A 226 -18.10 -3.25 10.08
C ALA A 226 -16.85 -4.10 10.12
N HIS A 227 -16.62 -4.85 11.22
CA HIS A 227 -15.50 -5.77 11.24
C HIS A 227 -15.70 -6.88 10.23
N HIS A 228 -16.88 -7.52 10.29
CA HIS A 228 -17.19 -8.63 9.39
C HIS A 228 -17.20 -8.17 7.94
N ILE A 229 -17.72 -6.97 7.67
CA ILE A 229 -17.68 -6.52 6.28
C ILE A 229 -16.23 -6.35 5.82
N ASN A 230 -15.36 -5.85 6.69
CA ASN A 230 -13.95 -5.66 6.34
C ASN A 230 -13.31 -6.97 5.95
N THR A 231 -13.57 -8.04 6.71
CA THR A 231 -13.04 -9.36 6.33
C THR A 231 -13.70 -9.88 5.06
N LEU A 232 -15.00 -9.61 4.90
CA LEU A 232 -15.66 -9.98 3.65
C LEU A 232 -14.94 -9.33 2.48
N PHE A 233 -14.68 -8.02 2.57
CA PHE A 233 -13.96 -7.35 1.50
C PHE A 233 -12.60 -7.98 1.26
N TYR A 234 -11.96 -8.52 2.30
CA TYR A 234 -10.68 -9.16 2.06
C TYR A 234 -10.87 -10.52 1.38
N VAL A 235 -11.87 -11.30 1.82
CA VAL A 235 -12.10 -12.61 1.19
C VAL A 235 -12.38 -12.45 -0.29
N LEU A 236 -13.36 -11.60 -0.65
CA LEU A 236 -13.71 -11.38 -2.05
C LEU A 236 -12.52 -10.97 -2.93
N ASN A 237 -11.36 -10.66 -2.34
CA ASN A 237 -10.13 -10.39 -3.09
C ASN A 237 -9.12 -11.52 -3.01
N THR A 238 -9.42 -12.59 -2.25
CA THR A 238 -8.49 -13.66 -1.99
C THR A 238 -8.90 -14.89 -2.78
N PRO A 239 -8.10 -15.34 -3.76
CA PRO A 239 -8.41 -16.59 -4.43
C PRO A 239 -8.52 -17.74 -3.44
N GLU A 240 -9.26 -18.77 -3.83
CA GLU A 240 -9.57 -19.85 -2.90
C GLU A 240 -8.31 -20.59 -2.45
N GLN A 241 -7.26 -20.56 -3.28
CA GLN A 241 -6.02 -21.24 -2.91
C GLN A 241 -5.26 -20.54 -1.79
N LYS A 242 -5.55 -19.26 -1.53
CA LYS A 242 -4.81 -18.49 -0.53
C LYS A 242 -5.64 -18.17 0.71
N ARG A 243 -6.83 -18.77 0.84
CA ARG A 243 -7.62 -18.60 2.04
C ARG A 243 -7.15 -19.54 3.13
N LEU A 244 -7.13 -19.05 4.37
CA LEU A 244 -6.76 -19.88 5.51
C LEU A 244 -7.57 -21.17 5.51
N LYS A 245 -6.89 -22.29 5.74
CA LYS A 245 -7.58 -23.58 5.76
C LYS A 245 -8.70 -23.63 6.78
N ASN A 246 -8.70 -22.77 7.80
CA ASN A 246 -9.73 -22.83 8.83
C ASN A 246 -10.74 -21.71 8.70
N LEU A 247 -10.73 -21.00 7.57
CA LEU A 247 -11.62 -19.86 7.38
C LEU A 247 -13.07 -20.24 7.65
N ASP A 248 -13.78 -19.32 8.31
CA ASP A 248 -15.20 -19.51 8.65
C ASP A 248 -15.97 -20.04 7.46
N GLU A 249 -16.72 -21.13 7.67
CA GLU A 249 -17.44 -21.74 6.56
C GLU A 249 -18.33 -20.74 5.87
N HIS A 250 -19.05 -19.92 6.65
CA HIS A 250 -19.97 -18.97 6.06
C HIS A 250 -19.22 -17.95 5.19
N LEU A 251 -18.03 -17.51 5.64
CA LEU A 251 -17.25 -16.58 4.82
C LEU A 251 -16.66 -17.30 3.61
N ALA A 252 -16.23 -18.55 3.78
CA ALA A 252 -15.65 -19.30 2.67
C ALA A 252 -16.65 -19.54 1.54
N ALA A 253 -17.94 -19.33 1.76
CA ALA A 253 -18.90 -19.52 0.67
C ALA A 253 -18.86 -18.40 -0.35
N PHE A 254 -18.17 -17.35 -0.11
CA PHE A 254 -18.20 -16.24 -1.05
C PHE A 254 -17.11 -16.41 -2.09
N PRO A 255 -17.42 -16.14 -3.36
CA PRO A 255 -16.43 -16.39 -4.42
C PRO A 255 -15.33 -15.35 -4.39
N TYR A 256 -14.23 -15.67 -5.06
CA TYR A 256 -13.20 -14.69 -5.37
C TYR A 256 -13.67 -13.78 -6.51
N ILE A 257 -13.56 -12.45 -6.29
CA ILE A 257 -14.07 -11.47 -7.25
C ILE A 257 -12.93 -10.63 -7.87
N ASN A 258 -12.08 -10.05 -7.04
CA ASN A 258 -10.82 -9.35 -7.43
C ASN A 258 -11.17 -8.12 -8.25
N GLY A 259 -10.42 -7.86 -9.34
CA GLY A 259 -10.70 -6.66 -10.09
C GLY A 259 -10.30 -5.40 -9.32
N LYS A 260 -10.08 -4.28 -10.03
CA LYS A 260 -9.86 -2.98 -9.38
C LYS A 260 -10.85 -2.67 -8.27
N LEU A 261 -11.98 -3.37 -8.23
CA LEU A 261 -13.03 -3.07 -7.27
C LEU A 261 -12.68 -3.56 -5.88
N PHE A 262 -11.88 -4.61 -5.72
CA PHE A 262 -11.66 -5.16 -4.39
C PHE A 262 -10.19 -5.14 -3.95
N GLU A 263 -9.32 -4.49 -4.70
CA GLU A 263 -7.90 -4.63 -4.48
C GLU A 263 -7.42 -3.79 -3.30
N GLU A 264 -8.08 -2.66 -3.02
CA GLU A 264 -7.54 -1.75 -2.03
C GLU A 264 -8.08 -2.08 -0.65
N PRO A 265 -7.24 -2.28 0.35
CA PRO A 265 -7.74 -2.39 1.72
C PRO A 265 -8.31 -1.04 2.17
N LEU A 266 -9.36 -1.10 2.98
CA LEU A 266 -10.08 0.10 3.37
C LEU A 266 -10.16 0.14 4.89
N PRO A 267 -10.09 1.32 5.48
CA PRO A 267 -10.33 1.44 6.92
C PRO A 267 -11.69 0.86 7.25
N PRO A 268 -11.83 0.20 8.39
CA PRO A 268 -13.16 -0.29 8.81
C PRO A 268 -14.05 0.85 9.27
N ALA A 269 -15.34 0.72 8.98
CA ALA A 269 -16.33 1.73 9.32
C ALA A 269 -16.93 1.40 10.68
N GLN A 270 -18.12 1.95 10.97
CA GLN A 270 -18.82 1.64 12.20
C GLN A 270 -20.31 1.83 11.97
N PHE A 271 -21.11 0.86 12.42
CA PHE A 271 -22.54 0.85 12.19
C PHE A 271 -23.27 0.89 13.53
N ASP A 272 -24.55 1.25 13.49
CA ASP A 272 -25.40 1.00 14.64
C ASP A 272 -26.66 0.24 14.22
N LYS A 273 -27.66 0.18 15.08
CA LYS A 273 -28.87 -0.59 14.81
C LYS A 273 -29.54 -0.11 13.52
N ALA A 274 -29.75 1.20 13.38
CA ALA A 274 -30.54 1.70 12.26
C ALA A 274 -29.78 1.57 10.94
N MET A 275 -28.46 1.77 10.96
CA MET A 275 -27.67 1.60 9.74
C MET A 275 -27.61 0.13 9.34
N ARG A 276 -27.64 -0.77 10.32
CA ARG A 276 -27.69 -2.19 9.97
C ARG A 276 -29.04 -2.53 9.35
N GLU A 277 -30.12 -1.98 9.90
CA GLU A 277 -31.44 -2.29 9.37
C GLU A 277 -31.60 -1.71 7.98
N ALA A 278 -31.13 -0.48 7.78
CA ALA A 278 -31.15 0.11 6.43
C ALA A 278 -30.45 -0.77 5.41
N LEU A 279 -29.31 -1.38 5.79
CA LEU A 279 -28.59 -2.25 4.87
C LEU A 279 -29.29 -3.59 4.70
N LEU A 280 -29.87 -4.15 5.77
CA LEU A 280 -30.70 -5.34 5.60
C LEU A 280 -31.95 -4.99 4.80
N ASP A 281 -32.48 -3.79 5.00
CA ASP A 281 -33.58 -3.29 4.19
C ASP A 281 -33.25 -3.35 2.70
N LEU A 282 -32.07 -2.84 2.33
CA LEU A 282 -31.67 -2.90 0.93
C LEU A 282 -31.52 -4.35 0.47
N CYS A 283 -31.02 -5.23 1.34
CA CYS A 283 -30.83 -6.62 0.94
C CYS A 283 -32.14 -7.27 0.56
N SER A 284 -33.22 -6.95 1.28
CA SER A 284 -34.45 -7.68 1.06
C SER A 284 -35.08 -7.36 -0.30
N LEU A 285 -34.64 -6.31 -0.99
CA LEU A 285 -35.12 -6.05 -2.35
C LEU A 285 -34.35 -6.90 -3.36
N ASP A 286 -34.85 -6.94 -4.59
CA ASP A 286 -34.22 -7.67 -5.67
C ASP A 286 -33.46 -6.67 -6.54
N TRP A 287 -32.14 -6.75 -6.53
CA TRP A 287 -31.30 -5.85 -7.31
C TRP A 287 -31.08 -6.35 -8.72
N SER A 288 -31.75 -7.44 -9.08
CA SER A 288 -31.44 -8.15 -10.31
C SER A 288 -31.60 -7.27 -11.55
N ARG A 289 -32.66 -6.45 -11.59
CA ARG A 289 -32.96 -5.63 -12.76
C ARG A 289 -32.65 -4.18 -12.43
N ILE A 290 -31.36 -3.90 -12.28
CA ILE A 290 -30.89 -2.55 -11.96
C ILE A 290 -30.58 -1.83 -13.27
N SER A 291 -31.00 -0.58 -13.36
CA SER A 291 -30.98 0.11 -14.63
C SER A 291 -30.45 1.54 -14.49
N PRO A 292 -30.11 2.20 -15.61
CA PRO A 292 -29.73 3.62 -15.57
C PRO A 292 -30.49 4.47 -14.57
N ALA A 293 -31.82 4.35 -14.56
CA ALA A 293 -32.63 5.12 -13.61
C ALA A 293 -32.13 4.89 -12.18
N ILE A 294 -31.81 3.64 -11.83
CA ILE A 294 -31.26 3.39 -10.50
C ILE A 294 -29.90 4.07 -10.36
N PHE A 295 -29.00 3.84 -11.30
CA PHE A 295 -27.66 4.41 -11.18
C PHE A 295 -27.70 5.92 -11.11
N GLY A 296 -28.64 6.54 -11.81
CA GLY A 296 -28.73 7.99 -11.86
C GLY A 296 -29.35 8.57 -10.61
N SER A 297 -30.38 7.90 -10.07
CA SER A 297 -31.03 8.38 -8.87
C SER A 297 -30.09 8.30 -7.67
N LEU A 298 -29.30 7.23 -7.60
CA LEU A 298 -28.31 7.09 -6.55
C LEU A 298 -27.27 8.21 -6.61
N PHE A 299 -26.64 8.34 -7.78
CA PHE A 299 -25.74 9.46 -8.06
C PHE A 299 -26.35 10.78 -7.61
N GLN A 300 -27.62 11.03 -7.94
CA GLN A 300 -28.22 12.33 -7.65
C GLN A 300 -28.54 12.51 -6.17
N SER A 301 -28.82 11.45 -5.45
CA SER A 301 -29.38 11.55 -4.11
C SER A 301 -28.35 11.91 -3.04
N ILE A 302 -27.08 11.95 -3.38
CA ILE A 302 -26.06 12.30 -2.40
C ILE A 302 -25.62 13.75 -2.57
N MET A 303 -26.39 14.57 -3.27
CA MET A 303 -25.88 15.90 -3.61
C MET A 303 -26.80 17.01 -3.10
N ASP A 304 -26.19 18.07 -2.58
CA ASP A 304 -26.94 19.26 -2.19
C ASP A 304 -27.57 19.88 -3.43
N ALA A 305 -28.70 20.56 -3.23
CA ALA A 305 -29.38 21.18 -4.36
C ALA A 305 -28.47 22.15 -5.10
N LYS A 306 -27.72 22.97 -4.35
CA LYS A 306 -26.81 23.92 -4.97
C LYS A 306 -25.70 23.20 -5.74
N LYS A 307 -25.17 22.12 -5.18
CA LYS A 307 -24.19 21.30 -5.88
C LYS A 307 -24.78 20.68 -7.14
N ARG A 308 -25.86 19.91 -6.99
CA ARG A 308 -26.54 19.30 -8.14
C ARG A 308 -26.69 20.30 -9.27
N ARG A 309 -27.10 21.51 -8.96
CA ARG A 309 -27.31 22.48 -10.03
C ARG A 309 -25.99 22.86 -10.68
N ASN A 310 -24.97 23.14 -9.86
CA ASN A 310 -23.74 23.75 -10.34
C ASN A 310 -22.80 22.76 -11.05
N LEU A 311 -22.77 21.51 -10.65
CA LEU A 311 -22.04 20.55 -11.46
C LEU A 311 -22.87 20.03 -12.62
N GLY A 312 -24.10 20.52 -12.78
CA GLY A 312 -25.01 19.91 -13.73
C GLY A 312 -25.23 18.43 -13.51
N ALA A 313 -25.39 18.00 -12.25
CA ALA A 313 -25.43 16.56 -11.94
C ALA A 313 -26.82 15.95 -12.18
N HIS A 314 -27.19 15.85 -13.45
CA HIS A 314 -28.50 15.38 -13.83
C HIS A 314 -28.34 14.19 -14.75
N TYR A 315 -28.83 13.03 -14.30
CA TYR A 315 -28.60 11.81 -15.06
C TYR A 315 -29.48 11.81 -16.30
N THR A 316 -28.99 11.13 -17.34
CA THR A 316 -29.64 11.12 -18.66
C THR A 316 -30.48 9.87 -18.82
N SER A 317 -31.75 10.05 -19.18
CA SER A 317 -32.70 8.96 -19.36
C SER A 317 -32.19 7.94 -20.36
N GLU A 318 -32.59 6.69 -20.16
CA GLU A 318 -32.49 5.70 -21.24
C GLU A 318 -33.00 6.29 -22.56
N ALA A 319 -34.13 6.98 -22.54
CA ALA A 319 -34.72 7.42 -23.81
C ALA A 319 -33.85 8.46 -24.49
N ASN A 320 -33.23 9.36 -23.71
CA ASN A 320 -32.49 10.46 -24.32
C ASN A 320 -31.13 10.01 -24.85
N ILE A 321 -30.50 9.03 -24.18
CA ILE A 321 -29.30 8.38 -24.71
C ILE A 321 -29.61 7.62 -26.01
N LEU A 322 -30.76 6.94 -26.07
CA LEU A 322 -31.09 6.21 -27.30
C LEU A 322 -31.30 7.17 -28.48
N LYS A 323 -31.89 8.36 -28.26
CA LYS A 323 -31.98 9.30 -29.38
C LYS A 323 -30.61 9.77 -29.82
N LEU A 324 -29.60 9.64 -28.96
CA LEU A 324 -28.26 10.10 -29.31
C LEU A 324 -27.40 8.99 -29.92
N ILE A 325 -27.43 7.77 -29.35
CA ILE A 325 -26.57 6.73 -29.90
C ILE A 325 -27.17 6.03 -31.13
N LYS A 326 -28.49 6.10 -31.37
CA LYS A 326 -29.01 5.43 -32.56
C LYS A 326 -28.47 6.08 -33.83
N PRO A 327 -28.59 7.39 -34.03
CA PRO A 327 -27.93 8.01 -35.20
C PRO A 327 -26.41 7.99 -35.12
N LEU A 328 -25.81 8.06 -33.93
CA LEU A 328 -24.36 8.17 -33.88
C LEU A 328 -23.70 6.91 -34.43
N PHE A 329 -24.12 5.73 -33.98
CA PHE A 329 -23.53 4.51 -34.53
C PHE A 329 -24.50 3.36 -34.61
N LEU A 330 -25.44 3.26 -33.65
CA LEU A 330 -26.12 1.99 -33.39
C LEU A 330 -26.96 1.56 -34.58
N ASP A 331 -27.83 2.44 -35.08
CA ASP A 331 -28.64 2.06 -36.22
C ASP A 331 -27.78 1.55 -37.38
N GLU A 332 -26.66 2.22 -37.67
CA GLU A 332 -25.86 1.75 -38.80
C GLU A 332 -25.29 0.37 -38.52
N LEU A 333 -25.00 0.06 -37.25
CA LEU A 333 -24.53 -1.27 -36.90
C LEU A 333 -25.59 -2.34 -37.11
N TRP A 334 -26.88 -1.99 -37.03
CA TRP A 334 -27.90 -2.99 -37.29
C TRP A 334 -28.16 -3.16 -38.79
N VAL A 335 -28.12 -2.07 -39.56
CA VAL A 335 -28.19 -2.24 -41.00
C VAL A 335 -27.04 -3.10 -41.47
N GLU A 336 -25.81 -2.78 -41.04
CA GLU A 336 -24.67 -3.58 -41.47
C GLU A 336 -24.83 -5.03 -41.04
N PHE A 337 -25.32 -5.27 -39.83
CA PHE A 337 -25.55 -6.63 -39.37
C PHE A 337 -26.51 -7.36 -40.31
N GLU A 338 -27.65 -6.77 -40.61
CA GLU A 338 -28.62 -7.45 -41.46
C GLU A 338 -28.08 -7.69 -42.87
N LYS A 339 -27.09 -6.94 -43.33
CA LYS A 339 -26.60 -7.15 -44.69
C LYS A 339 -25.56 -8.27 -44.80
N VAL A 340 -24.86 -8.59 -43.71
CA VAL A 340 -23.80 -9.57 -43.73
C VAL A 340 -24.10 -10.79 -42.87
N LYS A 341 -25.24 -10.80 -42.19
CA LYS A 341 -25.61 -11.87 -41.25
C LYS A 341 -25.60 -13.27 -41.86
N ASN A 342 -25.75 -13.41 -43.19
CA ASN A 342 -25.85 -14.71 -43.84
C ASN A 342 -24.54 -15.17 -44.48
N ASN A 343 -23.48 -14.40 -44.31
CA ASN A 343 -22.14 -14.69 -44.82
C ASN A 343 -21.24 -14.88 -43.61
N LYS A 344 -20.88 -16.12 -43.31
CA LYS A 344 -20.03 -16.43 -42.16
C LYS A 344 -18.77 -15.60 -42.16
N ASN A 345 -18.15 -15.44 -43.33
CA ASN A 345 -16.92 -14.66 -43.47
C ASN A 345 -17.15 -13.20 -43.03
N LYS A 346 -18.04 -12.49 -43.73
CA LYS A 346 -18.26 -11.09 -43.45
C LYS A 346 -18.79 -10.86 -42.03
N LEU A 347 -19.50 -11.85 -41.49
CA LEU A 347 -19.96 -11.77 -40.12
C LEU A 347 -18.78 -11.85 -39.15
N LEU A 348 -17.77 -12.66 -39.47
CA LEU A 348 -16.58 -12.73 -38.64
C LEU A 348 -15.85 -11.39 -38.61
N ALA A 349 -15.66 -10.78 -39.78
CA ALA A 349 -15.04 -9.46 -39.83
C ALA A 349 -15.89 -8.45 -39.07
N PHE A 350 -17.22 -8.59 -39.14
CA PHE A 350 -18.12 -7.70 -38.41
C PHE A 350 -17.95 -7.85 -36.90
N HIS A 351 -17.72 -9.07 -36.41
CA HIS A 351 -17.48 -9.22 -34.98
C HIS A 351 -16.21 -8.50 -34.56
N LYS A 352 -15.11 -8.76 -35.26
CA LYS A 352 -13.84 -8.11 -34.92
C LYS A 352 -13.98 -6.60 -34.97
N LYS A 353 -14.79 -6.09 -35.90
CA LYS A 353 -15.06 -4.66 -35.92
C LYS A 353 -15.80 -4.20 -34.66
N LEU A 354 -16.75 -5.00 -34.18
CA LEU A 354 -17.44 -4.64 -32.94
C LEU A 354 -16.48 -4.66 -31.76
N ARG A 355 -15.58 -5.64 -31.69
CA ARG A 355 -14.66 -5.74 -30.57
C ARG A 355 -13.72 -4.54 -30.48
N GLY A 356 -13.38 -3.94 -31.62
CA GLY A 356 -12.41 -2.85 -31.65
C GLY A 356 -12.98 -1.46 -31.50
N LEU A 357 -14.28 -1.31 -31.22
CA LEU A 357 -14.93 -0.01 -31.08
C LEU A 357 -14.74 0.52 -29.67
N THR A 358 -14.37 1.79 -29.54
CA THR A 358 -14.18 2.41 -28.23
C THR A 358 -15.13 3.59 -28.05
N PHE A 359 -15.65 3.75 -26.84
CA PHE A 359 -16.61 4.80 -26.52
C PHE A 359 -16.08 5.68 -25.39
N PHE A 360 -16.24 7.00 -25.56
CA PHE A 360 -15.55 7.98 -24.72
C PHE A 360 -16.53 9.09 -24.31
N ASP A 361 -16.92 9.11 -23.03
CA ASP A 361 -17.84 10.11 -22.48
C ASP A 361 -17.09 11.09 -21.56
N PRO A 362 -16.74 12.30 -22.07
CA PRO A 362 -15.84 13.20 -21.32
C PRO A 362 -16.54 14.03 -20.25
N ALA A 363 -17.61 13.49 -19.68
CA ALA A 363 -18.37 14.10 -18.59
C ALA A 363 -19.40 13.07 -18.13
N CYS A 364 -18.94 11.84 -17.90
CA CYS A 364 -19.80 10.67 -18.00
C CYS A 364 -20.79 10.52 -16.85
N GLY A 365 -20.68 11.30 -15.78
CA GLY A 365 -21.63 11.12 -14.68
C GLY A 365 -21.52 9.73 -14.08
N CYS A 366 -22.66 9.09 -13.83
CA CYS A 366 -22.68 7.73 -13.30
C CYS A 366 -22.55 6.68 -14.39
N GLY A 367 -22.25 7.08 -15.62
CA GLY A 367 -21.89 6.13 -16.67
C GLY A 367 -23.01 5.65 -17.56
N ASN A 368 -24.17 6.32 -17.56
CA ASN A 368 -25.33 5.77 -18.25
C ASN A 368 -25.09 5.62 -19.75
N PHE A 369 -24.57 6.67 -20.41
CA PHE A 369 -24.20 6.55 -21.82
C PHE A 369 -23.33 5.32 -22.06
N LEU A 370 -22.34 5.07 -21.19
CA LEU A 370 -21.52 3.89 -21.38
C LEU A 370 -22.28 2.60 -21.10
N VAL A 371 -23.24 2.63 -20.16
CA VAL A 371 -23.94 1.40 -19.80
C VAL A 371 -24.94 1.03 -20.88
N ILE A 372 -25.81 1.98 -21.28
CA ILE A 372 -26.73 1.73 -22.38
C ILE A 372 -25.98 1.27 -23.63
N THR A 373 -24.86 1.94 -23.96
CA THR A 373 -24.14 1.55 -25.17
C THR A 373 -23.64 0.13 -25.09
N TYR A 374 -23.01 -0.21 -23.97
CA TYR A 374 -22.48 -1.56 -23.81
C TYR A 374 -23.60 -2.59 -23.83
N ARG A 375 -24.80 -2.23 -23.37
CA ARG A 375 -25.87 -3.21 -23.37
C ARG A 375 -26.40 -3.45 -24.78
N GLU A 376 -26.57 -2.38 -25.56
CA GLU A 376 -26.94 -2.53 -26.96
C GLU A 376 -25.90 -3.35 -27.73
N LEU A 377 -24.63 -3.11 -27.46
CA LEU A 377 -23.61 -3.90 -28.12
C LEU A 377 -23.71 -5.35 -27.72
N ARG A 378 -23.92 -5.62 -26.44
CA ARG A 378 -24.08 -7.01 -26.05
C ARG A 378 -25.29 -7.63 -26.75
N LEU A 379 -26.42 -6.93 -26.77
CA LEU A 379 -27.61 -7.47 -27.44
C LEU A 379 -27.33 -7.75 -28.91
N LEU A 380 -26.71 -6.79 -29.61
CA LEU A 380 -26.32 -7.03 -30.98
C LEU A 380 -25.43 -8.27 -31.09
N GLU A 381 -24.38 -8.32 -30.25
CA GLU A 381 -23.44 -9.45 -30.24
C GLU A 381 -24.10 -10.79 -29.96
N ILE A 382 -25.30 -10.83 -29.35
CA ILE A 382 -26.01 -12.11 -29.22
C ILE A 382 -26.46 -12.61 -30.60
N GLU A 383 -27.10 -11.74 -31.37
CA GLU A 383 -27.54 -12.12 -32.70
C GLU A 383 -26.36 -12.46 -33.60
N VAL A 384 -25.19 -11.83 -33.36
CA VAL A 384 -24.01 -12.18 -34.16
C VAL A 384 -23.59 -13.62 -33.87
N LEU A 385 -23.49 -13.97 -32.59
CA LEU A 385 -23.17 -15.36 -32.24
C LEU A 385 -24.28 -16.31 -32.68
N ARG A 386 -25.55 -15.86 -32.71
CA ARG A 386 -26.61 -16.69 -33.28
C ARG A 386 -26.32 -16.97 -34.74
N GLY A 387 -25.92 -15.94 -35.47
CA GLY A 387 -25.49 -16.07 -36.85
C GLY A 387 -24.35 -17.06 -37.02
N LEU A 388 -23.21 -16.75 -36.39
CA LEU A 388 -21.99 -17.52 -36.60
C LEU A 388 -22.13 -19.01 -36.28
N HIS A 389 -23.11 -19.40 -35.44
CA HIS A 389 -23.17 -20.75 -34.88
C HIS A 389 -23.14 -21.83 -35.96
N ARG A 390 -22.00 -22.51 -36.07
CA ARG A 390 -21.75 -23.56 -37.06
C ARG A 390 -21.86 -24.96 -36.46
N GLY A 391 -22.34 -25.07 -35.22
CA GLY A 391 -22.56 -26.34 -34.57
C GLY A 391 -24.00 -26.78 -34.53
N GLY A 392 -24.87 -26.12 -35.30
CA GLY A 392 -26.25 -26.55 -35.49
C GLY A 392 -27.06 -26.72 -34.23
N GLN A 393 -27.12 -27.95 -33.72
CA GLN A 393 -27.96 -28.29 -32.59
C GLN A 393 -27.14 -28.56 -31.33
N GLN A 394 -25.84 -28.31 -31.38
CA GLN A 394 -25.02 -28.31 -30.18
C GLN A 394 -25.13 -26.96 -29.45
N VAL A 395 -24.78 -26.99 -28.17
CA VAL A 395 -24.83 -25.78 -27.35
C VAL A 395 -23.73 -24.84 -27.83
N LEU A 396 -24.10 -23.59 -28.07
CA LEU A 396 -23.11 -22.61 -28.51
C LEU A 396 -22.12 -22.32 -27.38
N ASP A 397 -20.83 -22.29 -27.73
CA ASP A 397 -19.77 -22.17 -26.73
C ASP A 397 -19.41 -20.70 -26.56
N ILE A 398 -19.96 -20.11 -25.49
CA ILE A 398 -19.91 -18.67 -25.33
C ILE A 398 -18.49 -18.21 -24.99
N GLU A 399 -17.84 -18.85 -23.99
CA GLU A 399 -16.59 -18.29 -23.47
C GLU A 399 -15.58 -18.05 -24.57
N HIS A 400 -15.50 -18.95 -25.55
CA HIS A 400 -14.53 -18.80 -26.63
C HIS A 400 -15.08 -18.03 -27.82
N LEU A 401 -16.38 -17.79 -27.87
CA LEU A 401 -16.95 -17.00 -28.95
C LEU A 401 -17.06 -15.52 -28.57
N ILE A 402 -17.57 -15.23 -27.37
CA ILE A 402 -17.80 -13.84 -26.94
C ILE A 402 -16.52 -13.02 -27.01
N GLN A 403 -16.69 -11.71 -27.18
CA GLN A 403 -15.55 -10.80 -27.28
C GLN A 403 -15.76 -9.46 -26.56
N ILE A 404 -16.89 -8.81 -26.85
CA ILE A 404 -17.17 -7.47 -26.35
C ILE A 404 -17.06 -7.41 -24.82
N ASN A 405 -16.52 -6.30 -24.31
CA ASN A 405 -16.23 -6.23 -22.89
C ASN A 405 -16.02 -4.76 -22.48
N VAL A 406 -16.04 -4.55 -21.16
CA VAL A 406 -15.98 -3.21 -20.58
C VAL A 406 -14.69 -2.49 -20.90
N ASP A 407 -13.62 -3.20 -21.22
CA ASP A 407 -12.40 -2.44 -21.56
C ASP A 407 -12.57 -1.61 -22.81
N GLN A 408 -13.74 -1.50 -23.41
CA GLN A 408 -13.94 -0.65 -24.57
C GLN A 408 -14.54 0.70 -24.20
N PHE A 409 -14.74 0.98 -22.91
CA PHE A 409 -15.44 2.18 -22.49
C PHE A 409 -14.57 3.06 -21.59
N PHE A 410 -14.61 4.36 -21.87
CA PHE A 410 -13.70 5.36 -21.36
C PHE A 410 -14.51 6.57 -20.92
N GLY A 411 -14.16 7.17 -19.78
CA GLY A 411 -14.94 8.29 -19.29
C GLY A 411 -14.16 9.17 -18.34
N ILE A 412 -14.53 10.45 -18.30
CA ILE A 412 -13.99 11.44 -17.36
C ILE A 412 -15.13 11.99 -16.50
N GLU A 413 -14.91 12.08 -15.19
CA GLU A 413 -15.95 12.49 -14.25
C GLU A 413 -15.30 13.14 -13.02
N ILE A 414 -15.78 14.33 -12.65
CA ILE A 414 -15.06 15.12 -11.67
C ILE A 414 -15.40 14.72 -10.24
N GLU A 415 -16.58 14.17 -9.98
CA GLU A 415 -16.94 13.70 -8.65
C GLU A 415 -16.61 12.22 -8.53
N GLU A 416 -15.99 11.83 -7.41
CA GLU A 416 -15.53 10.44 -7.36
C GLU A 416 -16.69 9.46 -7.28
N PHE A 417 -17.79 9.84 -6.63
CA PHE A 417 -18.83 8.84 -6.42
C PHE A 417 -19.45 8.40 -7.74
N PRO A 418 -19.93 9.30 -8.62
CA PRO A 418 -20.37 8.84 -9.94
C PRO A 418 -19.25 8.16 -10.72
N ALA A 419 -18.01 8.58 -10.54
CA ALA A 419 -16.91 7.93 -11.25
C ALA A 419 -16.72 6.51 -10.76
N GLN A 420 -17.04 6.23 -9.49
CA GLN A 420 -17.01 4.86 -9.00
C GLN A 420 -18.25 4.07 -9.43
N ILE A 421 -19.44 4.71 -9.44
CA ILE A 421 -20.64 4.00 -9.91
C ILE A 421 -20.45 3.57 -11.36
N ALA A 422 -20.02 4.50 -12.22
CA ALA A 422 -19.81 4.18 -13.63
C ALA A 422 -19.05 2.88 -13.79
N GLN A 423 -17.98 2.71 -13.00
CA GLN A 423 -17.19 1.48 -13.10
C GLN A 423 -18.05 0.28 -12.72
N VAL A 424 -18.67 0.30 -11.53
CA VAL A 424 -19.48 -0.84 -11.12
C VAL A 424 -20.70 -0.99 -12.03
N ALA A 425 -21.23 0.13 -12.51
CA ALA A 425 -22.36 0.05 -13.42
C ALA A 425 -22.03 -0.81 -14.64
N LEU A 426 -20.80 -0.67 -15.16
CA LEU A 426 -20.42 -1.46 -16.33
C LEU A 426 -20.27 -2.93 -15.99
N TRP A 427 -19.81 -3.27 -14.79
CA TRP A 427 -19.67 -4.70 -14.48
C TRP A 427 -21.02 -5.36 -14.21
N LEU A 428 -21.92 -4.66 -13.52
CA LEU A 428 -23.27 -5.21 -13.31
C LEU A 428 -23.99 -5.41 -14.64
N THR A 429 -23.87 -4.44 -15.55
CA THR A 429 -24.47 -4.63 -16.86
C THR A 429 -23.82 -5.81 -17.57
N ASP A 430 -22.49 -5.91 -17.50
CA ASP A 430 -21.81 -7.10 -18.01
C ASP A 430 -22.47 -8.36 -17.49
N HIS A 431 -22.58 -8.49 -16.16
CA HIS A 431 -23.17 -9.73 -15.63
C HIS A 431 -24.62 -9.87 -16.05
N GLN A 432 -25.40 -8.79 -16.04
CA GLN A 432 -26.77 -8.87 -16.50
C GLN A 432 -26.85 -9.44 -17.91
N MET A 433 -25.95 -8.99 -18.80
CA MET A 433 -25.94 -9.51 -20.16
C MET A 433 -25.40 -10.93 -20.22
N ASN A 434 -24.35 -11.24 -19.45
CA ASN A 434 -23.87 -12.63 -19.43
C ASN A 434 -24.99 -13.57 -19.03
N MET A 435 -25.83 -13.16 -18.08
CA MET A 435 -26.97 -13.99 -17.72
C MET A 435 -27.97 -14.08 -18.88
N LYS A 436 -28.15 -12.99 -19.63
CA LYS A 436 -29.10 -13.03 -20.74
C LYS A 436 -28.60 -13.94 -21.87
N ILE A 437 -27.30 -13.91 -22.17
CA ILE A 437 -26.81 -14.82 -23.20
C ILE A 437 -26.81 -16.25 -22.68
N SER A 438 -26.54 -16.45 -21.38
CA SER A 438 -26.65 -17.77 -20.78
C SER A 438 -28.04 -18.35 -20.95
N ASP A 439 -29.06 -17.48 -20.94
CA ASP A 439 -30.43 -17.95 -21.14
C ASP A 439 -30.69 -18.33 -22.59
N GLU A 440 -30.25 -17.50 -23.54
CA GLU A 440 -30.55 -17.76 -24.94
C GLU A 440 -30.03 -19.11 -25.39
N PHE A 441 -28.79 -19.45 -25.00
CA PHE A 441 -28.10 -20.61 -25.52
C PHE A 441 -27.94 -21.70 -24.48
N GLY A 442 -28.70 -21.63 -23.39
CA GLY A 442 -28.58 -22.59 -22.31
C GLY A 442 -27.19 -23.09 -21.95
N ASN A 443 -26.26 -22.21 -21.59
CA ASN A 443 -25.11 -22.66 -20.83
C ASN A 443 -24.57 -21.50 -20.03
N TYR A 444 -24.17 -21.80 -18.78
CA TYR A 444 -23.80 -20.75 -17.85
C TYR A 444 -22.49 -20.11 -18.25
N PHE A 445 -22.48 -18.78 -18.27
CA PHE A 445 -21.27 -18.05 -18.63
C PHE A 445 -21.25 -16.74 -17.86
N ALA A 446 -20.23 -16.57 -17.01
CA ALA A 446 -20.04 -15.35 -16.23
C ALA A 446 -18.59 -14.91 -16.31
N ARG A 447 -18.39 -13.60 -16.18
CA ARG A 447 -17.05 -13.04 -16.14
C ARG A 447 -16.68 -12.67 -14.70
N ILE A 448 -16.60 -13.69 -13.85
CA ILE A 448 -16.12 -13.57 -12.48
C ILE A 448 -14.96 -14.54 -12.30
N PRO A 449 -13.83 -14.11 -11.74
CA PRO A 449 -13.54 -12.78 -11.19
C PRO A 449 -13.39 -11.70 -12.27
N LEU A 450 -13.38 -10.46 -11.79
CA LEU A 450 -13.37 -9.29 -12.65
C LEU A 450 -11.99 -9.12 -13.26
N LYS A 451 -11.81 -9.57 -14.49
CA LYS A 451 -10.51 -9.42 -15.18
C LYS A 451 -10.48 -8.24 -16.14
N SER A 452 -11.62 -7.73 -16.58
CA SER A 452 -11.68 -6.62 -17.52
C SER A 452 -12.11 -5.38 -16.76
N THR A 453 -11.52 -4.24 -17.09
CA THR A 453 -11.93 -3.06 -16.35
C THR A 453 -12.16 -1.87 -17.28
N PRO A 454 -13.23 -1.12 -17.04
CA PRO A 454 -13.42 0.16 -17.73
C PRO A 454 -12.28 1.11 -17.44
N HIS A 455 -12.31 2.24 -18.15
CA HIS A 455 -11.29 3.26 -18.03
C HIS A 455 -11.97 4.60 -17.72
N ILE A 456 -12.57 4.65 -16.54
CA ILE A 456 -13.16 5.88 -16.00
C ILE A 456 -12.10 6.60 -15.17
N LEU A 457 -11.82 7.84 -15.54
CA LEU A 457 -10.91 8.67 -14.79
C LEU A 457 -11.68 9.70 -13.96
N ASN A 458 -11.26 9.91 -12.71
CA ASN A 458 -11.81 10.95 -11.86
C ASN A 458 -10.90 12.16 -12.01
N ALA A 459 -11.34 13.13 -12.81
CA ALA A 459 -10.53 14.29 -13.11
C ALA A 459 -11.44 15.36 -13.68
N ASN A 460 -10.85 16.43 -14.18
CA ASN A 460 -11.59 17.60 -14.66
C ASN A 460 -11.35 17.71 -16.16
N ALA A 461 -12.34 17.25 -16.94
CA ALA A 461 -12.16 17.05 -18.37
C ALA A 461 -11.74 18.32 -19.11
N LEU A 462 -11.89 19.49 -18.50
CA LEU A 462 -11.51 20.72 -19.17
C LEU A 462 -10.05 21.09 -18.93
N GLN A 463 -9.42 20.52 -17.89
CA GLN A 463 -8.05 20.85 -17.51
C GLN A 463 -7.02 19.84 -17.98
N ILE A 464 -7.41 18.67 -18.45
CA ILE A 464 -6.48 17.61 -18.81
C ILE A 464 -6.43 17.42 -20.33
N ASP A 465 -5.47 16.63 -20.78
CA ASP A 465 -5.40 16.19 -22.16
C ASP A 465 -6.16 14.87 -22.29
N TRP A 466 -7.25 14.87 -23.09
CA TRP A 466 -8.04 13.65 -23.23
C TRP A 466 -7.20 12.43 -23.64
N ASN A 467 -6.13 12.65 -24.41
CA ASN A 467 -5.28 11.52 -24.80
C ASN A 467 -4.69 10.75 -23.62
N ASP A 468 -4.69 11.30 -22.41
CA ASP A 468 -4.24 10.48 -21.29
C ASP A 468 -5.27 9.43 -20.89
N VAL A 469 -6.54 9.64 -21.22
CA VAL A 469 -7.58 8.64 -21.00
C VAL A 469 -7.63 7.65 -22.14
N LEU A 470 -7.50 8.15 -23.37
CA LEU A 470 -7.66 7.33 -24.56
C LEU A 470 -6.98 8.05 -25.70
N GLU A 471 -5.98 7.42 -26.31
CA GLU A 471 -5.36 8.01 -27.48
C GLU A 471 -6.38 8.15 -28.61
N ALA A 472 -6.45 9.37 -29.17
CA ALA A 472 -7.40 9.67 -30.24
C ALA A 472 -7.36 8.64 -31.37
N LYS A 473 -6.18 8.19 -31.76
CA LYS A 473 -6.09 7.24 -32.85
C LYS A 473 -6.77 5.92 -32.52
N LYS A 474 -6.93 5.60 -31.23
CA LYS A 474 -7.61 4.38 -30.81
C LYS A 474 -9.06 4.64 -30.40
N CYS A 475 -9.59 5.81 -30.70
CA CYS A 475 -10.92 6.19 -30.26
C CYS A 475 -11.89 6.24 -31.44
N CYS A 476 -13.16 5.94 -31.17
CA CYS A 476 -14.19 5.91 -32.20
C CYS A 476 -15.32 6.91 -31.96
N PHE A 477 -16.02 6.85 -30.84
CA PHE A 477 -17.13 7.76 -30.61
C PHE A 477 -16.92 8.56 -29.32
N ILE A 478 -17.31 9.84 -29.38
CA ILE A 478 -17.35 10.73 -28.24
C ILE A 478 -18.79 11.12 -28.04
N LEU A 479 -19.37 10.72 -26.90
CA LEU A 479 -20.76 11.04 -26.60
C LEU A 479 -20.89 11.39 -25.13
N GLY A 480 -21.90 12.20 -24.82
CA GLY A 480 -22.27 12.39 -23.44
C GLY A 480 -23.12 13.62 -23.26
N ASN A 481 -23.48 13.87 -21.99
CA ASN A 481 -24.37 14.95 -21.59
C ASN A 481 -23.63 15.86 -20.61
N PRO A 482 -22.82 16.78 -21.11
CA PRO A 482 -22.00 17.64 -20.24
C PRO A 482 -22.84 18.67 -19.50
N PRO A 483 -22.31 19.22 -18.39
CA PRO A 483 -23.11 20.10 -17.53
C PRO A 483 -23.44 21.43 -18.17
N PHE A 484 -24.64 21.93 -17.84
CA PHE A 484 -25.16 23.21 -18.33
C PHE A 484 -25.00 24.23 -17.22
N VAL A 485 -24.28 25.30 -17.49
CA VAL A 485 -24.18 26.35 -16.48
C VAL A 485 -24.14 27.68 -17.21
N GLY A 486 -25.06 28.56 -16.87
CA GLY A 486 -25.14 29.83 -17.57
C GLY A 486 -23.94 30.71 -17.29
N LYS A 487 -23.75 31.70 -18.16
CA LYS A 487 -22.57 32.55 -18.08
C LYS A 487 -22.47 33.28 -16.76
N SER A 488 -23.61 33.59 -16.13
CA SER A 488 -23.66 34.36 -14.90
C SER A 488 -24.01 33.49 -13.70
N LYS A 489 -23.85 32.18 -13.82
CA LYS A 489 -24.16 31.27 -12.71
C LYS A 489 -22.98 30.37 -12.37
N GLN A 490 -21.80 30.61 -12.93
CA GLN A 490 -20.69 29.67 -12.83
C GLN A 490 -19.59 30.17 -11.88
N THR A 491 -18.94 29.22 -11.20
CA THR A 491 -18.01 29.53 -10.14
C THR A 491 -16.68 30.02 -10.73
N PRO A 492 -15.87 30.75 -9.95
CA PRO A 492 -14.62 31.28 -10.54
C PRO A 492 -13.77 30.20 -11.19
N GLY A 493 -13.81 28.99 -10.64
CA GLY A 493 -13.10 27.87 -11.26
C GLY A 493 -13.62 27.53 -12.64
N GLN A 494 -14.95 27.48 -12.84
CA GLN A 494 -15.43 27.06 -14.15
C GLN A 494 -15.41 28.17 -15.19
N LYS A 495 -15.46 29.45 -14.80
CA LYS A 495 -15.16 30.49 -15.77
C LYS A 495 -13.72 30.37 -16.25
N ALA A 496 -12.80 30.08 -15.34
CA ALA A 496 -11.41 29.98 -15.74
C ALA A 496 -11.19 28.78 -16.63
N ASP A 497 -11.80 27.64 -16.29
CA ASP A 497 -11.86 26.50 -17.21
C ASP A 497 -12.40 26.93 -18.56
N LEU A 498 -13.55 27.62 -18.57
CA LEU A 498 -14.15 28.01 -19.84
C LEU A 498 -13.18 28.86 -20.66
N LEU A 499 -12.49 29.79 -20.00
CA LEU A 499 -11.60 30.70 -20.72
C LEU A 499 -10.31 30.00 -21.17
N SER A 500 -9.85 28.98 -20.44
CA SER A 500 -8.71 28.19 -20.91
C SER A 500 -9.01 27.52 -22.25
N VAL A 501 -10.24 27.03 -22.43
CA VAL A 501 -10.59 26.29 -23.64
C VAL A 501 -10.75 27.24 -24.84
N PHE A 502 -11.29 28.44 -24.61
CA PHE A 502 -11.53 29.39 -25.69
C PHE A 502 -10.44 30.46 -25.83
N GLY A 503 -9.35 30.37 -25.07
CA GLY A 503 -8.26 31.32 -25.26
C GLY A 503 -8.68 32.75 -24.97
N ASN A 504 -8.25 33.67 -25.85
CA ASN A 504 -8.50 35.10 -25.70
C ASN A 504 -9.66 35.62 -26.56
N LEU A 505 -10.55 34.73 -27.03
CA LEU A 505 -11.67 35.15 -27.85
C LEU A 505 -12.48 36.24 -27.14
N LYS A 506 -13.10 37.12 -27.93
CA LYS A 506 -13.88 38.22 -27.39
C LYS A 506 -15.21 37.72 -26.84
N SER A 507 -15.56 38.16 -25.63
CA SER A 507 -16.81 37.84 -24.97
C SER A 507 -17.00 36.33 -24.73
N ALA A 508 -15.95 35.52 -24.86
CA ALA A 508 -16.15 34.09 -24.64
C ALA A 508 -16.64 33.77 -23.24
N SER A 509 -16.55 34.72 -22.29
CA SER A 509 -17.09 34.46 -20.97
C SER A 509 -18.61 34.35 -21.00
N ASP A 510 -19.27 34.93 -22.02
CA ASP A 510 -20.72 34.85 -22.25
C ASP A 510 -21.20 33.46 -22.72
N LEU A 511 -20.41 32.39 -22.66
CA LEU A 511 -20.88 31.09 -23.09
C LEU A 511 -21.38 30.28 -21.90
N ASP A 512 -22.30 29.36 -22.18
CA ASP A 512 -22.63 28.36 -21.18
C ASP A 512 -21.40 27.49 -20.95
N LEU A 513 -21.27 26.96 -19.73
CA LEU A 513 -20.16 26.04 -19.47
C LEU A 513 -20.15 24.89 -20.47
N VAL A 514 -21.32 24.40 -20.89
CA VAL A 514 -21.35 23.22 -21.75
C VAL A 514 -20.61 23.48 -23.06
N ALA A 515 -20.57 24.74 -23.51
CA ALA A 515 -19.87 25.04 -24.75
C ALA A 515 -18.42 24.58 -24.70
N ALA A 516 -17.79 24.66 -23.52
CA ALA A 516 -16.39 24.27 -23.36
C ALA A 516 -16.06 22.88 -23.94
N TRP A 517 -16.95 21.91 -23.80
CA TRP A 517 -16.60 20.57 -24.30
C TRP A 517 -16.50 20.51 -25.83
N TYR A 518 -17.07 21.48 -26.55
CA TYR A 518 -17.04 21.42 -28.01
C TYR A 518 -15.66 21.70 -28.58
N PRO A 519 -14.96 22.78 -28.21
CA PRO A 519 -13.59 22.96 -28.71
C PRO A 519 -12.65 21.87 -28.25
N LYS A 520 -12.83 21.37 -27.02
CA LYS A 520 -12.05 20.22 -26.55
C LYS A 520 -12.16 19.07 -27.53
N ALA A 521 -13.37 18.52 -27.68
CA ALA A 521 -13.62 17.48 -28.68
C ALA A 521 -13.07 17.88 -30.04
N ALA A 522 -13.33 19.13 -30.47
CA ALA A 522 -12.88 19.56 -31.79
C ALA A 522 -11.36 19.53 -31.91
N HIS A 523 -10.64 19.88 -30.84
CA HIS A 523 -9.18 19.77 -30.90
C HIS A 523 -8.72 18.32 -30.80
N TYR A 524 -9.41 17.53 -29.97
CA TYR A 524 -9.04 16.13 -29.78
C TYR A 524 -9.13 15.34 -31.08
N ILE A 525 -10.22 15.52 -31.85
CA ILE A 525 -10.40 14.69 -33.05
C ILE A 525 -9.61 15.21 -34.23
N GLN A 526 -8.91 16.34 -34.08
CA GLN A 526 -8.14 16.88 -35.19
C GLN A 526 -7.13 15.86 -35.70
N THR A 527 -6.68 14.94 -34.83
CA THR A 527 -5.71 13.91 -35.21
C THR A 527 -6.35 12.64 -35.78
N ASN A 528 -7.68 12.54 -35.82
CA ASN A 528 -8.35 11.33 -36.32
C ASN A 528 -9.78 11.69 -36.75
N ALA A 529 -9.91 12.16 -37.99
CA ALA A 529 -11.19 12.56 -38.58
C ALA A 529 -12.23 11.43 -38.66
N ASN A 530 -11.89 10.23 -38.20
CA ASN A 530 -12.87 9.16 -38.20
C ASN A 530 -13.77 9.17 -36.97
N ILE A 531 -13.40 9.92 -35.96
CA ILE A 531 -14.25 9.96 -34.78
C ILE A 531 -15.51 10.74 -35.11
N ARG A 532 -16.63 10.28 -34.56
CA ARG A 532 -17.93 10.93 -34.63
C ARG A 532 -18.39 11.27 -33.21
N CYS A 533 -18.95 12.46 -33.01
CA CYS A 533 -19.30 12.96 -31.67
C CYS A 533 -20.76 13.38 -31.60
N ALA A 534 -21.33 13.25 -30.40
CA ALA A 534 -22.65 13.83 -30.15
C ALA A 534 -22.78 14.21 -28.68
N PHE A 535 -23.34 15.40 -28.42
CA PHE A 535 -23.54 15.94 -27.09
C PHE A 535 -24.97 16.41 -26.90
N VAL A 536 -25.56 16.08 -25.75
CA VAL A 536 -26.71 16.83 -25.27
C VAL A 536 -26.23 18.23 -24.85
N SER A 537 -27.06 19.24 -25.04
CA SER A 537 -26.66 20.54 -24.58
C SER A 537 -27.91 21.40 -24.38
N THR A 538 -27.81 22.36 -23.47
CA THR A 538 -28.90 23.32 -23.34
C THR A 538 -29.14 24.01 -24.67
N ASN A 539 -30.42 24.21 -24.99
CA ASN A 539 -30.69 24.71 -26.33
C ASN A 539 -30.13 26.10 -26.54
N SER A 540 -29.65 26.73 -25.46
CA SER A 540 -29.20 28.11 -25.48
C SER A 540 -27.97 28.31 -26.36
N ILE A 541 -27.11 27.28 -26.50
CA ILE A 541 -25.93 27.38 -27.35
C ILE A 541 -26.27 27.35 -28.83
N THR A 542 -27.55 27.31 -29.19
CA THR A 542 -27.98 27.42 -30.58
C THR A 542 -28.85 28.64 -30.78
N GLN A 543 -28.83 29.58 -29.84
CA GLN A 543 -29.74 30.71 -29.83
C GLN A 543 -29.00 31.96 -29.35
N GLY A 544 -29.50 33.11 -29.79
CA GLY A 544 -29.09 34.40 -29.28
C GLY A 544 -27.59 34.61 -29.21
N GLU A 545 -27.15 35.24 -28.11
CA GLU A 545 -25.80 35.81 -27.99
C GLU A 545 -24.70 34.76 -28.07
N GLN A 546 -25.01 33.48 -27.91
CA GLN A 546 -23.99 32.46 -27.88
C GLN A 546 -23.62 31.93 -29.27
N VAL A 547 -24.53 32.05 -30.25
CA VAL A 547 -24.29 31.48 -31.57
C VAL A 547 -23.10 32.16 -32.25
N SER A 548 -22.96 33.47 -32.04
CA SER A 548 -21.81 34.19 -32.58
C SER A 548 -20.51 33.83 -31.87
N LEU A 549 -20.57 33.35 -30.63
CA LEU A 549 -19.33 33.15 -29.87
C LEU A 549 -18.80 31.74 -29.94
N LEU A 550 -19.62 30.76 -30.31
CA LEU A 550 -19.20 29.37 -30.31
C LEU A 550 -18.96 28.80 -31.70
N TRP A 551 -19.79 29.14 -32.66
CA TRP A 551 -19.76 28.49 -33.95
C TRP A 551 -18.72 29.05 -34.93
N PRO A 552 -18.36 30.35 -34.86
CA PRO A 552 -17.18 30.79 -35.62
C PRO A 552 -15.95 29.95 -35.31
N LEU A 553 -15.67 29.71 -34.03
CA LEU A 553 -14.52 28.90 -33.67
C LEU A 553 -14.69 27.46 -34.12
N LEU A 554 -15.89 26.89 -33.99
CA LEU A 554 -16.06 25.48 -34.35
C LEU A 554 -15.92 25.28 -35.86
N LEU A 555 -16.59 26.12 -36.66
CA LEU A 555 -16.50 25.97 -38.11
C LEU A 555 -15.07 26.11 -38.59
N SER A 556 -14.34 27.09 -38.05
CA SER A 556 -12.95 27.30 -38.46
C SER A 556 -12.07 26.09 -38.21
N LEU A 557 -12.48 25.18 -37.34
CA LEU A 557 -11.68 24.00 -37.02
C LEU A 557 -12.03 22.79 -37.87
N GLY A 558 -12.95 22.94 -38.81
CA GLY A 558 -13.40 21.86 -39.65
C GLY A 558 -14.66 21.17 -39.18
N ILE A 559 -15.27 21.65 -38.09
CA ILE A 559 -16.38 20.89 -37.49
C ILE A 559 -17.61 21.03 -38.36
N LYS A 560 -18.25 19.89 -38.62
CA LYS A 560 -19.42 19.82 -39.47
C LYS A 560 -20.52 19.12 -38.67
N ILE A 561 -21.74 19.65 -38.72
CA ILE A 561 -22.86 19.07 -37.98
C ILE A 561 -23.56 18.05 -38.87
N ASN A 562 -23.68 16.81 -38.40
CA ASN A 562 -24.21 15.72 -39.20
C ASN A 562 -25.64 15.33 -38.85
N PHE A 563 -26.03 15.47 -37.60
CA PHE A 563 -27.43 15.33 -37.25
C PHE A 563 -27.66 16.16 -36.00
N ALA A 564 -28.92 16.42 -35.71
CA ALA A 564 -29.25 17.27 -34.59
C ALA A 564 -30.70 17.06 -34.20
N HIS A 565 -30.96 17.03 -32.89
CA HIS A 565 -32.30 17.11 -32.32
C HIS A 565 -32.58 18.54 -31.92
N ARG A 566 -33.64 19.13 -32.47
CA ARG A 566 -34.05 20.45 -32.04
C ARG A 566 -34.65 20.38 -30.63
N THR A 567 -35.05 21.55 -30.12
CA THR A 567 -35.43 21.73 -28.72
C THR A 567 -36.43 20.68 -28.24
N PHE A 568 -36.14 20.07 -27.08
CA PHE A 568 -37.14 19.25 -26.37
C PHE A 568 -37.03 19.50 -24.87
N SER A 569 -38.09 19.16 -24.14
CA SER A 569 -38.08 19.30 -22.68
C SER A 569 -37.26 18.18 -22.05
N TRP A 570 -36.48 18.53 -21.03
CA TRP A 570 -35.74 17.57 -20.23
C TRP A 570 -36.66 16.80 -19.30
N THR A 571 -36.31 15.54 -19.03
CA THR A 571 -36.97 14.79 -17.98
C THR A 571 -36.19 13.51 -17.73
N ASN A 572 -36.45 12.90 -16.56
CA ASN A 572 -35.96 11.57 -16.20
C ASN A 572 -36.82 11.09 -15.04
N GLU A 573 -36.49 9.92 -14.52
CA GLU A 573 -37.37 9.25 -13.57
C GLU A 573 -36.92 9.42 -12.13
N ALA A 574 -36.17 10.48 -11.82
CA ALA A 574 -35.66 10.66 -10.47
C ALA A 574 -36.30 11.87 -9.82
N SER A 575 -36.01 12.05 -8.54
CA SER A 575 -36.53 13.21 -7.85
C SER A 575 -36.02 14.49 -8.52
N GLY A 576 -36.70 15.59 -8.25
CA GLY A 576 -36.22 16.91 -8.59
C GLY A 576 -35.78 17.10 -10.04
N VAL A 577 -36.64 16.77 -11.00
CA VAL A 577 -36.27 16.94 -12.40
C VAL A 577 -35.94 18.39 -12.69
N ALA A 578 -34.83 18.62 -13.39
CA ALA A 578 -34.44 19.97 -13.77
C ALA A 578 -35.38 20.53 -14.83
N ALA A 579 -35.45 21.85 -14.89
CA ALA A 579 -36.32 22.58 -15.81
C ALA A 579 -35.43 23.27 -16.83
N VAL A 580 -35.19 22.59 -17.94
CA VAL A 580 -34.34 23.11 -19.00
C VAL A 580 -34.80 22.45 -20.29
N HIS A 581 -34.58 23.14 -21.40
CA HIS A 581 -34.88 22.65 -22.74
C HIS A 581 -33.57 22.33 -23.45
N CYS A 582 -33.55 21.25 -24.24
CA CYS A 582 -32.32 20.64 -24.73
C CYS A 582 -32.24 20.56 -26.24
N VAL A 583 -31.02 20.32 -26.72
CA VAL A 583 -30.73 19.90 -28.08
C VAL A 583 -29.73 18.76 -27.99
N ILE A 584 -29.54 18.08 -29.11
CA ILE A 584 -28.48 17.08 -29.28
C ILE A 584 -27.76 17.42 -30.56
N ILE A 585 -26.43 17.52 -30.51
CA ILE A 585 -25.64 17.98 -31.65
C ILE A 585 -24.64 16.89 -31.98
N GLY A 586 -24.87 16.20 -33.11
CA GLY A 586 -23.89 15.27 -33.64
C GLY A 586 -22.96 15.97 -34.62
N PHE A 587 -21.65 15.79 -34.43
CA PHE A 587 -20.69 16.56 -35.22
C PHE A 587 -19.41 15.75 -35.40
N GLY A 588 -18.56 16.25 -36.28
CA GLY A 588 -17.31 15.59 -36.58
C GLY A 588 -16.60 16.36 -37.67
N LEU A 589 -15.54 15.75 -38.20
CA LEU A 589 -14.76 16.43 -39.22
C LEU A 589 -15.16 16.03 -40.64
N LYS A 590 -16.02 15.01 -40.80
CA LYS A 590 -16.50 14.56 -42.10
C LYS A 590 -17.94 15.03 -42.30
N ASP A 591 -18.19 15.77 -43.38
CA ASP A 591 -19.57 16.03 -43.77
C ASP A 591 -20.29 14.72 -44.03
N SER A 592 -21.60 14.74 -43.83
CA SER A 592 -22.45 13.59 -44.11
C SER A 592 -23.31 13.96 -45.29
N ASP A 593 -23.42 13.04 -46.25
CA ASP A 593 -24.25 13.28 -47.41
C ASP A 593 -25.74 13.19 -47.08
N GLU A 594 -26.09 12.70 -45.88
CA GLU A 594 -27.48 12.52 -45.46
C GLU A 594 -27.67 13.06 -44.03
N LYS A 595 -27.80 14.38 -43.90
CA LYS A 595 -27.99 14.98 -42.60
C LYS A 595 -29.47 14.94 -42.25
N ILE A 596 -29.78 14.46 -41.04
CA ILE A 596 -31.14 14.44 -40.53
C ILE A 596 -31.25 15.41 -39.35
N ILE A 597 -32.32 16.20 -39.35
CA ILE A 597 -32.70 17.02 -38.21
C ILE A 597 -33.95 16.39 -37.62
N TYR A 598 -33.91 16.02 -36.35
CA TYR A 598 -35.08 15.49 -35.67
C TYR A 598 -35.90 16.63 -35.07
N GLU A 599 -37.18 16.73 -35.44
CA GLU A 599 -38.05 17.82 -35.04
C GLU A 599 -39.14 17.33 -34.09
N TYR A 600 -39.63 18.25 -33.26
CA TYR A 600 -40.64 17.92 -32.24
C TYR A 600 -41.86 18.80 -32.40
N GLU A 601 -43.03 18.17 -32.63
CA GLU A 601 -44.31 18.87 -32.51
C GLU A 601 -44.56 19.21 -31.05
N SER A 602 -44.76 18.21 -30.21
CA SER A 602 -44.81 18.42 -28.76
C SER A 602 -43.40 18.46 -28.21
N ILE A 603 -43.05 19.57 -27.54
CA ILE A 603 -41.77 19.65 -26.84
C ILE A 603 -41.54 18.45 -25.94
N ASN A 604 -42.62 17.78 -25.53
CA ASN A 604 -42.62 16.58 -24.70
C ASN A 604 -42.79 15.31 -25.52
N GLY A 605 -43.09 15.42 -26.81
CA GLY A 605 -43.42 14.25 -27.61
C GLY A 605 -42.19 13.47 -28.08
N GLU A 606 -42.45 12.50 -29.04
CA GLU A 606 -41.38 11.79 -29.70
C GLU A 606 -40.92 12.59 -30.92
N PRO A 607 -39.68 12.41 -31.36
CA PRO A 607 -39.17 13.21 -32.49
C PRO A 607 -39.55 12.58 -33.82
N LEU A 608 -39.45 13.40 -34.85
CA LEU A 608 -39.62 12.96 -36.24
C LEU A 608 -38.39 13.35 -37.04
N ALA A 609 -37.76 12.38 -37.68
CA ALA A 609 -36.59 12.65 -38.53
C ALA A 609 -37.01 13.28 -39.86
N ILE A 610 -36.38 14.40 -40.21
CA ILE A 610 -36.60 15.11 -41.46
C ILE A 610 -35.25 15.26 -42.17
N LYS A 611 -35.26 15.06 -43.49
CA LYS A 611 -34.05 15.22 -44.29
C LYS A 611 -33.62 16.68 -44.27
N ALA A 612 -32.32 16.93 -44.30
CA ALA A 612 -31.86 18.30 -44.26
C ALA A 612 -30.74 18.50 -45.27
N LYS A 613 -30.84 19.57 -46.06
CA LYS A 613 -29.76 19.95 -46.95
C LYS A 613 -28.51 20.31 -46.16
N ASN A 614 -28.66 21.23 -45.19
CA ASN A 614 -27.56 21.62 -44.32
C ASN A 614 -28.09 21.76 -42.91
N ILE A 615 -27.21 21.61 -41.92
CA ILE A 615 -27.58 21.88 -40.54
C ILE A 615 -26.84 23.12 -40.06
N ASN A 616 -27.62 24.14 -39.71
CA ASN A 616 -27.16 25.44 -39.24
C ASN A 616 -26.47 25.34 -37.89
N PRO A 617 -25.64 26.33 -37.57
CA PRO A 617 -25.29 26.54 -36.15
C PRO A 617 -26.52 26.81 -35.27
N TYR A 618 -27.62 27.32 -35.85
CA TYR A 618 -28.90 27.37 -35.17
C TYR A 618 -29.68 26.03 -35.24
N LEU A 619 -29.10 24.99 -35.86
CA LEU A 619 -29.75 23.70 -36.12
C LEU A 619 -30.93 23.82 -37.07
N ARG A 620 -30.84 24.72 -38.04
CA ARG A 620 -31.85 24.84 -39.08
C ARG A 620 -31.31 24.39 -40.42
N ASP A 621 -32.22 24.06 -41.33
CA ASP A 621 -31.81 23.77 -42.70
C ASP A 621 -31.69 25.10 -43.43
N GLY A 622 -30.48 25.64 -43.49
CA GLY A 622 -30.28 26.87 -44.20
C GLY A 622 -28.81 27.21 -44.32
N VAL A 623 -28.55 28.50 -44.60
CA VAL A 623 -27.22 28.99 -44.87
C VAL A 623 -26.45 29.11 -43.55
N ASP A 624 -25.13 29.26 -43.64
CA ASP A 624 -24.25 29.26 -42.48
C ASP A 624 -23.90 30.66 -41.99
N VAL A 625 -24.72 31.65 -42.31
CA VAL A 625 -24.51 33.02 -41.83
C VAL A 625 -25.09 33.16 -40.44
N ILE A 626 -24.32 33.75 -39.54
CA ILE A 626 -24.75 33.97 -38.16
C ILE A 626 -25.02 35.45 -37.96
N ALA A 627 -26.13 35.76 -37.28
CA ALA A 627 -26.47 37.14 -36.93
C ALA A 627 -25.72 37.56 -35.67
N CYS A 628 -24.96 38.66 -35.75
CA CYS A 628 -24.10 39.11 -34.66
C CYS A 628 -24.74 40.28 -33.92
N LYS A 629 -24.61 40.25 -32.59
CA LYS A 629 -24.82 41.43 -31.73
C LYS A 629 -24.31 42.70 -32.40
N ARG A 630 -25.11 43.76 -32.30
CA ARG A 630 -24.72 45.08 -32.77
C ARG A 630 -25.19 46.11 -31.77
N GLN A 631 -24.44 47.22 -31.68
CA GLN A 631 -24.82 48.28 -30.76
C GLN A 631 -25.76 49.30 -31.40
N GLN A 632 -25.83 49.34 -32.71
CA GLN A 632 -26.71 50.24 -33.43
C GLN A 632 -27.28 49.48 -34.63
N PRO A 633 -28.44 49.91 -35.15
CA PRO A 633 -29.10 49.11 -36.20
C PRO A 633 -28.41 49.20 -37.56
N ILE A 634 -28.44 48.08 -38.30
CA ILE A 634 -27.97 48.09 -39.70
C ILE A 634 -28.97 48.78 -40.60
N SER A 635 -30.24 48.80 -40.22
CA SER A 635 -31.23 49.49 -41.02
C SER A 635 -31.41 50.91 -40.52
N LYS A 636 -32.17 51.69 -41.28
CA LYS A 636 -32.49 53.06 -40.93
C LYS A 636 -33.70 52.98 -39.99
N LEU A 637 -33.42 52.96 -38.69
CA LEU A 637 -34.43 52.82 -37.64
C LEU A 637 -34.05 53.65 -36.44
N PRO A 638 -35.03 54.11 -35.66
CA PRO A 638 -34.72 54.82 -34.41
C PRO A 638 -34.13 53.88 -33.37
N SER A 639 -33.16 54.36 -32.60
CA SER A 639 -32.51 53.54 -31.58
C SER A 639 -33.53 53.02 -30.57
N MET A 640 -33.24 51.86 -30.01
CA MET A 640 -34.05 51.23 -28.99
C MET A 640 -33.30 51.22 -27.66
N ARG A 641 -34.05 51.25 -26.56
CA ARG A 641 -33.49 51.41 -25.24
C ARG A 641 -33.98 50.34 -24.28
N TYR A 642 -33.18 50.07 -23.27
CA TYR A 642 -33.46 49.08 -22.23
C TYR A 642 -34.22 49.74 -21.08
N GLY A 643 -35.23 49.04 -20.55
CA GLY A 643 -36.01 49.57 -19.46
C GLY A 643 -35.17 49.80 -18.19
N ASN A 644 -35.75 50.57 -17.26
CA ASN A 644 -35.07 50.92 -16.02
C ASN A 644 -34.98 49.71 -15.09
N LYS A 645 -33.80 49.48 -14.53
CA LYS A 645 -33.51 48.33 -13.68
C LYS A 645 -33.37 48.79 -12.24
N PRO A 646 -34.21 48.31 -11.32
CA PRO A 646 -34.28 48.94 -9.98
C PRO A 646 -33.21 48.47 -8.99
N THR A 647 -32.89 47.18 -9.02
CA THR A 647 -32.07 46.50 -8.01
C THR A 647 -32.43 46.98 -6.62
N ASP A 648 -33.66 46.69 -6.18
CA ASP A 648 -34.16 47.28 -4.95
C ASP A 648 -34.72 46.27 -3.96
N ASP A 649 -34.60 44.98 -4.22
CA ASP A 649 -35.28 43.96 -3.43
C ASP A 649 -36.76 44.29 -3.21
N GLY A 650 -37.37 45.03 -4.16
CA GLY A 650 -38.78 45.38 -4.10
C GLY A 650 -39.14 46.60 -3.29
N ASN A 651 -38.17 47.19 -2.56
CA ASN A 651 -38.50 48.29 -1.66
C ASN A 651 -39.12 49.49 -2.37
N PHE A 652 -38.86 49.66 -3.66
CA PHE A 652 -39.49 50.75 -4.38
C PHE A 652 -40.77 50.34 -5.11
N LEU A 653 -41.29 49.12 -4.93
CA LEU A 653 -42.39 48.62 -5.74
C LEU A 653 -43.59 48.25 -4.87
N PHE A 654 -44.79 48.41 -5.44
CA PHE A 654 -46.05 48.27 -4.71
C PHE A 654 -47.19 47.79 -5.62
N THR A 655 -48.00 46.89 -5.07
CA THR A 655 -49.38 46.67 -5.50
C THR A 655 -50.24 47.89 -5.18
N ASP A 656 -51.39 47.98 -5.88
CA ASP A 656 -52.34 49.06 -5.62
C ASP A 656 -52.70 49.14 -4.15
N GLU A 657 -52.99 47.99 -3.51
CA GLU A 657 -53.38 48.02 -2.11
C GLU A 657 -52.25 48.58 -1.27
N GLU A 658 -51.00 48.12 -1.50
CA GLU A 658 -49.84 48.68 -0.83
C GLU A 658 -49.71 50.17 -1.10
N LYS A 659 -49.81 50.59 -2.36
CA LYS A 659 -49.77 52.02 -2.63
C LYS A 659 -50.87 52.77 -1.87
N ASN A 660 -52.01 52.12 -1.59
CA ASN A 660 -53.02 52.82 -0.81
C ASN A 660 -52.69 52.81 0.67
N GLN A 661 -52.21 51.68 1.21
CA GLN A 661 -51.84 51.68 2.62
C GLN A 661 -50.75 52.69 2.89
N PHE A 662 -49.74 52.73 2.01
CA PHE A 662 -48.58 53.61 2.16
C PHE A 662 -48.96 55.09 2.04
N ILE A 663 -49.89 55.42 1.16
CA ILE A 663 -50.27 56.83 0.98
C ILE A 663 -51.01 57.34 2.21
N THR A 664 -52.00 56.61 2.70
CA THR A 664 -52.71 57.07 3.89
C THR A 664 -51.74 57.24 5.04
N ASN A 665 -50.85 56.26 5.24
CA ASN A 665 -49.83 56.37 6.27
C ASN A 665 -48.84 57.50 6.03
N GLU A 666 -48.64 57.95 4.79
CA GLU A 666 -47.61 58.95 4.47
C GLU A 666 -48.11 59.84 3.34
N PRO A 667 -49.14 60.65 3.60
CA PRO A 667 -49.86 61.32 2.50
C PRO A 667 -48.99 62.21 1.63
N SER A 668 -47.90 62.75 2.15
CA SER A 668 -47.02 63.63 1.39
C SER A 668 -46.31 62.91 0.25
N SER A 669 -46.39 61.57 0.18
CA SER A 669 -45.63 60.79 -0.79
C SER A 669 -46.31 60.64 -2.15
N GLU A 670 -47.57 61.07 -2.30
CA GLU A 670 -48.26 60.84 -3.56
C GLU A 670 -47.47 61.41 -4.75
N LYS A 671 -46.82 62.55 -4.55
CA LYS A 671 -46.13 63.23 -5.63
C LYS A 671 -45.05 62.36 -6.28
N TYR A 672 -44.59 61.32 -5.59
CA TYR A 672 -43.45 60.52 -6.04
C TYR A 672 -43.83 59.14 -6.60
N PHE A 673 -45.08 58.72 -6.46
CA PHE A 673 -45.53 57.48 -7.06
C PHE A 673 -45.75 57.67 -8.54
N ARG A 674 -45.39 56.66 -9.30
CA ARG A 674 -45.66 56.63 -10.73
C ARG A 674 -45.95 55.18 -11.10
N ARG A 675 -46.67 54.99 -12.22
CA ARG A 675 -47.04 53.64 -12.66
C ARG A 675 -45.81 52.86 -13.10
N PHE A 676 -45.78 51.58 -12.76
CA PHE A 676 -44.64 50.72 -13.04
C PHE A 676 -45.11 49.54 -13.86
N VAL A 677 -44.53 49.34 -15.04
CA VAL A 677 -44.91 48.26 -15.94
C VAL A 677 -43.69 47.44 -16.31
N GLY A 678 -43.70 46.17 -15.91
CA GLY A 678 -42.85 45.16 -16.49
C GLY A 678 -43.54 44.48 -17.67
N GLY A 679 -42.88 43.44 -18.19
CA GLY A 679 -43.49 42.64 -19.23
C GLY A 679 -44.79 42.00 -18.77
N ASP A 680 -44.75 41.36 -17.60
CA ASP A 680 -45.93 40.71 -17.04
C ASP A 680 -47.08 41.69 -16.81
N GLU A 681 -46.81 42.87 -16.24
CA GLU A 681 -47.87 43.84 -15.96
C GLU A 681 -48.49 44.39 -17.24
N PHE A 682 -47.70 44.54 -18.30
CA PHE A 682 -48.13 45.13 -19.56
C PHE A 682 -48.93 44.14 -20.40
N ILE A 683 -48.38 42.94 -20.62
CA ILE A 683 -49.09 41.88 -21.31
C ILE A 683 -50.44 41.57 -20.65
N ASN A 684 -50.48 41.62 -19.32
CA ASN A 684 -51.65 41.13 -18.59
C ASN A 684 -52.49 42.25 -17.99
N ASN A 685 -52.20 43.49 -18.35
CA ASN A 685 -52.93 44.64 -17.84
C ASN A 685 -53.08 44.59 -16.32
N THR A 686 -51.95 44.42 -15.63
CA THR A 686 -51.93 44.44 -14.17
C THR A 686 -51.33 45.76 -13.69
N SER A 687 -51.74 46.22 -12.51
CA SER A 687 -51.34 47.53 -12.00
C SER A 687 -50.27 47.41 -10.93
N ARG A 688 -49.19 48.17 -11.11
CA ARG A 688 -48.05 48.20 -10.20
C ARG A 688 -47.51 49.62 -10.12
N TRP A 689 -46.93 49.97 -8.96
CA TRP A 689 -46.43 51.32 -8.72
C TRP A 689 -45.01 51.29 -8.20
N CYS A 690 -44.22 52.31 -8.57
CA CYS A 690 -42.91 52.51 -7.99
C CYS A 690 -42.81 53.90 -7.36
N LEU A 691 -41.98 54.00 -6.31
CA LEU A 691 -41.46 55.27 -5.81
C LEU A 691 -40.40 55.77 -6.77
N TRP A 692 -40.68 56.86 -7.49
CA TRP A 692 -39.74 57.36 -8.50
C TRP A 692 -39.07 58.63 -7.96
N LEU A 693 -37.81 58.48 -7.53
CA LEU A 693 -37.09 59.52 -6.81
C LEU A 693 -35.99 60.18 -7.61
N ASP A 694 -35.77 59.79 -8.88
CA ASP A 694 -34.83 60.51 -9.74
C ASP A 694 -35.20 61.99 -9.77
N GLY A 695 -34.34 62.82 -9.19
CA GLY A 695 -34.56 64.24 -9.13
C GLY A 695 -35.57 64.65 -8.08
N ALA A 696 -35.49 64.05 -6.90
CA ALA A 696 -36.36 64.44 -5.81
C ALA A 696 -35.70 65.55 -5.00
N ASP A 697 -36.52 66.52 -4.59
CA ASP A 697 -36.05 67.59 -3.70
C ASP A 697 -35.84 67.03 -2.30
N ILE A 698 -34.57 67.01 -1.87
CA ILE A 698 -34.21 66.33 -0.62
C ILE A 698 -34.94 66.92 0.58
N SER A 699 -35.25 68.22 0.56
CA SER A 699 -36.04 68.81 1.63
C SER A 699 -37.40 68.15 1.76
N GLU A 700 -37.91 67.57 0.67
CA GLU A 700 -39.18 66.87 0.73
C GLU A 700 -39.01 65.43 1.20
N ILE A 701 -37.88 64.79 0.87
CA ILE A 701 -37.69 63.40 1.29
C ILE A 701 -37.35 63.30 2.78
N ARG A 702 -36.66 64.30 3.34
CA ARG A 702 -36.37 64.29 4.77
C ARG A 702 -37.66 64.23 5.60
N ALA A 703 -38.70 64.94 5.15
CA ALA A 703 -39.96 65.00 5.87
C ALA A 703 -40.56 63.62 6.10
N MET A 704 -40.32 62.67 5.18
CA MET A 704 -41.12 61.47 5.06
C MET A 704 -40.38 60.27 5.63
N PRO A 705 -40.79 59.72 6.79
CA PRO A 705 -40.07 58.58 7.38
C PRO A 705 -40.27 57.28 6.62
N LEU A 706 -41.52 56.95 6.33
CA LEU A 706 -41.80 55.70 5.62
C LEU A 706 -40.96 55.59 4.34
N VAL A 707 -40.81 56.69 3.59
CA VAL A 707 -39.95 56.65 2.41
C VAL A 707 -38.51 56.45 2.82
N LEU A 708 -38.04 57.26 3.79
CA LEU A 708 -36.67 57.17 4.26
C LEU A 708 -36.32 55.74 4.66
N ALA A 709 -37.24 55.04 5.30
CA ALA A 709 -36.96 53.65 5.64
C ALA A 709 -36.81 52.78 4.39
N ARG A 710 -37.59 53.06 3.34
CA ARG A 710 -37.37 52.35 2.08
C ARG A 710 -35.96 52.62 1.55
N ILE A 711 -35.59 53.91 1.42
CA ILE A 711 -34.26 54.26 0.94
C ILE A 711 -33.18 53.58 1.76
N LYS A 712 -33.39 53.43 3.06
CA LYS A 712 -32.38 52.72 3.84
C LYS A 712 -32.43 51.22 3.57
N LYS A 713 -33.59 50.68 3.22
CA LYS A 713 -33.66 49.24 2.92
C LYS A 713 -33.01 48.94 1.58
N VAL A 714 -33.18 49.83 0.60
CA VAL A 714 -32.46 49.67 -0.66
C VAL A 714 -30.97 49.63 -0.41
N GLN A 715 -30.45 50.62 0.34
CA GLN A 715 -29.01 50.74 0.57
C GLN A 715 -28.43 49.52 1.27
N GLU A 716 -29.13 48.99 2.28
CA GLU A 716 -28.61 47.84 2.99
C GLU A 716 -28.57 46.62 2.09
N PHE A 717 -29.63 46.42 1.30
CA PHE A 717 -29.64 45.30 0.36
C PHE A 717 -28.53 45.47 -0.66
N ARG A 718 -28.38 46.69 -1.20
CA ARG A 718 -27.38 46.88 -2.25
C ARG A 718 -25.97 46.63 -1.74
N LEU A 719 -25.68 46.93 -0.46
CA LEU A 719 -24.32 46.69 0.04
C LEU A 719 -24.03 45.20 0.19
N LYS A 720 -25.02 44.41 0.59
CA LYS A 720 -24.83 42.97 0.64
C LYS A 720 -24.55 42.34 -0.72
N SER A 721 -24.65 43.09 -1.82
CA SER A 721 -24.54 42.48 -3.15
C SER A 721 -23.16 41.87 -3.33
N SER A 722 -23.00 41.06 -4.39
CA SER A 722 -21.67 40.59 -4.74
C SER A 722 -21.09 41.26 -5.97
N ALA A 723 -21.89 42.00 -6.75
CA ALA A 723 -21.36 42.69 -7.92
C ALA A 723 -20.91 44.09 -7.51
N LYS A 724 -19.62 44.37 -7.69
CA LYS A 724 -19.08 45.66 -7.29
C LYS A 724 -19.90 46.84 -7.78
N PRO A 725 -20.41 46.88 -9.03
CA PRO A 725 -21.24 48.02 -9.43
C PRO A 725 -22.51 48.14 -8.61
N THR A 726 -23.05 47.03 -8.11
CA THR A 726 -24.25 47.12 -7.28
C THR A 726 -23.92 47.75 -5.93
N ARG A 727 -22.88 47.24 -5.24
CA ARG A 727 -22.37 47.87 -4.03
C ARG A 727 -22.14 49.38 -4.25
N GLN A 728 -21.38 49.74 -5.28
CA GLN A 728 -21.23 51.14 -5.64
C GLN A 728 -22.57 51.87 -5.67
N SER A 729 -23.61 51.24 -6.23
CA SER A 729 -24.91 51.89 -6.36
C SER A 729 -25.62 52.10 -5.03
N ALA A 730 -25.12 51.49 -3.95
CA ALA A 730 -25.74 51.67 -2.63
C ALA A 730 -25.66 53.10 -2.14
N SER A 731 -24.69 53.87 -2.62
CA SER A 731 -24.46 55.25 -2.21
C SER A 731 -25.21 56.25 -3.09
N THR A 732 -26.14 55.77 -3.91
CA THR A 732 -27.21 56.58 -4.52
C THR A 732 -28.49 55.79 -4.31
N PRO A 733 -28.91 55.63 -3.05
CA PRO A 733 -29.95 54.64 -2.75
C PRO A 733 -31.35 55.07 -3.12
N MET A 734 -31.59 56.27 -3.65
CA MET A 734 -32.96 56.61 -4.00
C MET A 734 -33.21 56.56 -5.50
N LYS A 735 -32.19 56.30 -6.29
CA LYS A 735 -32.29 56.23 -7.73
C LYS A 735 -32.19 54.77 -8.14
N PHE A 736 -32.94 54.39 -9.17
CA PHE A 736 -32.82 53.06 -9.73
C PHE A 736 -31.37 52.81 -10.12
N PHE A 737 -30.98 51.53 -10.11
CA PHE A 737 -29.63 51.16 -10.49
C PHE A 737 -29.29 51.59 -11.91
N TYR A 738 -30.14 51.26 -12.89
CA TYR A 738 -30.01 51.79 -14.23
C TYR A 738 -31.27 52.55 -14.58
N ILE A 739 -31.12 53.77 -15.07
CA ILE A 739 -32.23 54.67 -15.39
C ILE A 739 -32.14 55.02 -16.86
N SER A 740 -33.25 54.84 -17.57
CA SER A 740 -33.33 55.14 -18.98
C SER A 740 -34.54 55.94 -19.38
N GLN A 741 -35.53 56.09 -18.48
CA GLN A 741 -36.80 56.78 -18.69
C GLN A 741 -36.69 57.92 -19.69
N PRO A 742 -37.52 57.92 -20.73
CA PRO A 742 -37.50 59.02 -21.71
C PRO A 742 -38.36 60.19 -21.23
N ASP A 743 -38.36 61.25 -22.05
CA ASP A 743 -39.21 62.42 -21.83
C ASP A 743 -40.46 62.42 -22.72
N THR A 744 -40.47 61.66 -23.81
CA THR A 744 -41.63 61.51 -24.67
C THR A 744 -42.31 60.17 -24.41
N ASP A 745 -43.59 60.07 -24.81
CA ASP A 745 -44.30 58.79 -24.85
C ASP A 745 -43.54 57.77 -25.67
N TYR A 746 -43.73 56.46 -25.42
CA TYR A 746 -42.84 55.48 -26.05
C TYR A 746 -43.56 54.17 -26.36
N LEU A 747 -42.95 53.40 -27.26
CA LEU A 747 -43.46 52.09 -27.66
C LEU A 747 -42.72 51.02 -26.87
N LEU A 748 -43.48 50.21 -26.12
CA LEU A 748 -42.93 49.21 -25.21
C LEU A 748 -42.97 47.81 -25.85
N ILE A 749 -41.87 47.08 -25.75
CA ILE A 749 -41.76 45.70 -26.20
C ILE A 749 -41.42 44.81 -25.01
N PRO A 750 -42.26 43.86 -24.62
CA PRO A 750 -41.93 42.97 -23.50
C PRO A 750 -40.70 42.12 -23.79
N GLU A 751 -39.93 41.83 -22.74
CA GLU A 751 -38.67 41.12 -22.97
C GLU A 751 -38.86 39.62 -23.08
N THR A 752 -39.63 39.01 -22.18
CA THR A 752 -39.76 37.57 -22.06
C THR A 752 -41.23 37.21 -22.07
N SER A 753 -41.66 36.37 -23.04
CA SER A 753 -43.09 36.20 -23.29
C SER A 753 -43.35 34.95 -24.12
N SER A 754 -44.58 34.45 -24.02
CA SER A 754 -44.93 33.09 -24.43
C SER A 754 -44.68 32.82 -25.92
N GLU A 755 -44.04 31.70 -26.21
CA GLU A 755 -43.79 31.38 -27.62
C GLU A 755 -45.07 30.97 -28.35
N ASN A 756 -46.17 30.73 -27.62
CA ASN A 756 -47.43 30.30 -28.23
C ASN A 756 -48.14 31.44 -28.97
N ARG A 757 -47.66 32.67 -28.91
CA ARG A 757 -48.23 33.79 -29.62
C ARG A 757 -47.52 33.96 -30.96
N GLN A 758 -48.26 34.40 -31.97
CA GLN A 758 -47.70 34.58 -33.29
C GLN A 758 -47.06 35.95 -33.44
N PHE A 759 -47.42 36.88 -32.57
CA PHE A 759 -46.85 38.22 -32.49
C PHE A 759 -46.53 38.50 -31.04
N ILE A 760 -45.43 39.23 -30.80
CA ILE A 760 -45.16 39.73 -29.45
C ILE A 760 -46.06 40.92 -29.17
N PRO A 761 -46.95 40.84 -28.19
CA PRO A 761 -47.79 42.00 -27.85
C PRO A 761 -46.98 43.23 -27.47
N ILE A 762 -46.96 44.23 -28.34
CA ILE A 762 -46.30 45.49 -28.05
C ILE A 762 -47.35 46.61 -28.05
N GLY A 763 -46.96 47.78 -27.54
CA GLY A 763 -47.95 48.86 -27.52
C GLY A 763 -47.36 50.17 -27.06
N PHE A 764 -48.20 51.21 -27.07
CA PHE A 764 -47.76 52.54 -26.66
C PHE A 764 -48.12 52.82 -25.20
N VAL A 765 -47.23 53.55 -24.55
CA VAL A 765 -47.31 53.81 -23.12
C VAL A 765 -47.02 55.29 -22.85
N ASP A 766 -47.71 55.84 -21.85
CA ASP A 766 -47.53 57.25 -21.47
C ASP A 766 -46.15 57.51 -20.85
N ARG A 767 -45.61 58.69 -21.14
CA ARG A 767 -44.26 59.05 -20.68
C ARG A 767 -44.12 59.05 -19.16
N ASN A 768 -45.24 59.08 -18.43
CA ASN A 768 -45.18 59.12 -16.98
C ASN A 768 -45.13 57.75 -16.32
N VAL A 769 -45.35 56.70 -17.06
CA VAL A 769 -45.24 55.37 -16.47
C VAL A 769 -43.80 54.90 -16.64
N ILE A 770 -43.26 54.33 -15.58
CA ILE A 770 -41.87 53.89 -15.56
C ILE A 770 -41.83 52.45 -16.05
N SER A 771 -41.03 52.18 -17.10
CA SER A 771 -40.91 50.82 -17.65
C SER A 771 -39.73 50.08 -17.04
N SER A 772 -39.96 48.84 -16.62
CA SER A 772 -38.96 48.01 -15.94
C SER A 772 -37.98 47.41 -16.94
N ASN A 773 -36.86 46.86 -16.42
CA ASN A 773 -35.88 46.28 -17.34
C ASN A 773 -36.36 44.99 -17.99
N ALA A 774 -37.54 44.49 -17.64
CA ALA A 774 -38.20 43.38 -18.32
C ALA A 774 -38.84 43.80 -19.62
N THR A 775 -38.45 44.93 -20.18
CA THR A 775 -39.06 45.46 -21.38
C THR A 775 -37.99 46.24 -22.13
N TYR A 776 -38.25 46.51 -23.41
CA TYR A 776 -37.47 47.47 -24.18
C TYR A 776 -38.43 48.57 -24.62
N HIS A 777 -37.88 49.65 -25.18
CA HIS A 777 -38.75 50.71 -25.67
C HIS A 777 -38.03 51.63 -26.66
N ILE A 778 -38.82 52.20 -27.55
CA ILE A 778 -38.40 53.18 -28.55
C ILE A 778 -39.04 54.52 -28.20
N PRO A 779 -38.28 55.50 -27.72
CA PRO A 779 -38.90 56.77 -27.32
C PRO A 779 -39.41 57.55 -28.54
N SER A 780 -40.62 58.08 -28.39
CA SER A 780 -41.27 58.90 -29.41
C SER A 780 -41.38 58.14 -30.74
N ALA A 781 -42.08 57.01 -30.69
CA ALA A 781 -42.13 56.11 -31.84
C ALA A 781 -43.32 56.46 -32.73
N GLU A 782 -43.04 56.75 -34.00
CA GLU A 782 -44.08 57.03 -34.96
C GLU A 782 -44.85 55.75 -35.26
N PRO A 783 -46.12 55.85 -35.69
CA PRO A 783 -46.94 54.63 -35.86
C PRO A 783 -46.34 53.63 -36.83
N LEU A 784 -45.60 54.09 -37.84
CA LEU A 784 -44.99 53.20 -38.81
C LEU A 784 -44.16 52.13 -38.11
N ILE A 785 -43.33 52.53 -37.14
CA ILE A 785 -42.44 51.57 -36.48
C ILE A 785 -43.24 50.55 -35.70
N PHE A 786 -44.37 50.97 -35.10
CA PHE A 786 -45.27 50.02 -34.47
C PHE A 786 -45.80 49.01 -35.47
N GLY A 787 -46.00 49.43 -36.72
CA GLY A 787 -46.38 48.47 -37.73
C GLY A 787 -45.26 47.50 -37.99
N LEU A 788 -44.04 48.00 -38.06
CA LEU A 788 -42.91 47.16 -38.42
C LEU A 788 -42.68 46.07 -37.37
N LEU A 789 -42.69 46.44 -36.10
CA LEU A 789 -42.49 45.46 -35.03
C LEU A 789 -43.70 44.58 -34.80
N SER A 790 -44.86 44.96 -35.32
CA SER A 790 -46.01 44.07 -35.27
C SER A 790 -45.97 43.01 -36.37
N SER A 791 -45.16 43.21 -37.40
CA SER A 791 -45.23 42.41 -38.60
C SER A 791 -44.77 40.98 -38.36
N THR A 792 -45.39 40.04 -39.10
CA THR A 792 -44.92 38.67 -39.14
C THR A 792 -43.43 38.61 -39.45
N MET A 793 -42.96 39.49 -40.33
CA MET A 793 -41.56 39.49 -40.75
C MET A 793 -40.62 39.75 -39.57
N HIS A 794 -40.95 40.75 -38.76
CA HIS A 794 -40.11 41.05 -37.60
C HIS A 794 -40.16 39.91 -36.60
N ASN A 795 -41.37 39.42 -36.29
CA ASN A 795 -41.52 38.32 -35.33
C ASN A 795 -40.85 37.05 -35.84
N CYS A 796 -40.84 36.85 -37.16
CA CYS A 796 -40.08 35.73 -37.68
C CYS A 796 -38.58 35.93 -37.43
N TRP A 797 -38.12 37.17 -37.58
CA TRP A 797 -36.73 37.48 -37.28
C TRP A 797 -36.43 37.23 -35.80
N MET A 798 -37.18 37.88 -34.90
CA MET A 798 -37.07 37.63 -33.47
C MET A 798 -37.03 36.14 -33.14
N ARG A 799 -37.91 35.34 -33.77
CA ARG A 799 -37.99 33.90 -33.52
C ARG A 799 -36.71 33.17 -33.87
N ASN A 800 -35.98 33.66 -34.88
CA ASN A 800 -34.85 32.94 -35.42
C ASN A 800 -33.49 33.39 -34.87
N VAL A 801 -33.25 34.69 -34.75
CA VAL A 801 -31.95 35.15 -34.28
C VAL A 801 -31.97 35.59 -32.84
N GLY A 802 -33.15 35.74 -32.23
CA GLY A 802 -33.22 36.05 -30.81
C GLY A 802 -32.79 34.86 -29.98
N GLY A 803 -32.89 35.03 -28.66
CA GLY A 803 -32.62 33.97 -27.73
C GLY A 803 -33.92 33.49 -27.12
N ARG A 804 -33.80 32.61 -26.13
CA ARG A 804 -34.98 32.07 -25.47
C ARG A 804 -34.66 31.80 -24.02
N LEU A 805 -35.72 31.80 -23.22
CA LEU A 805 -35.76 31.30 -21.85
C LEU A 805 -36.52 29.98 -21.86
N GLU A 806 -35.81 28.86 -21.64
CA GLU A 806 -36.28 27.55 -22.10
C GLU A 806 -36.68 27.74 -23.55
N SER A 807 -37.95 28.10 -23.78
CA SER A 807 -38.45 28.29 -25.13
C SER A 807 -39.25 29.56 -25.33
N ARG A 808 -39.57 30.31 -24.26
CA ARG A 808 -40.30 31.56 -24.47
C ARG A 808 -39.45 32.52 -25.29
N TYR A 809 -40.12 33.36 -26.09
CA TYR A 809 -39.41 34.42 -26.77
C TYR A 809 -38.62 35.21 -25.72
N ARG A 810 -37.40 35.60 -26.08
CA ARG A 810 -36.66 36.60 -25.31
C ARG A 810 -36.19 37.66 -26.30
N TYR A 811 -36.71 38.87 -26.15
CA TYR A 811 -36.32 39.91 -27.06
C TYR A 811 -35.02 40.53 -26.60
N SER A 812 -34.28 41.13 -27.52
CA SER A 812 -33.17 41.97 -27.08
C SER A 812 -32.79 42.90 -28.22
N ALA A 813 -32.60 44.18 -27.88
CA ALA A 813 -32.32 45.19 -28.89
C ALA A 813 -31.09 44.85 -29.73
N SER A 814 -30.03 44.37 -29.10
CA SER A 814 -28.78 44.17 -29.84
C SER A 814 -28.79 42.92 -30.73
N LEU A 815 -29.66 41.95 -30.45
CA LEU A 815 -29.68 40.71 -31.25
C LEU A 815 -30.75 40.70 -32.32
N VAL A 816 -31.92 41.26 -32.04
CA VAL A 816 -33.05 41.23 -32.95
C VAL A 816 -33.11 42.53 -33.73
N TYR A 817 -33.63 43.58 -33.07
CA TYR A 817 -33.86 44.88 -33.68
C TYR A 817 -32.65 45.40 -34.44
N ASN A 818 -31.46 45.31 -33.83
CA ASN A 818 -30.29 45.94 -34.44
C ASN A 818 -29.77 45.18 -35.65
N THR A 819 -30.11 43.92 -35.79
CA THR A 819 -29.70 43.14 -36.94
C THR A 819 -30.84 42.93 -37.92
N PHE A 820 -31.96 43.60 -37.70
CA PHE A 820 -33.19 43.41 -38.47
C PHE A 820 -33.09 44.10 -39.82
N PRO A 821 -33.06 43.35 -40.93
CA PRO A 821 -32.90 44.00 -42.25
C PRO A 821 -34.24 44.57 -42.67
N TRP A 822 -34.22 45.81 -43.18
CA TRP A 822 -35.44 46.55 -43.45
C TRP A 822 -35.16 47.61 -44.51
N ILE A 823 -35.84 47.51 -45.66
CA ILE A 823 -35.69 48.52 -46.70
C ILE A 823 -36.59 49.71 -46.39
N GLN A 824 -36.06 50.93 -46.62
CA GLN A 824 -36.86 52.13 -46.34
C GLN A 824 -37.95 52.27 -47.40
N PRO A 825 -39.16 52.68 -47.01
CA PRO A 825 -40.30 52.64 -47.94
C PRO A 825 -40.66 53.98 -48.58
N ASN A 826 -41.52 53.95 -49.58
CA ASN A 826 -42.03 55.14 -50.25
C ASN A 826 -42.89 55.95 -49.31
N GLU A 827 -43.51 57.01 -49.84
CA GLU A 827 -44.57 57.67 -49.08
C GLU A 827 -45.87 56.89 -49.14
N LYS A 828 -46.15 56.20 -50.24
CA LYS A 828 -47.36 55.38 -50.34
C LYS A 828 -47.23 54.11 -49.52
N GLN A 829 -46.07 53.44 -49.62
CA GLN A 829 -45.84 52.26 -48.79
C GLN A 829 -45.85 52.61 -47.30
N SER A 830 -45.24 53.76 -46.95
CA SER A 830 -45.21 54.18 -45.56
C SER A 830 -46.61 54.46 -45.04
N LYS A 831 -47.44 55.17 -45.84
CA LYS A 831 -48.79 55.47 -45.42
C LYS A 831 -49.65 54.21 -45.34
N ALA A 832 -49.35 53.23 -46.19
CA ALA A 832 -50.07 51.96 -46.13
C ALA A 832 -49.82 51.26 -44.82
N ILE A 833 -48.54 51.15 -44.43
CA ILE A 833 -48.20 50.49 -43.18
C ILE A 833 -48.77 51.26 -41.98
N GLU A 834 -48.75 52.59 -42.04
CA GLU A 834 -49.38 53.36 -40.97
C GLU A 834 -50.88 53.05 -40.87
N GLU A 835 -51.56 52.91 -42.03
CA GLU A 835 -53.00 52.66 -42.01
C GLU A 835 -53.31 51.29 -41.39
N ALA A 836 -52.54 50.27 -41.73
CA ALA A 836 -52.73 48.98 -41.07
C ALA A 836 -52.46 49.08 -39.58
N ALA A 837 -51.41 49.82 -39.21
CA ALA A 837 -51.08 50.05 -37.80
C ALA A 837 -52.29 50.57 -37.02
N PHE A 838 -52.92 51.63 -37.53
CA PHE A 838 -54.10 52.15 -36.85
C PHE A 838 -55.25 51.14 -36.88
N ALA A 839 -55.31 50.31 -37.92
CA ALA A 839 -56.35 49.28 -37.97
C ALA A 839 -56.15 48.23 -36.88
N ILE A 840 -54.89 47.85 -36.64
CA ILE A 840 -54.59 46.98 -35.48
C ILE A 840 -54.99 47.66 -34.18
N LEU A 841 -54.51 48.90 -33.97
CA LEU A 841 -54.83 49.61 -32.73
C LEU A 841 -56.33 49.65 -32.49
N LYS A 842 -57.09 50.11 -33.50
CA LYS A 842 -58.54 50.17 -33.36
C LYS A 842 -59.11 48.79 -33.03
N ALA A 843 -58.67 47.76 -33.77
CA ALA A 843 -59.14 46.39 -33.54
C ALA A 843 -58.99 45.99 -32.07
N ARG A 844 -57.87 46.39 -31.45
CA ARG A 844 -57.65 46.14 -30.03
C ARG A 844 -58.66 46.89 -29.17
N SER A 845 -58.84 48.19 -29.44
CA SER A 845 -59.73 49.01 -28.61
C SER A 845 -61.14 48.40 -28.51
N ASN A 846 -61.68 47.89 -29.62
CA ASN A 846 -63.04 47.35 -29.64
C ASN A 846 -63.29 46.17 -28.71
N TYR A 847 -62.37 45.91 -27.78
CA TYR A 847 -62.47 44.77 -26.87
C TYR A 847 -61.98 45.27 -25.52
N PRO A 848 -62.81 46.05 -24.85
CA PRO A 848 -62.52 46.43 -23.47
C PRO A 848 -62.33 45.18 -22.62
N ASN A 849 -61.73 45.37 -21.46
CA ASN A 849 -61.48 44.27 -20.52
C ASN A 849 -60.95 42.97 -21.15
N GLU A 850 -60.23 43.07 -22.26
CA GLU A 850 -59.35 42.01 -22.70
C GLU A 850 -57.91 42.53 -22.55
N SER A 851 -57.09 41.80 -21.79
CA SER A 851 -55.67 42.10 -21.73
C SER A 851 -55.02 41.77 -23.07
N LEU A 852 -53.81 42.28 -23.29
CA LEU A 852 -53.12 41.92 -24.52
C LEU A 852 -52.86 40.42 -24.59
N ALA A 853 -52.75 39.76 -23.44
CA ALA A 853 -52.62 38.31 -23.47
C ALA A 853 -53.88 37.68 -24.06
N GLY A 854 -55.05 38.08 -23.57
CA GLY A 854 -56.29 37.51 -24.08
C GLY A 854 -56.52 37.79 -25.55
N LEU A 855 -56.07 38.96 -26.02
CA LEU A 855 -56.27 39.31 -27.42
C LEU A 855 -55.28 38.62 -28.34
N TYR A 856 -54.07 38.30 -27.85
CA TYR A 856 -53.05 37.71 -28.71
C TYR A 856 -52.79 36.23 -28.45
N ASP A 857 -53.56 35.60 -27.59
CA ASP A 857 -53.62 34.15 -27.62
C ASP A 857 -54.26 33.72 -28.94
N PRO A 858 -53.60 32.88 -29.74
CA PRO A 858 -54.14 32.60 -31.10
C PRO A 858 -55.38 31.69 -31.10
N LYS A 859 -55.62 30.94 -30.02
CA LYS A 859 -56.94 30.34 -29.83
C LYS A 859 -58.04 31.41 -29.76
N THR A 860 -57.94 32.33 -28.79
CA THR A 860 -58.99 33.27 -28.44
C THR A 860 -58.93 34.59 -29.20
N MET A 861 -57.96 34.74 -30.10
CA MET A 861 -57.77 36.02 -30.78
C MET A 861 -58.99 36.37 -31.62
N PRO A 862 -59.53 37.57 -31.52
CA PRO A 862 -60.68 37.93 -32.35
C PRO A 862 -60.28 38.01 -33.82
N SER A 863 -61.24 37.67 -34.70
CA SER A 863 -60.91 37.66 -36.13
C SER A 863 -60.70 39.06 -36.67
N GLU A 864 -61.29 40.06 -36.02
CA GLU A 864 -61.07 41.44 -36.46
C GLU A 864 -59.62 41.85 -36.26
N LEU A 865 -58.95 41.32 -35.22
CA LEU A 865 -57.54 41.64 -35.01
C LEU A 865 -56.67 40.89 -36.00
N LEU A 866 -56.94 39.60 -36.19
CA LEU A 866 -56.20 38.82 -37.17
C LEU A 866 -56.20 39.50 -38.53
N LYS A 867 -57.34 40.10 -38.90
CA LYS A 867 -57.44 40.72 -40.22
C LYS A 867 -56.50 41.92 -40.33
N ALA A 868 -56.56 42.83 -39.35
CA ALA A 868 -55.65 43.98 -39.36
C ALA A 868 -54.20 43.54 -39.42
N HIS A 869 -53.84 42.47 -38.69
CA HIS A 869 -52.48 41.97 -38.82
C HIS A 869 -52.24 41.44 -40.23
N GLN A 870 -53.22 40.74 -40.80
CA GLN A 870 -53.08 40.31 -42.18
C GLN A 870 -52.99 41.51 -43.11
N LYS A 871 -53.74 42.58 -42.82
CA LYS A 871 -53.58 43.81 -43.57
C LYS A 871 -52.16 44.35 -43.46
N LEU A 872 -51.59 44.31 -42.24
CA LEU A 872 -50.26 44.84 -41.99
C LEU A 872 -49.18 44.05 -42.71
N ASP A 873 -49.24 42.72 -42.60
CA ASP A 873 -48.19 41.91 -43.25
C ASP A 873 -48.16 42.20 -44.74
N LYS A 874 -49.33 42.26 -45.39
CA LYS A 874 -49.44 42.58 -46.81
C LYS A 874 -48.70 43.88 -47.14
N ALA A 875 -48.90 44.92 -46.33
CA ALA A 875 -48.21 46.18 -46.54
C ALA A 875 -46.70 46.05 -46.32
N VAL A 876 -46.28 45.36 -45.25
CA VAL A 876 -44.85 45.20 -44.99
C VAL A 876 -44.22 44.29 -46.03
N ASP A 877 -44.89 43.17 -46.35
CA ASP A 877 -44.35 42.27 -47.35
C ASP A 877 -44.15 42.97 -48.68
N SER A 878 -45.11 43.83 -49.05
CA SER A 878 -44.99 44.62 -50.26
C SER A 878 -43.73 45.49 -50.23
N VAL A 879 -43.42 46.10 -49.09
CA VAL A 879 -42.23 46.94 -49.00
C VAL A 879 -40.98 46.12 -49.28
N TYR A 880 -40.96 44.85 -48.82
CA TYR A 880 -39.87 43.94 -49.10
C TYR A 880 -39.88 43.43 -50.53
N GLY A 881 -41.01 43.50 -51.21
CA GLY A 881 -41.14 42.77 -52.45
C GLY A 881 -41.18 41.28 -52.24
N PHE A 882 -41.66 40.84 -51.08
CA PHE A 882 -41.68 39.42 -50.75
C PHE A 882 -42.94 38.79 -51.32
N LYS A 883 -42.76 37.86 -52.25
CA LYS A 883 -43.86 37.15 -52.88
C LYS A 883 -43.91 35.68 -52.50
N GLY A 884 -42.90 35.17 -51.78
CA GLY A 884 -42.74 33.75 -51.50
C GLY A 884 -43.85 33.09 -50.69
N PRO A 885 -43.65 31.80 -50.40
CA PRO A 885 -44.78 30.93 -49.99
C PRO A 885 -45.43 31.27 -48.65
N ASN A 886 -45.03 32.31 -47.93
CA ASN A 886 -45.69 32.72 -46.67
C ASN A 886 -45.60 31.61 -45.62
N THR A 887 -44.38 31.16 -45.35
CA THR A 887 -44.08 30.16 -44.33
C THR A 887 -42.89 30.65 -43.50
N GLU A 888 -42.76 30.13 -42.28
CA GLU A 888 -41.60 30.55 -41.49
C GLU A 888 -40.30 30.15 -42.18
N ILE A 889 -40.30 29.06 -42.95
CA ILE A 889 -39.09 28.63 -43.69
C ILE A 889 -38.70 29.68 -44.71
N ALA A 890 -39.63 30.06 -45.59
CA ALA A 890 -39.30 30.96 -46.70
C ALA A 890 -39.01 32.37 -46.20
N ARG A 891 -39.73 32.82 -45.17
CA ARG A 891 -39.48 34.14 -44.60
C ARG A 891 -38.10 34.20 -43.93
N ILE A 892 -37.78 33.25 -43.04
CA ILE A 892 -36.45 33.22 -42.43
C ILE A 892 -35.35 33.27 -43.50
N ALA A 893 -35.46 32.40 -44.51
CA ALA A 893 -34.42 32.31 -45.53
C ALA A 893 -34.31 33.60 -46.34
N PHE A 894 -35.42 34.32 -46.52
CA PHE A 894 -35.42 35.55 -47.31
C PHE A 894 -34.84 36.71 -46.52
N LEU A 895 -35.22 36.85 -45.25
CA LEU A 895 -34.58 37.85 -44.41
C LEU A 895 -33.07 37.67 -44.37
N PHE A 896 -32.59 36.42 -44.33
CA PHE A 896 -31.15 36.25 -44.23
C PHE A 896 -30.43 36.60 -45.55
N GLU A 897 -31.09 36.44 -46.70
CA GLU A 897 -30.52 36.99 -47.92
C GLU A 897 -30.40 38.50 -47.82
N THR A 898 -31.45 39.17 -47.32
CA THR A 898 -31.38 40.61 -47.10
C THR A 898 -30.34 40.97 -46.06
N TYR A 899 -30.35 40.30 -44.91
CA TYR A 899 -29.36 40.57 -43.89
C TYR A 899 -27.95 40.46 -44.46
N GLN A 900 -27.71 39.45 -45.28
CA GLN A 900 -26.36 39.27 -45.79
C GLN A 900 -25.99 40.34 -46.83
N LYS A 901 -26.95 40.71 -47.69
CA LYS A 901 -26.70 41.81 -48.63
C LYS A 901 -26.29 43.08 -47.88
N MET A 902 -26.98 43.39 -46.78
CA MET A 902 -26.61 44.55 -45.98
C MET A 902 -25.29 44.35 -45.24
N THR A 903 -25.13 43.20 -44.57
CA THR A 903 -23.89 42.95 -43.84
C THR A 903 -22.68 42.83 -44.75
N SER A 904 -22.88 42.69 -46.07
CA SER A 904 -21.79 42.70 -47.02
C SER A 904 -21.41 44.12 -47.48
N LEU A 905 -22.10 45.15 -46.98
CA LEU A 905 -21.87 46.52 -47.41
C LEU A 905 -21.44 47.41 -46.24
N LYS D 156 -6.02 -10.78 43.72
CA LYS D 156 -4.70 -11.35 43.43
C LYS D 156 -4.09 -10.64 42.21
N PRO D 157 -2.78 -10.41 42.25
CA PRO D 157 -2.09 -9.95 41.06
C PRO D 157 -1.97 -11.10 40.04
N GLN D 158 -1.68 -10.74 38.79
CA GLN D 158 -1.48 -11.75 37.77
C GLN D 158 -0.09 -12.35 37.88
N ASP D 159 0.01 -13.67 37.70
CA ASP D 159 1.30 -14.34 37.75
C ASP D 159 2.27 -13.68 36.76
N PRO D 160 3.51 -13.41 37.16
CA PRO D 160 4.48 -12.88 36.19
C PRO D 160 4.96 -13.97 35.26
N ILE D 161 5.11 -13.60 33.97
CA ILE D 161 5.52 -14.53 32.94
C ILE D 161 6.84 -15.19 33.31
N ASN D 162 7.05 -16.38 32.77
CA ASN D 162 8.32 -17.09 32.85
C ASN D 162 8.61 -17.68 31.47
N ILE D 163 9.65 -18.52 31.40
CA ILE D 163 10.04 -19.12 30.11
C ILE D 163 8.88 -19.88 29.49
N LYS D 164 8.05 -20.51 30.31
CA LYS D 164 7.00 -21.36 29.74
C LYS D 164 6.00 -20.53 28.94
N ALA D 165 5.64 -19.35 29.43
CA ALA D 165 4.69 -18.51 28.70
C ALA D 165 5.17 -18.19 27.31
N ALA D 166 6.45 -17.82 27.15
CA ALA D 166 6.99 -17.57 25.82
C ALA D 166 6.96 -18.82 24.95
N GLU D 167 7.03 -19.99 25.57
CA GLU D 167 6.93 -21.21 24.76
C GLU D 167 5.50 -21.46 24.32
N ARG D 168 4.51 -21.15 25.16
CA ARG D 168 3.11 -21.25 24.74
C ARG D 168 2.78 -20.19 23.68
N MET D 169 3.29 -18.97 23.85
CA MET D 169 3.16 -17.98 22.79
C MET D 169 3.82 -18.46 21.50
N GLY D 170 4.91 -19.22 21.62
CA GLY D 170 5.50 -19.81 20.42
C GLY D 170 4.58 -20.82 19.77
N LYS D 171 3.82 -21.57 20.56
CA LYS D 171 2.89 -22.53 19.98
C LYS D 171 1.72 -21.83 19.31
N LEU D 172 1.28 -20.69 19.86
CA LEU D 172 0.27 -19.88 19.18
C LEU D 172 0.79 -19.40 17.83
N HIS D 173 2.08 -19.04 17.75
CA HIS D 173 2.64 -18.65 16.44
C HIS D 173 2.56 -19.82 15.45
N ASP D 174 3.07 -20.99 15.84
CA ASP D 174 3.08 -22.12 14.93
C ASP D 174 1.66 -22.61 14.61
N THR D 175 0.69 -22.37 15.48
CA THR D 175 -0.68 -22.80 15.16
C THR D 175 -1.35 -21.86 14.16
N LEU D 176 -1.05 -20.57 14.24
CA LEU D 176 -1.43 -19.69 13.15
C LEU D 176 -0.71 -20.08 11.87
N LYS D 177 0.56 -20.50 11.97
CA LYS D 177 1.27 -20.92 10.77
C LYS D 177 0.64 -22.14 10.11
N LEU D 178 0.33 -23.18 10.90
CA LEU D 178 -0.16 -24.40 10.29
C LEU D 178 -1.49 -24.20 9.61
N VAL D 179 -2.24 -23.18 10.01
CA VAL D 179 -3.56 -22.99 9.43
C VAL D 179 -3.52 -22.13 8.16
N GLY D 180 -2.38 -21.52 7.83
CA GLY D 180 -2.26 -20.74 6.62
C GLY D 180 -1.75 -19.32 6.81
N TYR D 181 -1.86 -18.77 8.03
CA TYR D 181 -1.36 -17.42 8.31
C TYR D 181 0.15 -17.48 8.58
N GLU D 182 0.93 -16.99 7.62
CA GLU D 182 2.32 -17.41 7.48
C GLU D 182 3.13 -16.27 6.90
N GLY D 183 4.45 -16.36 7.07
CA GLY D 183 5.34 -15.41 6.44
C GLY D 183 5.37 -14.09 7.19
N HIS D 184 5.62 -13.02 6.41
CA HIS D 184 5.73 -11.67 6.97
C HIS D 184 4.56 -11.30 7.86
N ALA D 185 3.33 -11.52 7.38
CA ALA D 185 2.16 -11.20 8.20
C ALA D 185 2.21 -11.93 9.54
N LEU D 186 2.56 -13.22 9.51
CA LEU D 186 2.58 -13.97 10.76
C LEU D 186 3.53 -13.32 11.77
N GLU D 187 4.70 -12.87 11.31
CA GLU D 187 5.69 -12.45 12.29
C GLU D 187 5.29 -11.10 12.88
N LEU D 188 4.77 -10.19 12.06
CA LEU D 188 4.30 -8.90 12.56
C LEU D 188 2.99 -9.04 13.33
N TYR D 189 2.15 -9.98 12.97
CA TYR D 189 0.93 -10.18 13.75
C TYR D 189 1.28 -10.60 15.17
N LEU D 190 2.19 -11.56 15.30
CA LEU D 190 2.55 -12.10 16.61
C LEU D 190 3.21 -11.04 17.46
N VAL D 191 4.06 -10.23 16.85
CA VAL D 191 4.80 -9.24 17.61
C VAL D 191 3.90 -8.08 18.01
N ARG D 192 2.84 -7.81 17.23
CA ARG D 192 1.83 -6.83 17.63
C ARG D 192 1.04 -7.32 18.84
N LEU D 193 0.63 -8.59 18.84
CA LEU D 193 -0.03 -9.16 20.02
C LEU D 193 0.88 -9.05 21.23
N LEU D 194 2.19 -9.24 21.04
CA LEU D 194 3.12 -9.14 22.16
C LEU D 194 3.02 -7.76 22.79
N PHE D 195 3.18 -6.72 21.96
CA PHE D 195 3.07 -5.36 22.49
C PHE D 195 1.76 -5.17 23.27
N CYS D 196 0.65 -5.71 22.75
CA CYS D 196 -0.63 -5.57 23.42
C CYS D 196 -0.61 -6.22 24.80
N LEU D 197 -0.11 -7.44 24.90
CA LEU D 197 -0.03 -8.10 26.19
C LEU D 197 0.80 -7.28 27.16
N PHE D 198 1.90 -6.70 26.69
CA PHE D 198 2.72 -5.88 27.56
C PHE D 198 2.00 -4.59 27.91
N ALA D 199 1.31 -3.99 26.94
CA ALA D 199 0.71 -2.67 27.14
C ALA D 199 -0.45 -2.71 28.14
N GLU D 200 -1.23 -3.78 28.16
CA GLU D 200 -2.35 -3.84 29.11
C GLU D 200 -1.89 -4.04 30.54
N ASP D 201 -0.69 -4.57 30.74
CA ASP D 201 -0.15 -4.79 32.08
C ASP D 201 0.69 -3.61 32.55
N THR D 202 0.96 -2.67 31.68
CA THR D 202 1.57 -1.41 32.04
C THR D 202 0.52 -0.30 31.93
N THR D 203 0.97 0.92 32.03
CA THR D 203 0.03 2.02 31.90
C THR D 203 -0.18 2.43 30.44
N ILE D 204 0.24 1.62 29.46
CA ILE D 204 0.04 2.02 28.07
C ILE D 204 -1.42 1.92 27.70
N PHE D 205 -2.06 0.80 28.03
CA PHE D 205 -3.50 0.65 28.09
C PHE D 205 -3.93 0.69 29.55
N GLU D 206 -5.20 1.06 29.78
CA GLU D 206 -5.83 0.81 31.07
C GLU D 206 -5.67 -0.65 31.44
N LYS D 207 -5.60 -0.92 32.75
CA LYS D 207 -5.29 -2.26 33.24
C LYS D 207 -6.17 -3.34 32.58
N SER D 208 -5.54 -4.24 31.83
CA SER D 208 -6.20 -5.39 31.23
C SER D 208 -7.27 -5.00 30.22
N LEU D 209 -7.10 -3.84 29.56
CA LEU D 209 -8.08 -3.40 28.56
C LEU D 209 -8.11 -4.32 27.34
N PHE D 210 -7.01 -5.02 27.08
CA PHE D 210 -7.00 -5.92 25.93
C PHE D 210 -7.68 -7.23 26.28
N GLN D 211 -7.34 -7.79 27.44
CA GLN D 211 -8.01 -8.99 27.92
C GLN D 211 -9.52 -8.79 28.10
N GLU D 212 -9.93 -7.68 28.70
CA GLU D 212 -11.35 -7.44 28.93
C GLU D 212 -12.10 -7.26 27.62
N TYR D 213 -11.46 -6.68 26.61
CA TYR D 213 -12.15 -6.55 25.33
C TYR D 213 -12.40 -7.92 24.73
N ILE D 214 -11.37 -8.77 24.67
CA ILE D 214 -11.53 -10.11 24.14
C ILE D 214 -12.62 -10.87 24.88
N GLU D 215 -12.65 -10.74 26.21
CA GLU D 215 -13.59 -11.55 26.99
C GLU D 215 -15.02 -11.07 26.83
N THR D 216 -15.22 -9.78 26.50
CA THR D 216 -16.54 -9.19 26.46
C THR D 216 -17.10 -9.04 25.05
N LYS D 217 -16.31 -8.58 24.08
CA LYS D 217 -16.85 -8.27 22.76
C LYS D 217 -16.65 -9.40 21.76
N THR D 218 -16.15 -10.54 22.19
CA THR D 218 -15.65 -11.56 21.29
C THR D 218 -16.19 -12.92 21.69
N LEU D 219 -16.65 -13.67 20.68
CA LEU D 219 -17.39 -14.90 20.92
C LEU D 219 -16.49 -16.02 21.43
N GLU D 220 -17.06 -16.84 22.31
CA GLU D 220 -16.33 -17.93 22.94
C GLU D 220 -15.76 -18.91 21.93
N ASP D 221 -16.45 -19.15 20.82
CA ASP D 221 -15.92 -20.13 19.88
C ASP D 221 -14.76 -19.58 19.04
N GLY D 222 -14.46 -18.28 19.18
CA GLY D 222 -13.33 -17.71 18.50
C GLY D 222 -13.56 -17.35 17.04
N SER D 223 -14.79 -17.50 16.52
CA SER D 223 -15.04 -17.29 15.10
C SER D 223 -14.83 -15.84 14.66
N ASP D 224 -15.10 -14.87 15.54
CA ASP D 224 -15.02 -13.47 15.14
C ASP D 224 -13.79 -12.73 15.70
N LEU D 225 -12.89 -13.42 16.41
CA LEU D 225 -11.82 -12.72 17.10
C LEU D 225 -10.89 -12.01 16.14
N ALA D 226 -10.54 -12.64 15.03
CA ALA D 226 -9.63 -11.94 14.13
C ALA D 226 -10.30 -10.72 13.53
N HIS D 227 -11.62 -10.74 13.36
CA HIS D 227 -12.29 -9.55 12.85
C HIS D 227 -12.03 -8.38 13.78
N HIS D 228 -12.27 -8.59 15.07
CA HIS D 228 -12.04 -7.55 16.06
C HIS D 228 -10.58 -7.16 16.14
N ILE D 229 -9.67 -8.14 16.11
CA ILE D 229 -8.26 -7.79 16.28
C ILE D 229 -7.79 -6.96 15.10
N ASN D 230 -8.29 -7.27 13.91
CA ASN D 230 -7.91 -6.48 12.75
C ASN D 230 -8.33 -5.01 12.91
N THR D 231 -9.47 -4.76 13.54
CA THR D 231 -9.91 -3.38 13.71
C THR D 231 -9.14 -2.71 14.81
N LEU D 232 -8.92 -3.43 15.91
CA LEU D 232 -8.06 -2.95 16.97
C LEU D 232 -6.71 -2.49 16.43
N PHE D 233 -6.15 -3.18 15.43
CA PHE D 233 -4.88 -2.74 14.86
C PHE D 233 -5.04 -1.40 14.17
N TYR D 234 -6.06 -1.29 13.33
CA TYR D 234 -6.31 -0.02 12.65
C TYR D 234 -6.51 1.12 13.65
N VAL D 235 -7.13 0.85 14.80
CA VAL D 235 -7.36 1.94 15.75
C VAL D 235 -6.05 2.37 16.38
N LEU D 236 -5.19 1.42 16.76
CA LEU D 236 -3.86 1.74 17.29
C LEU D 236 -2.99 2.50 16.31
N ASN D 237 -3.37 2.60 15.04
CA ASN D 237 -2.60 3.41 14.10
C ASN D 237 -3.35 4.68 13.72
N THR D 238 -4.51 4.93 14.35
CA THR D 238 -5.39 6.04 14.04
C THR D 238 -5.40 7.06 15.18
N PRO D 239 -4.94 8.29 14.94
CA PRO D 239 -5.00 9.32 15.99
C PRO D 239 -6.43 9.59 16.41
N GLU D 240 -6.59 10.30 17.55
CA GLU D 240 -7.94 10.48 18.08
C GLU D 240 -8.77 11.38 17.18
N GLN D 241 -8.14 12.37 16.56
CA GLN D 241 -8.81 13.33 15.68
C GLN D 241 -9.26 12.72 14.35
N LYS D 242 -8.83 11.50 14.03
CA LYS D 242 -9.17 10.87 12.76
C LYS D 242 -10.01 9.61 12.93
N ARG D 243 -10.36 9.25 14.16
CA ARG D 243 -11.32 8.17 14.37
C ARG D 243 -12.73 8.62 14.02
N LEU D 244 -13.56 7.66 13.63
CA LEU D 244 -14.97 7.95 13.43
C LEU D 244 -15.58 8.52 14.70
N LYS D 245 -16.57 9.41 14.52
CA LYS D 245 -17.23 9.99 15.69
C LYS D 245 -18.13 8.99 16.41
N ASN D 246 -18.45 7.85 15.83
CA ASN D 246 -19.32 6.88 16.47
C ASN D 246 -18.60 5.58 16.80
N LEU D 247 -17.27 5.63 16.84
CA LEU D 247 -16.48 4.44 17.11
C LEU D 247 -16.86 3.84 18.45
N ASP D 248 -17.25 2.56 18.44
CA ASP D 248 -17.47 1.75 19.63
C ASP D 248 -16.63 2.24 20.81
N GLU D 249 -17.29 2.37 21.98
CA GLU D 249 -16.65 2.92 23.15
C GLU D 249 -15.49 2.05 23.64
N HIS D 250 -15.67 0.72 23.61
CA HIS D 250 -14.63 -0.16 24.14
C HIS D 250 -13.38 -0.13 23.26
N LEU D 251 -13.53 0.02 21.94
CA LEU D 251 -12.35 0.16 21.07
C LEU D 251 -11.74 1.55 21.16
N ALA D 252 -12.57 2.59 21.35
CA ALA D 252 -12.06 3.97 21.38
C ALA D 252 -11.15 4.22 22.57
N ALA D 253 -11.32 3.46 23.65
CA ALA D 253 -10.52 3.66 24.85
C ALA D 253 -9.04 3.31 24.62
N PHE D 254 -8.73 2.54 23.60
CA PHE D 254 -7.34 2.21 23.25
C PHE D 254 -6.65 3.42 22.63
N PRO D 255 -5.36 3.70 23.01
CA PRO D 255 -4.69 4.94 22.57
C PRO D 255 -4.01 4.86 21.21
N TYR D 256 -3.50 5.98 20.72
CA TYR D 256 -2.75 6.03 19.47
C TYR D 256 -1.30 5.56 19.68
N ILE D 257 -0.89 4.49 18.98
CA ILE D 257 0.44 3.91 19.13
C ILE D 257 1.35 4.24 17.94
N ASN D 258 0.84 4.10 16.71
CA ASN D 258 1.59 4.46 15.50
C ASN D 258 2.92 3.79 15.34
N GLY D 259 3.84 4.60 14.83
CA GLY D 259 5.16 4.15 14.45
C GLY D 259 5.13 2.94 13.53
N LYS D 260 6.33 2.41 13.29
CA LYS D 260 6.48 1.36 12.28
C LYS D 260 5.73 0.09 12.67
N LEU D 261 5.56 -0.17 13.99
CA LEU D 261 4.92 -1.40 14.44
C LEU D 261 3.50 -1.56 13.89
N PHE D 262 2.73 -0.47 13.76
CA PHE D 262 1.33 -0.59 13.38
C PHE D 262 0.96 0.05 12.04
N GLU D 263 1.92 0.56 11.28
CA GLU D 263 1.52 1.26 10.08
C GLU D 263 1.01 0.32 8.99
N GLU D 264 1.31 -1.02 9.05
CA GLU D 264 0.95 -1.88 7.91
C GLU D 264 -0.39 -2.55 8.14
N PRO D 265 -1.31 -2.45 7.18
CA PRO D 265 -2.57 -3.23 7.26
C PRO D 265 -2.30 -4.66 6.87
N LEU D 266 -2.71 -5.63 7.73
CA LEU D 266 -2.44 -7.04 7.55
C LEU D 266 -3.72 -7.80 7.19
N PRO D 267 -3.63 -8.87 6.39
CA PRO D 267 -4.81 -9.68 6.15
C PRO D 267 -5.34 -10.26 7.44
N PRO D 268 -6.65 -10.43 7.56
CA PRO D 268 -7.23 -10.92 8.81
C PRO D 268 -6.93 -12.39 9.01
N ALA D 269 -6.78 -12.77 10.27
CA ALA D 269 -6.40 -14.13 10.64
C ALA D 269 -7.69 -14.92 10.90
N GLN D 270 -7.60 -16.10 11.52
CA GLN D 270 -8.79 -16.88 11.85
C GLN D 270 -8.49 -17.74 13.06
N PHE D 271 -9.21 -17.50 14.15
CA PHE D 271 -9.04 -18.23 15.39
C PHE D 271 -10.19 -19.20 15.60
N ASP D 272 -10.02 -20.08 16.58
CA ASP D 272 -11.11 -20.95 17.02
C ASP D 272 -11.11 -20.92 18.54
N LYS D 273 -11.90 -21.79 19.18
CA LYS D 273 -11.99 -21.77 20.64
C LYS D 273 -10.61 -21.85 21.29
N ALA D 274 -9.77 -22.78 20.82
CA ALA D 274 -8.55 -23.08 21.57
C ALA D 274 -7.50 -21.98 21.39
N MET D 275 -7.35 -21.44 20.18
CA MET D 275 -6.42 -20.32 19.99
C MET D 275 -6.86 -19.09 20.78
N ARG D 276 -8.18 -18.86 20.85
CA ARG D 276 -8.67 -17.77 21.68
C ARG D 276 -8.33 -18.01 23.15
N GLU D 277 -8.56 -19.23 23.65
CA GLU D 277 -8.23 -19.50 25.04
C GLU D 277 -6.73 -19.35 25.26
N ALA D 278 -5.92 -19.81 24.31
CA ALA D 278 -4.48 -19.69 24.41
C ALA D 278 -4.04 -18.24 24.55
N LEU D 279 -4.70 -17.34 23.83
CA LEU D 279 -4.39 -15.92 23.93
C LEU D 279 -5.02 -15.29 25.18
N LEU D 280 -6.19 -15.78 25.59
CA LEU D 280 -6.69 -15.36 26.89
C LEU D 280 -5.80 -15.89 28.01
N ASP D 281 -5.17 -17.04 27.81
CA ASP D 281 -4.21 -17.55 28.79
C ASP D 281 -3.00 -16.63 28.89
N LEU D 282 -2.47 -16.18 27.76
CA LEU D 282 -1.34 -15.25 27.75
C LEU D 282 -1.72 -13.93 28.43
N CYS D 283 -2.88 -13.36 28.08
CA CYS D 283 -3.34 -12.11 28.70
C CYS D 283 -3.30 -12.17 30.21
N SER D 284 -3.70 -13.30 30.80
CA SER D 284 -3.85 -13.37 32.24
C SER D 284 -2.50 -13.34 32.99
N LEU D 285 -1.37 -13.26 32.30
CA LEU D 285 -0.08 -13.17 32.94
C LEU D 285 0.37 -11.71 32.99
N ASP D 286 1.46 -11.47 33.71
CA ASP D 286 2.00 -10.14 33.91
C ASP D 286 3.27 -10.01 33.07
N TRP D 287 3.18 -9.27 31.97
CA TRP D 287 4.28 -9.03 31.04
C TRP D 287 5.11 -7.82 31.43
N SER D 288 4.84 -7.26 32.60
CA SER D 288 5.52 -6.05 33.02
C SER D 288 7.05 -6.24 33.08
N ARG D 289 7.53 -7.35 33.63
CA ARG D 289 8.97 -7.53 33.81
C ARG D 289 9.52 -8.50 32.76
N ILE D 290 9.45 -8.06 31.52
CA ILE D 290 9.85 -8.88 30.39
C ILE D 290 11.31 -8.59 30.09
N SER D 291 12.08 -9.66 29.91
CA SER D 291 13.52 -9.64 29.98
C SER D 291 14.11 -10.34 28.76
N PRO D 292 15.41 -10.18 28.55
CA PRO D 292 16.07 -10.94 27.48
C PRO D 292 15.76 -12.43 27.45
N ALA D 293 15.62 -13.08 28.61
CA ALA D 293 15.35 -14.52 28.57
C ALA D 293 14.02 -14.83 27.92
N ILE D 294 13.00 -13.99 28.16
CA ILE D 294 11.71 -14.17 27.49
C ILE D 294 11.88 -14.02 25.99
N PHE D 295 12.37 -12.86 25.55
CA PHE D 295 12.58 -12.61 24.13
C PHE D 295 13.32 -13.77 23.48
N GLY D 296 14.44 -14.17 24.10
CA GLY D 296 15.24 -15.25 23.54
C GLY D 296 14.49 -16.56 23.44
N SER D 297 13.77 -16.93 24.51
CA SER D 297 13.01 -18.18 24.50
C SER D 297 11.92 -18.17 23.45
N LEU D 298 11.19 -17.05 23.35
CA LEU D 298 10.18 -16.93 22.32
C LEU D 298 10.74 -17.21 20.94
N PHE D 299 12.00 -16.84 20.71
CA PHE D 299 12.60 -16.94 19.38
C PHE D 299 13.21 -18.31 19.14
N GLN D 300 13.65 -18.98 20.19
CA GLN D 300 14.13 -20.34 20.03
C GLN D 300 12.99 -21.29 19.74
N SER D 301 11.80 -21.02 20.27
CA SER D 301 10.75 -22.03 20.26
C SER D 301 9.96 -22.09 18.96
N ILE D 302 10.14 -21.16 18.03
CA ILE D 302 9.41 -21.35 16.77
C ILE D 302 10.29 -22.09 15.77
N MET D 303 11.40 -22.66 16.22
CA MET D 303 12.34 -23.26 15.29
C MET D 303 12.60 -24.72 15.61
N ASP D 304 12.62 -25.53 14.53
CA ASP D 304 12.97 -26.94 14.59
C ASP D 304 14.42 -27.13 15.04
N ALA D 305 14.70 -28.28 15.65
CA ALA D 305 16.04 -28.55 16.15
C ALA D 305 17.09 -28.39 15.04
N LYS D 306 16.82 -28.93 13.86
CA LYS D 306 17.77 -28.77 12.76
C LYS D 306 17.98 -27.30 12.45
N LYS D 307 16.92 -26.50 12.51
CA LYS D 307 17.06 -25.11 12.11
C LYS D 307 17.76 -24.29 13.18
N ARG D 308 17.48 -24.55 14.46
CA ARG D 308 18.21 -23.85 15.53
C ARG D 308 19.69 -24.08 15.39
N ARG D 309 20.11 -25.35 15.24
CA ARG D 309 21.52 -25.67 15.16
C ARG D 309 22.16 -24.99 13.95
N ASN D 310 21.52 -25.09 12.81
CA ASN D 310 22.16 -24.71 11.56
C ASN D 310 22.33 -23.20 11.44
N LEU D 311 21.42 -22.41 12.01
CA LEU D 311 21.53 -20.96 12.06
C LEU D 311 22.08 -20.46 13.38
N GLY D 312 22.51 -21.36 14.26
CA GLY D 312 22.95 -20.91 15.57
C GLY D 312 21.93 -20.07 16.29
N ALA D 313 20.65 -20.40 16.17
CA ALA D 313 19.61 -19.66 16.88
C ALA D 313 19.64 -20.07 18.35
N HIS D 314 20.60 -19.51 19.09
CA HIS D 314 20.65 -19.61 20.54
C HIS D 314 20.84 -18.23 21.10
N TYR D 315 19.98 -17.86 22.05
CA TYR D 315 20.02 -16.52 22.58
C TYR D 315 21.11 -16.41 23.65
N THR D 316 21.70 -15.22 23.75
CA THR D 316 22.81 -14.97 24.66
C THR D 316 22.30 -14.50 26.02
N SER D 317 22.82 -15.13 27.07
CA SER D 317 22.47 -14.78 28.45
C SER D 317 22.69 -13.30 28.71
N GLU D 318 21.93 -12.78 29.66
CA GLU D 318 22.26 -11.47 30.19
C GLU D 318 23.66 -11.47 30.79
N ALA D 319 24.04 -12.57 31.45
CA ALA D 319 25.37 -12.65 32.04
C ALA D 319 26.45 -12.48 30.98
N ASN D 320 26.34 -13.19 29.85
CA ASN D 320 27.39 -13.11 28.83
C ASN D 320 27.34 -11.80 28.06
N ILE D 321 26.16 -11.20 27.89
CA ILE D 321 26.09 -9.85 27.34
C ILE D 321 26.84 -8.88 28.24
N LEU D 322 26.61 -8.97 29.56
CA LEU D 322 27.32 -8.08 30.46
C LEU D 322 28.83 -8.35 30.46
N LYS D 323 29.25 -9.63 30.31
CA LYS D 323 30.68 -9.93 30.24
C LYS D 323 31.35 -9.15 29.13
N LEU D 324 30.59 -8.82 28.09
CA LEU D 324 31.16 -8.30 26.86
C LEU D 324 31.02 -6.79 26.74
N ILE D 325 29.93 -6.21 27.25
CA ILE D 325 29.81 -4.76 27.11
C ILE D 325 30.56 -4.04 28.24
N LYS D 326 30.69 -4.65 29.41
CA LYS D 326 31.50 -4.04 30.48
C LYS D 326 32.89 -3.65 29.98
N PRO D 327 33.70 -4.56 29.41
CA PRO D 327 34.98 -4.15 28.84
C PRO D 327 34.87 -3.24 27.63
N LEU D 328 33.82 -3.38 26.83
CA LEU D 328 33.86 -2.75 25.51
C LEU D 328 33.57 -1.26 25.60
N PHE D 329 32.61 -0.87 26.44
CA PHE D 329 32.33 0.56 26.63
C PHE D 329 31.81 0.86 28.03
N LEU D 330 31.04 -0.06 28.61
CA LEU D 330 30.19 0.27 29.75
C LEU D 330 30.99 0.58 31.02
N ASP D 331 32.02 -0.20 31.33
CA ASP D 331 32.84 0.12 32.50
C ASP D 331 33.46 1.52 32.38
N GLU D 332 34.17 1.78 31.27
CA GLU D 332 34.70 3.12 30.97
C GLU D 332 33.67 4.22 31.26
N LEU D 333 32.45 4.07 30.71
CA LEU D 333 31.45 5.13 30.82
C LEU D 333 31.08 5.44 32.27
N TRP D 334 31.14 4.46 33.19
CA TRP D 334 30.85 4.79 34.59
C TRP D 334 32.06 5.46 35.27
N VAL D 335 33.27 5.08 34.89
CA VAL D 335 34.44 5.79 35.39
C VAL D 335 34.38 7.25 34.97
N GLU D 336 34.00 7.51 33.71
CA GLU D 336 33.97 8.90 33.23
C GLU D 336 32.87 9.67 33.92
N PHE D 337 31.70 9.05 34.06
CA PHE D 337 30.60 9.65 34.82
C PHE D 337 31.07 10.10 36.21
N GLU D 338 31.62 9.17 36.99
CA GLU D 338 32.12 9.51 38.32
C GLU D 338 33.09 10.68 38.27
N LYS D 339 33.94 10.72 37.24
CA LYS D 339 34.89 11.81 37.08
C LYS D 339 34.20 13.15 36.90
N VAL D 340 33.13 13.22 36.12
CA VAL D 340 32.53 14.49 35.73
C VAL D 340 31.22 14.77 36.44
N LYS D 341 30.84 13.91 37.40
CA LYS D 341 29.50 13.95 38.00
C LYS D 341 29.15 15.31 38.59
N ASN D 342 30.12 16.02 39.18
CA ASN D 342 29.81 17.22 39.94
C ASN D 342 30.13 18.53 39.22
N ASN D 343 30.67 18.48 38.00
CA ASN D 343 30.86 19.66 37.15
C ASN D 343 29.72 19.70 36.14
N LYS D 344 28.82 20.68 36.29
CA LYS D 344 27.62 20.75 35.45
C LYS D 344 27.98 20.78 33.96
N ASN D 345 28.87 21.67 33.55
CA ASN D 345 29.20 21.75 32.12
C ASN D 345 29.78 20.43 31.61
N LYS D 346 30.64 19.79 32.40
CA LYS D 346 31.22 18.53 31.94
C LYS D 346 30.16 17.43 31.85
N LEU D 347 29.12 17.51 32.67
CA LEU D 347 28.10 16.46 32.69
C LEU D 347 27.11 16.64 31.56
N LEU D 348 26.89 17.89 31.14
CA LEU D 348 26.10 18.15 29.96
C LEU D 348 26.85 17.84 28.67
N ALA D 349 28.19 17.82 28.69
CA ALA D 349 28.92 17.34 27.52
C ALA D 349 28.99 15.83 27.50
N PHE D 350 29.05 15.22 28.69
CA PHE D 350 28.95 13.77 28.80
C PHE D 350 27.63 13.29 28.23
N HIS D 351 26.55 14.00 28.52
CA HIS D 351 25.23 13.55 28.07
C HIS D 351 25.12 13.63 26.54
N LYS D 352 25.64 14.70 25.93
CA LYS D 352 25.71 14.72 24.47
C LYS D 352 26.52 13.54 23.94
N LYS D 353 27.53 13.09 24.70
CA LYS D 353 28.30 11.93 24.26
C LYS D 353 27.42 10.68 24.23
N LEU D 354 26.66 10.45 25.30
CA LEU D 354 25.84 9.24 25.33
C LEU D 354 24.82 9.25 24.19
N ARG D 355 24.14 10.37 23.98
CA ARG D 355 23.19 10.50 22.88
C ARG D 355 23.80 10.19 21.53
N GLY D 356 25.10 10.46 21.34
CA GLY D 356 25.71 10.26 20.03
C GLY D 356 26.36 8.91 19.83
N LEU D 357 26.18 7.98 20.76
CA LEU D 357 26.76 6.64 20.66
C LEU D 357 25.84 5.74 19.83
N THR D 358 26.41 5.05 18.85
CA THR D 358 25.69 4.07 18.05
C THR D 358 26.23 2.67 18.31
N PHE D 359 25.31 1.70 18.36
CA PHE D 359 25.66 0.31 18.58
C PHE D 359 25.15 -0.52 17.41
N PHE D 360 25.90 -1.56 17.03
CA PHE D 360 25.66 -2.29 15.80
C PHE D 360 25.88 -3.77 16.02
N ASP D 361 24.85 -4.58 15.78
CA ASP D 361 24.95 -6.03 15.98
C ASP D 361 24.56 -6.76 14.70
N PRO D 362 25.51 -7.19 13.87
CA PRO D 362 25.17 -8.11 12.78
C PRO D 362 25.07 -9.52 13.35
N ALA D 363 23.98 -10.20 13.05
CA ALA D 363 23.57 -11.47 13.66
C ALA D 363 22.90 -11.24 15.03
N CYS D 364 22.00 -10.25 15.10
CA CYS D 364 21.49 -9.76 16.38
C CYS D 364 20.48 -10.69 17.03
N GLY D 365 20.01 -11.73 16.36
CA GLY D 365 18.99 -12.55 16.98
C GLY D 365 17.77 -11.74 17.36
N CYS D 366 17.18 -12.07 18.50
CA CYS D 366 16.04 -11.35 19.07
C CYS D 366 16.41 -10.01 19.69
N GLY D 367 17.67 -9.58 19.60
CA GLY D 367 18.02 -8.20 19.91
C GLY D 367 18.65 -7.94 21.26
N ASN D 368 19.09 -8.97 21.98
CA ASN D 368 19.45 -8.83 23.38
C ASN D 368 20.67 -7.93 23.61
N PHE D 369 21.65 -7.92 22.71
CA PHE D 369 22.78 -7.04 22.98
C PHE D 369 22.36 -5.59 22.87
N LEU D 370 21.39 -5.30 21.99
CA LEU D 370 20.84 -3.96 21.93
C LEU D 370 19.94 -3.68 23.13
N VAL D 371 19.10 -4.65 23.51
CA VAL D 371 18.16 -4.41 24.60
C VAL D 371 18.91 -4.16 25.90
N ILE D 372 19.93 -4.97 26.20
CA ILE D 372 20.66 -4.79 27.45
C ILE D 372 21.52 -3.51 27.42
N THR D 373 22.23 -3.27 26.31
CA THR D 373 23.00 -2.04 26.20
C THR D 373 22.11 -0.82 26.37
N TYR D 374 20.96 -0.80 25.68
CA TYR D 374 20.04 0.30 25.83
C TYR D 374 19.57 0.45 27.27
N ARG D 375 19.30 -0.66 27.95
CA ARG D 375 18.82 -0.56 29.32
C ARG D 375 19.91 0.00 30.23
N GLU D 376 21.13 -0.53 30.12
CA GLU D 376 22.25 0.00 30.88
C GLU D 376 22.44 1.49 30.64
N LEU D 377 22.45 1.92 29.37
CA LEU D 377 22.52 3.33 29.08
C LEU D 377 21.36 4.11 29.69
N ARG D 378 20.19 3.49 29.83
CA ARG D 378 19.11 4.21 30.51
C ARG D 378 19.42 4.36 31.99
N LEU D 379 19.96 3.31 32.62
CA LEU D 379 20.28 3.40 34.05
C LEU D 379 21.37 4.41 34.29
N LEU D 380 22.40 4.40 33.44
CA LEU D 380 23.38 5.47 33.49
C LEU D 380 22.71 6.82 33.33
N GLU D 381 21.75 6.93 32.42
CA GLU D 381 21.19 8.25 32.13
C GLU D 381 20.29 8.77 33.25
N ILE D 382 19.61 7.88 33.99
CA ILE D 382 18.93 8.31 35.21
C ILE D 382 19.91 9.04 36.11
N GLU D 383 21.10 8.47 36.32
CA GLU D 383 22.06 9.09 37.23
C GLU D 383 22.58 10.41 36.69
N VAL D 384 22.78 10.50 35.37
CA VAL D 384 23.26 11.74 34.77
C VAL D 384 22.23 12.85 34.96
N LEU D 385 20.96 12.54 34.69
CA LEU D 385 19.91 13.51 34.96
C LEU D 385 19.84 13.84 36.44
N ARG D 386 20.05 12.85 37.31
CA ARG D 386 19.99 13.14 38.74
C ARG D 386 21.07 14.13 39.13
N GLY D 387 22.19 14.11 38.41
CA GLY D 387 23.27 15.04 38.66
C GLY D 387 23.13 16.37 37.97
N LEU D 388 22.32 16.44 36.92
CA LEU D 388 22.11 17.71 36.26
C LEU D 388 21.07 18.56 36.96
N HIS D 389 20.20 17.93 37.76
CA HIS D 389 19.06 18.60 38.37
C HIS D 389 19.50 19.84 39.13
N ARG D 390 19.16 21.01 38.58
CA ARG D 390 19.45 22.30 39.18
C ARG D 390 18.24 22.91 39.86
N GLY D 391 17.08 22.24 39.82
CA GLY D 391 15.83 22.70 40.40
C GLY D 391 15.57 22.27 41.83
N GLY D 392 16.59 21.78 42.55
CA GLY D 392 16.48 21.45 43.96
C GLY D 392 15.35 20.48 44.28
N GLN D 393 14.25 21.00 44.80
CA GLN D 393 13.14 20.16 45.25
C GLN D 393 11.97 20.15 44.27
N GLN D 394 12.04 20.94 43.21
CA GLN D 394 11.07 20.79 42.16
C GLN D 394 11.18 19.40 41.53
N VAL D 395 10.15 19.04 40.78
CA VAL D 395 10.16 17.82 40.00
C VAL D 395 11.06 17.99 38.77
N LEU D 396 11.90 16.99 38.51
CA LEU D 396 12.75 17.05 37.31
C LEU D 396 11.92 16.84 36.05
N ASP D 397 12.25 17.60 35.01
CA ASP D 397 11.45 17.67 33.79
C ASP D 397 11.99 16.67 32.76
N ILE D 398 11.63 15.39 32.98
CA ILE D 398 12.17 14.31 32.16
C ILE D 398 12.06 14.65 30.67
N GLU D 399 10.86 15.02 30.22
CA GLU D 399 10.59 15.20 28.79
C GLU D 399 11.60 16.10 28.11
N HIS D 400 12.04 17.17 28.76
CA HIS D 400 12.95 18.12 28.12
C HIS D 400 14.39 17.92 28.54
N LEU D 401 14.65 17.01 29.49
CA LEU D 401 16.01 16.60 29.81
C LEU D 401 16.44 15.35 29.02
N ILE D 402 15.62 14.29 29.05
CA ILE D 402 16.01 12.99 28.51
C ILE D 402 16.38 13.06 27.04
N GLN D 403 17.21 12.13 26.59
CA GLN D 403 17.80 12.21 25.25
C GLN D 403 17.98 10.83 24.61
N ILE D 404 18.47 9.84 25.37
CA ILE D 404 18.79 8.54 24.80
C ILE D 404 17.52 7.86 24.29
N ASN D 405 17.60 7.28 23.10
CA ASN D 405 16.43 6.67 22.49
C ASN D 405 16.86 5.45 21.69
N VAL D 406 15.88 4.80 21.06
CA VAL D 406 16.14 3.53 20.40
C VAL D 406 16.69 3.72 19.01
N ASP D 407 16.67 4.94 18.49
CA ASP D 407 17.26 5.16 17.17
C ASP D 407 18.77 5.08 17.18
N GLN D 408 19.38 4.65 18.28
CA GLN D 408 20.82 4.55 18.38
C GLN D 408 21.32 3.16 18.10
N PHE D 409 20.41 2.23 17.82
CA PHE D 409 20.69 0.81 17.83
C PHE D 409 20.40 0.21 16.46
N PHE D 410 21.34 -0.58 15.96
CA PHE D 410 21.31 -1.07 14.59
C PHE D 410 21.61 -2.57 14.60
N GLY D 411 21.06 -3.29 13.62
CA GLY D 411 21.18 -4.73 13.63
C GLY D 411 20.96 -5.34 12.27
N ILE D 412 21.53 -6.53 12.08
CA ILE D 412 21.22 -7.39 10.94
C ILE D 412 20.85 -8.77 11.46
N GLU D 413 19.82 -9.38 10.87
CA GLU D 413 19.34 -10.66 11.35
C GLU D 413 18.61 -11.35 10.21
N ILE D 414 19.03 -12.58 9.91
CA ILE D 414 18.62 -13.22 8.68
C ILE D 414 17.16 -13.68 8.75
N GLU D 415 16.64 -13.98 9.94
CA GLU D 415 15.30 -14.53 10.08
C GLU D 415 14.34 -13.42 10.52
N GLU D 416 13.25 -13.24 9.77
CA GLU D 416 12.38 -12.10 9.98
C GLU D 416 11.81 -12.05 11.39
N PHE D 417 11.41 -13.20 11.94
CA PHE D 417 10.78 -13.17 13.26
C PHE D 417 11.71 -12.57 14.30
N PRO D 418 12.92 -13.09 14.55
CA PRO D 418 13.80 -12.40 15.51
C PRO D 418 14.04 -10.96 15.13
N ALA D 419 14.12 -10.65 13.83
CA ALA D 419 14.30 -9.27 13.44
C ALA D 419 13.07 -8.42 13.80
N GLN D 420 11.88 -9.03 13.87
CA GLN D 420 10.71 -8.29 14.34
C GLN D 420 10.66 -8.21 15.85
N ILE D 421 11.10 -9.26 16.54
CA ILE D 421 11.14 -9.20 18.00
C ILE D 421 12.21 -8.20 18.45
N ALA D 422 13.25 -7.99 17.66
CA ALA D 422 14.26 -7.02 18.05
C ALA D 422 13.65 -5.64 18.21
N GLN D 423 12.91 -5.19 17.19
CA GLN D 423 12.27 -3.89 17.24
C GLN D 423 11.34 -3.76 18.44
N VAL D 424 10.41 -4.70 18.58
CA VAL D 424 9.44 -4.62 19.67
C VAL D 424 10.14 -4.71 21.02
N ALA D 425 11.20 -5.50 21.13
CA ALA D 425 11.93 -5.61 22.39
C ALA D 425 12.54 -4.28 22.81
N LEU D 426 13.14 -3.56 21.87
CA LEU D 426 13.69 -2.24 22.16
C LEU D 426 12.61 -1.28 22.68
N TRP D 427 11.45 -1.21 22.03
CA TRP D 427 10.41 -0.31 22.53
C TRP D 427 9.88 -0.78 23.88
N LEU D 428 9.75 -2.09 24.08
CA LEU D 428 9.22 -2.54 25.36
C LEU D 428 10.19 -2.25 26.48
N THR D 429 11.49 -2.40 26.22
CA THR D 429 12.46 -1.99 27.23
C THR D 429 12.40 -0.49 27.44
N ASP D 430 12.33 0.26 26.33
CA ASP D 430 12.24 1.71 26.42
C ASP D 430 11.08 2.14 27.30
N HIS D 431 9.90 1.53 27.13
CA HIS D 431 8.80 1.87 28.02
C HIS D 431 9.10 1.46 29.46
N GLN D 432 9.73 0.29 29.64
CA GLN D 432 10.11 -0.16 30.99
C GLN D 432 11.02 0.85 31.67
N MET D 433 12.06 1.29 30.96
CA MET D 433 12.96 2.30 31.49
C MET D 433 12.25 3.62 31.71
N ASN D 434 11.33 3.97 30.82
CA ASN D 434 10.48 5.13 31.05
C ASN D 434 9.72 4.98 32.36
N MET D 435 9.18 3.79 32.64
CA MET D 435 8.46 3.64 33.90
C MET D 435 9.43 3.66 35.09
N LYS D 436 10.68 3.26 34.89
CA LYS D 436 11.65 3.34 36.00
C LYS D 436 12.00 4.78 36.31
N ILE D 437 12.31 5.58 35.28
CA ILE D 437 12.62 6.99 35.49
C ILE D 437 11.39 7.73 35.98
N SER D 438 10.19 7.28 35.60
CA SER D 438 8.98 7.91 36.13
C SER D 438 8.91 7.74 37.64
N ASP D 439 9.33 6.58 38.14
CA ASP D 439 9.27 6.28 39.57
C ASP D 439 10.35 7.02 40.35
N GLU D 440 11.53 7.16 39.77
CA GLU D 440 12.63 7.83 40.45
C GLU D 440 12.28 9.27 40.78
N PHE D 441 11.77 10.01 39.81
CA PHE D 441 11.57 11.45 39.95
C PHE D 441 10.11 11.83 40.14
N GLY D 442 9.19 10.87 40.18
CA GLY D 442 7.80 11.16 40.47
C GLY D 442 7.03 12.02 39.48
N ASN D 443 7.20 11.78 38.17
CA ASN D 443 6.24 12.34 37.23
C ASN D 443 6.21 11.45 35.99
N TYR D 444 4.99 11.21 35.48
CA TYR D 444 4.78 10.18 34.47
C TYR D 444 5.45 10.57 33.16
N PHE D 445 6.25 9.67 32.60
CA PHE D 445 6.88 9.93 31.32
C PHE D 445 6.77 8.69 30.43
N ALA D 446 6.31 8.89 29.19
CA ALA D 446 6.24 7.82 28.21
C ALA D 446 6.64 8.36 26.85
N ARG D 447 6.85 7.43 25.91
CA ARG D 447 7.13 7.75 24.52
C ARG D 447 6.11 7.03 23.64
N ILE D 448 4.85 7.44 23.81
CA ILE D 448 3.71 6.88 23.12
C ILE D 448 2.95 8.05 22.51
N PRO D 449 2.75 8.10 21.18
CA PRO D 449 3.05 7.09 20.17
C PRO D 449 4.53 6.92 19.93
N LEU D 450 4.87 5.87 19.20
CA LEU D 450 6.25 5.48 18.93
C LEU D 450 6.79 6.36 17.81
N LYS D 451 7.39 7.48 18.17
CA LYS D 451 7.99 8.31 17.13
C LYS D 451 9.40 7.87 16.76
N SER D 452 10.07 7.10 17.61
CA SER D 452 11.49 6.77 17.46
C SER D 452 11.66 5.31 17.10
N THR D 453 12.49 5.01 16.09
CA THR D 453 12.49 3.60 15.71
C THR D 453 13.91 3.03 15.58
N PRO D 454 14.10 1.80 16.05
CA PRO D 454 15.38 1.10 15.86
C PRO D 454 15.66 0.89 14.38
N HIS D 455 16.86 0.43 14.06
CA HIS D 455 17.25 0.19 12.68
C HIS D 455 17.74 -1.24 12.53
N ILE D 456 16.82 -2.18 12.74
CA ILE D 456 17.08 -3.59 12.50
C ILE D 456 16.81 -3.88 11.02
N LEU D 457 17.73 -4.60 10.38
CA LEU D 457 17.56 -4.96 8.97
C LEU D 457 17.45 -6.47 8.84
N ASN D 458 16.36 -6.95 8.27
CA ASN D 458 16.17 -8.38 8.03
C ASN D 458 16.87 -8.71 6.72
N ALA D 459 18.11 -9.17 6.82
CA ALA D 459 18.91 -9.51 5.66
C ALA D 459 20.01 -10.47 6.10
N ASN D 460 20.96 -10.68 5.22
CA ASN D 460 22.02 -11.67 5.40
C ASN D 460 23.30 -10.88 5.54
N ALA D 461 23.87 -10.87 6.74
CA ALA D 461 24.95 -9.93 7.02
C ALA D 461 26.21 -10.20 6.20
N LEU D 462 26.39 -11.43 5.70
CA LEU D 462 27.57 -11.76 4.92
C LEU D 462 27.51 -11.27 3.47
N GLN D 463 26.32 -10.98 2.94
CA GLN D 463 26.15 -10.60 1.53
C GLN D 463 26.02 -9.11 1.28
N ILE D 464 25.42 -8.37 2.21
CA ILE D 464 25.21 -6.94 2.04
C ILE D 464 26.43 -6.15 2.51
N ASP D 465 26.49 -4.89 2.09
CA ASP D 465 27.47 -3.97 2.62
C ASP D 465 26.92 -3.39 3.91
N TRP D 466 27.72 -3.45 4.98
CA TRP D 466 27.24 -3.04 6.30
C TRP D 466 26.94 -1.54 6.35
N ASN D 467 27.57 -0.76 5.48
CA ASN D 467 27.29 0.67 5.48
C ASN D 467 25.84 0.96 5.10
N ASP D 468 25.20 0.06 4.35
CA ASP D 468 23.79 0.26 4.00
C ASP D 468 22.90 0.22 5.24
N VAL D 469 23.41 -0.27 6.37
CA VAL D 469 22.69 -0.18 7.64
C VAL D 469 23.15 1.02 8.45
N LEU D 470 24.45 1.30 8.46
CA LEU D 470 25.02 2.37 9.27
C LEU D 470 26.37 2.72 8.65
N GLU D 471 26.49 3.93 8.12
CA GLU D 471 27.79 4.40 7.64
C GLU D 471 28.81 4.35 8.77
N ALA D 472 29.94 3.70 8.51
CA ALA D 472 30.98 3.49 9.52
C ALA D 472 31.36 4.79 10.23
N LYS D 473 31.41 5.90 9.48
CA LYS D 473 31.70 7.20 10.09
C LYS D 473 30.79 7.50 11.27
N LYS D 474 29.57 6.97 11.26
CA LYS D 474 28.60 7.21 12.32
C LYS D 474 28.50 6.06 13.32
N CYS D 475 29.41 5.10 13.26
CA CYS D 475 29.29 3.92 14.10
C CYS D 475 30.27 4.01 15.26
N CYS D 476 29.87 3.49 16.42
CA CYS D 476 30.78 3.46 17.56
C CYS D 476 31.13 2.07 18.03
N PHE D 477 30.19 1.13 18.05
CA PHE D 477 30.48 -0.18 18.62
C PHE D 477 29.85 -1.28 17.79
N ILE D 478 30.54 -2.43 17.76
CA ILE D 478 30.12 -3.62 17.02
C ILE D 478 30.18 -4.80 17.98
N LEU D 479 29.01 -5.30 18.39
CA LEU D 479 28.93 -6.45 19.29
C LEU D 479 27.98 -7.49 18.70
N GLY D 480 28.07 -8.71 19.20
CA GLY D 480 27.10 -9.72 18.86
C GLY D 480 27.67 -11.11 19.10
N ASN D 481 26.86 -12.10 18.73
CA ASN D 481 27.15 -13.51 19.00
C ASN D 481 26.76 -14.31 17.76
N PRO D 482 27.56 -14.21 16.71
CA PRO D 482 27.20 -14.77 15.38
C PRO D 482 27.07 -16.28 15.44
N PRO D 483 26.49 -16.90 14.41
CA PRO D 483 26.29 -18.36 14.44
C PRO D 483 27.60 -19.12 14.39
N PHE D 484 27.66 -20.22 15.16
CA PHE D 484 28.79 -21.15 15.07
C PHE D 484 28.31 -22.34 14.24
N VAL D 485 28.90 -22.52 13.07
CA VAL D 485 28.66 -23.72 12.29
C VAL D 485 29.99 -24.19 11.77
N GLY D 486 30.39 -25.40 12.16
CA GLY D 486 31.69 -25.91 11.78
C GLY D 486 31.78 -26.25 10.31
N LYS D 487 33.02 -26.55 9.91
CA LYS D 487 33.39 -26.55 8.49
C LYS D 487 32.63 -27.61 7.71
N SER D 488 32.22 -28.69 8.39
CA SER D 488 31.60 -29.85 7.79
C SER D 488 30.11 -29.89 8.03
N LYS D 489 29.55 -28.90 8.72
CA LYS D 489 28.14 -28.90 9.07
C LYS D 489 27.34 -27.80 8.41
N GLN D 490 27.93 -27.03 7.49
CA GLN D 490 27.25 -25.85 6.96
C GLN D 490 26.67 -26.07 5.56
N THR D 491 25.53 -25.41 5.30
CA THR D 491 24.81 -25.62 4.03
C THR D 491 25.62 -25.04 2.87
N PRO D 492 25.20 -25.31 1.63
CA PRO D 492 25.93 -24.73 0.49
C PRO D 492 26.00 -23.22 0.50
N GLY D 493 24.90 -22.54 0.84
CA GLY D 493 24.89 -21.08 0.79
C GLY D 493 25.81 -20.44 1.83
N GLN D 494 25.90 -21.04 3.02
CA GLN D 494 26.83 -20.47 3.98
C GLN D 494 28.28 -20.79 3.65
N LYS D 495 28.58 -21.95 3.04
CA LYS D 495 29.94 -22.15 2.52
C LYS D 495 30.26 -21.09 1.49
N ALA D 496 29.32 -20.85 0.59
CA ALA D 496 29.50 -19.81 -0.41
C ALA D 496 29.65 -18.44 0.26
N ASP D 497 28.86 -18.18 1.31
CA ASP D 497 28.98 -16.93 2.07
C ASP D 497 30.39 -16.78 2.64
N LEU D 498 30.82 -17.76 3.44
CA LEU D 498 32.17 -17.77 3.98
C LEU D 498 33.21 -17.55 2.88
N LEU D 499 33.06 -18.22 1.74
CA LEU D 499 34.10 -18.04 0.72
C LEU D 499 34.05 -16.66 0.08
N SER D 500 32.89 -15.99 0.09
CA SER D 500 32.85 -14.61 -0.37
C SER D 500 33.62 -13.70 0.58
N VAL D 501 33.52 -13.96 1.88
CA VAL D 501 34.21 -13.14 2.87
C VAL D 501 35.74 -13.33 2.80
N PHE D 502 36.19 -14.53 2.42
CA PHE D 502 37.61 -14.86 2.46
C PHE D 502 38.27 -14.97 1.10
N GLY D 503 37.50 -15.02 0.00
CA GLY D 503 38.11 -15.07 -1.33
C GLY D 503 38.88 -16.36 -1.60
N ASN D 504 40.03 -16.20 -2.27
CA ASN D 504 40.83 -17.32 -2.73
C ASN D 504 41.86 -17.79 -1.69
N LEU D 505 41.68 -17.44 -0.42
CA LEU D 505 42.62 -17.85 0.62
C LEU D 505 42.66 -19.37 0.76
N LYS D 506 43.87 -19.94 0.78
CA LYS D 506 43.99 -21.39 0.81
C LYS D 506 43.36 -21.96 2.08
N SER D 507 42.59 -23.04 1.91
CA SER D 507 41.90 -23.79 2.97
C SER D 507 40.89 -22.95 3.74
N ALA D 508 40.48 -21.81 3.18
CA ALA D 508 39.45 -21.01 3.83
C ALA D 508 38.22 -21.83 4.15
N SER D 509 37.86 -22.79 3.28
CA SER D 509 36.71 -23.66 3.50
C SER D 509 36.71 -24.34 4.87
N ASP D 510 37.85 -24.36 5.57
CA ASP D 510 38.05 -25.05 6.83
C ASP D 510 37.70 -24.21 8.05
N LEU D 511 37.25 -22.98 7.84
CA LEU D 511 36.92 -22.05 8.90
C LEU D 511 35.49 -22.20 9.36
N ASP D 512 35.28 -22.14 10.67
CA ASP D 512 33.92 -22.08 11.18
C ASP D 512 33.24 -20.81 10.68
N LEU D 513 31.94 -20.92 10.38
CA LEU D 513 31.19 -19.81 9.78
C LEU D 513 31.36 -18.52 10.57
N VAL D 514 31.43 -18.61 11.91
CA VAL D 514 31.48 -17.40 12.75
C VAL D 514 32.69 -16.55 12.39
N ALA D 515 33.75 -17.18 11.91
CA ALA D 515 34.92 -16.43 11.47
C ALA D 515 34.57 -15.39 10.42
N ALA D 516 33.53 -15.66 9.62
CA ALA D 516 33.22 -14.78 8.49
C ALA D 516 32.83 -13.38 8.95
N TRP D 517 32.31 -13.26 10.16
CA TRP D 517 32.01 -11.94 10.69
C TRP D 517 33.25 -11.16 11.05
N TYR D 518 34.44 -11.80 11.03
CA TYR D 518 35.62 -11.09 11.53
C TYR D 518 36.24 -10.27 10.40
N PRO D 519 36.56 -10.85 9.22
CA PRO D 519 37.00 -9.99 8.09
C PRO D 519 35.97 -8.96 7.69
N LYS D 520 34.68 -9.30 7.83
CA LYS D 520 33.65 -8.32 7.55
C LYS D 520 33.81 -7.12 8.46
N ALA D 521 33.82 -7.35 9.78
CA ALA D 521 34.00 -6.24 10.72
C ALA D 521 35.32 -5.53 10.49
N ALA D 522 36.37 -6.28 10.11
CA ALA D 522 37.69 -5.68 9.88
C ALA D 522 37.68 -4.76 8.67
N HIS D 523 37.04 -5.18 7.58
CA HIS D 523 36.91 -4.31 6.43
C HIS D 523 35.99 -3.15 6.69
N TYR D 524 35.01 -3.33 7.60
CA TYR D 524 34.02 -2.30 7.84
C TYR D 524 34.60 -1.15 8.65
N ILE D 525 35.48 -1.47 9.61
CA ILE D 525 36.03 -0.44 10.48
C ILE D 525 37.24 0.25 9.89
N GLN D 526 37.74 -0.22 8.76
CA GLN D 526 38.91 0.40 8.13
C GLN D 526 38.71 1.91 7.99
N THR D 527 37.51 2.31 7.60
CA THR D 527 37.22 3.72 7.36
C THR D 527 36.96 4.50 8.64
N ASN D 528 37.03 3.87 9.83
CA ASN D 528 36.84 4.61 11.09
C ASN D 528 37.48 3.83 12.25
N ALA D 529 38.76 4.10 12.49
CA ALA D 529 39.60 3.43 13.48
C ALA D 529 39.14 3.64 14.92
N ASN D 530 38.11 4.44 15.12
CA ASN D 530 37.59 4.60 16.47
C ASN D 530 36.67 3.48 16.89
N ILE D 531 36.25 2.63 15.95
CA ILE D 531 35.25 1.61 16.23
C ILE D 531 35.88 0.49 17.05
N ARG D 532 35.19 0.08 18.10
CA ARG D 532 35.59 -1.07 18.91
C ARG D 532 34.61 -2.21 18.72
N CYS D 533 35.13 -3.43 18.67
CA CYS D 533 34.29 -4.59 18.40
C CYS D 533 34.45 -5.63 19.50
N ALA D 534 33.43 -6.47 19.62
CA ALA D 534 33.53 -7.63 20.49
C ALA D 534 32.54 -8.67 20.00
N PHE D 535 33.02 -9.90 19.83
CA PHE D 535 32.23 -11.01 19.36
C PHE D 535 32.33 -12.15 20.35
N VAL D 536 31.19 -12.83 20.57
CA VAL D 536 31.22 -14.15 21.16
C VAL D 536 31.52 -15.14 20.04
N SER D 537 32.19 -16.24 20.36
CA SER D 537 32.61 -17.14 19.30
C SER D 537 32.78 -18.53 19.88
N THR D 538 32.71 -19.54 19.03
CA THR D 538 33.19 -20.86 19.44
C THR D 538 34.69 -20.80 19.72
N ASN D 539 35.15 -21.57 20.71
CA ASN D 539 36.57 -21.49 21.02
C ASN D 539 37.44 -21.97 19.87
N SER D 540 36.89 -22.81 19.00
CA SER D 540 37.69 -23.49 18.00
C SER D 540 38.36 -22.54 17.02
N ILE D 541 37.93 -21.27 16.95
CA ILE D 541 38.66 -20.31 16.13
C ILE D 541 39.94 -19.82 16.80
N THR D 542 40.19 -20.22 18.04
CA THR D 542 41.44 -19.87 18.70
C THR D 542 42.32 -21.10 18.99
N GLN D 543 42.16 -22.14 18.17
CA GLN D 543 42.66 -23.49 18.47
C GLN D 543 42.86 -24.27 17.18
N GLY D 544 43.87 -25.12 17.17
CA GLY D 544 44.00 -26.15 16.14
C GLY D 544 44.22 -25.59 14.75
N GLU D 545 43.51 -26.17 13.78
CA GLU D 545 43.76 -25.88 12.38
C GLU D 545 43.26 -24.51 11.97
N GLN D 546 42.36 -23.90 12.76
CA GLN D 546 41.70 -22.68 12.34
C GLN D 546 42.54 -21.42 12.56
N VAL D 547 43.45 -21.45 13.55
CA VAL D 547 44.20 -20.23 13.91
C VAL D 547 45.05 -19.74 12.74
N SER D 548 45.73 -20.66 12.04
CA SER D 548 46.53 -20.30 10.88
C SER D 548 45.70 -19.74 9.73
N LEU D 549 44.41 -20.03 9.68
CA LEU D 549 43.62 -19.59 8.54
C LEU D 549 43.01 -18.24 8.76
N LEU D 550 42.65 -17.92 9.99
CA LEU D 550 41.88 -16.70 10.25
C LEU D 550 42.77 -15.52 10.63
N TRP D 551 43.76 -15.74 11.50
CA TRP D 551 44.43 -14.64 12.17
C TRP D 551 45.52 -13.96 11.34
N PRO D 552 46.22 -14.64 10.42
CA PRO D 552 47.07 -13.89 9.48
C PRO D 552 46.30 -12.82 8.74
N LEU D 553 45.16 -13.17 8.14
CA LEU D 553 44.41 -12.18 7.38
C LEU D 553 43.97 -11.02 8.27
N LEU D 554 43.41 -11.33 9.45
CA LEU D 554 43.02 -10.27 10.37
C LEU D 554 44.21 -9.39 10.74
N LEU D 555 45.30 -10.01 11.23
CA LEU D 555 46.51 -9.26 11.58
C LEU D 555 47.00 -8.38 10.44
N SER D 556 46.93 -8.89 9.22
CA SER D 556 47.32 -8.10 8.07
C SER D 556 46.43 -6.86 7.90
N LEU D 557 45.16 -6.93 8.32
CA LEU D 557 44.28 -5.79 8.18
C LEU D 557 44.41 -4.79 9.34
N GLY D 558 45.41 -4.96 10.19
CA GLY D 558 45.63 -4.04 11.30
C GLY D 558 44.85 -4.37 12.54
N ILE D 559 44.26 -5.56 12.62
CA ILE D 559 43.45 -5.91 13.77
C ILE D 559 44.34 -6.19 14.98
N LYS D 560 43.91 -5.69 16.13
CA LYS D 560 44.63 -5.86 17.39
C LYS D 560 43.63 -6.28 18.45
N ILE D 561 43.90 -7.38 19.15
CA ILE D 561 43.01 -7.85 20.20
C ILE D 561 43.29 -7.03 21.45
N ASN D 562 42.24 -6.45 22.03
CA ASN D 562 42.42 -5.61 23.21
C ASN D 562 41.86 -6.20 24.47
N PHE D 563 41.00 -7.21 24.36
CA PHE D 563 40.58 -7.97 25.52
C PHE D 563 39.95 -9.25 24.99
N ALA D 564 39.78 -10.20 25.89
CA ALA D 564 39.35 -11.54 25.51
C ALA D 564 38.94 -12.30 26.76
N HIS D 565 37.98 -13.20 26.59
CA HIS D 565 37.60 -14.18 27.60
C HIS D 565 38.08 -15.54 27.14
N ARG D 566 38.89 -16.21 27.96
CA ARG D 566 39.25 -17.57 27.62
C ARG D 566 38.04 -18.49 27.76
N THR D 567 38.22 -19.75 27.34
CA THR D 567 37.15 -20.72 27.23
C THR D 567 36.28 -20.81 28.47
N PHE D 568 34.96 -20.62 28.28
CA PHE D 568 33.94 -20.92 29.27
C PHE D 568 32.82 -21.72 28.59
N SER D 569 31.98 -22.38 29.40
CA SER D 569 30.90 -23.22 28.86
C SER D 569 29.61 -22.43 28.73
N TRP D 570 28.97 -22.61 27.58
CA TRP D 570 27.77 -21.87 27.22
C TRP D 570 26.56 -22.31 28.02
N THR D 571 25.72 -21.35 28.40
CA THR D 571 24.41 -21.68 28.94
C THR D 571 23.47 -20.51 28.71
N ASN D 572 22.16 -20.81 28.83
CA ASN D 572 21.13 -19.80 29.01
C ASN D 572 19.93 -20.48 29.67
N GLU D 573 18.90 -19.68 29.93
CA GLU D 573 17.76 -20.13 30.73
C GLU D 573 16.63 -20.64 29.85
N ALA D 574 16.92 -21.41 28.82
CA ALA D 574 15.87 -21.90 27.93
C ALA D 574 16.04 -23.38 27.66
N SER D 575 15.00 -23.97 27.05
CA SER D 575 15.04 -25.38 26.69
C SER D 575 16.24 -25.68 25.81
N GLY D 576 16.71 -26.92 25.89
CA GLY D 576 17.69 -27.42 24.94
C GLY D 576 18.92 -26.55 24.78
N VAL D 577 19.59 -26.27 25.92
CA VAL D 577 20.80 -25.49 25.86
C VAL D 577 21.87 -26.20 25.05
N ALA D 578 22.55 -25.45 24.20
CA ALA D 578 23.59 -25.98 23.34
C ALA D 578 24.79 -26.43 24.18
N ALA D 579 25.58 -27.34 23.60
CA ALA D 579 26.76 -27.89 24.25
C ALA D 579 27.97 -27.44 23.41
N VAL D 580 28.55 -26.31 23.82
CA VAL D 580 29.64 -25.69 23.08
C VAL D 580 30.41 -24.84 24.10
N HIS D 581 31.63 -24.45 23.75
CA HIS D 581 32.52 -23.72 24.64
C HIS D 581 33.03 -22.50 23.89
N CYS D 582 33.02 -21.35 24.57
CA CYS D 582 33.09 -20.07 23.89
C CYS D 582 34.28 -19.24 24.33
N VAL D 583 34.66 -18.31 23.45
CA VAL D 583 35.54 -17.21 23.79
C VAL D 583 34.81 -15.91 23.50
N ILE D 584 35.32 -14.83 24.08
CA ILE D 584 34.87 -13.48 23.73
C ILE D 584 36.11 -12.74 23.27
N ILE D 585 36.03 -12.05 22.14
CA ILE D 585 37.21 -11.41 21.57
C ILE D 585 36.91 -9.95 21.30
N GLY D 586 37.51 -9.06 22.08
CA GLY D 586 37.46 -7.63 21.82
C GLY D 586 38.61 -7.23 20.92
N PHE D 587 38.30 -6.48 19.87
CA PHE D 587 39.34 -6.15 18.91
C PHE D 587 38.98 -4.83 18.25
N GLY D 588 39.95 -4.29 17.52
CA GLY D 588 39.72 -3.08 16.74
C GLY D 588 41.00 -2.71 16.04
N LEU D 589 41.07 -1.48 15.54
CA LEU D 589 42.26 -1.07 14.84
C LEU D 589 43.32 -0.45 15.74
N LYS D 590 42.98 -0.12 16.99
CA LYS D 590 43.86 0.60 17.90
C LYS D 590 44.39 -0.33 18.98
N ASP D 591 45.71 -0.35 19.16
CA ASP D 591 46.30 -1.11 20.26
C ASP D 591 45.97 -0.48 21.60
N SER D 592 45.80 -1.34 22.60
CA SER D 592 45.52 -0.92 23.97
C SER D 592 46.81 -1.05 24.77
N ASP D 593 47.10 -0.02 25.57
CA ASP D 593 48.20 -0.11 26.51
C ASP D 593 47.84 -0.93 27.74
N GLU D 594 46.56 -1.28 27.89
CA GLU D 594 46.06 -2.10 29.01
C GLU D 594 45.15 -3.23 28.48
N LYS D 595 45.74 -4.36 28.12
CA LYS D 595 45.00 -5.48 27.55
C LYS D 595 44.69 -6.51 28.64
N ILE D 596 43.42 -6.86 28.76
CA ILE D 596 42.93 -7.73 29.83
C ILE D 596 42.49 -9.04 29.22
N ILE D 597 42.94 -10.14 29.81
CA ILE D 597 42.51 -11.47 29.45
C ILE D 597 41.72 -12.00 30.64
N TYR D 598 40.47 -12.39 30.41
CA TYR D 598 39.61 -12.89 31.48
C TYR D 598 39.72 -14.41 31.52
N GLU D 599 40.01 -14.96 32.69
CA GLU D 599 40.29 -16.39 32.81
C GLU D 599 39.28 -17.08 33.72
N TYR D 600 39.22 -18.41 33.60
CA TYR D 600 38.19 -19.21 34.25
C TYR D 600 38.81 -20.36 35.03
N GLU D 601 38.59 -20.39 36.35
CA GLU D 601 38.95 -21.55 37.15
C GLU D 601 37.96 -22.70 36.95
N SER D 602 36.70 -22.48 37.28
CA SER D 602 35.64 -23.38 36.83
C SER D 602 35.17 -22.89 35.47
N ILE D 603 35.16 -23.79 34.49
CA ILE D 603 34.77 -23.42 33.13
C ILE D 603 33.35 -22.87 33.06
N ASN D 604 32.55 -23.05 34.11
CA ASN D 604 31.21 -22.47 34.21
C ASN D 604 31.08 -21.42 35.32
N GLY D 605 32.15 -21.11 36.05
CA GLY D 605 32.08 -20.14 37.12
C GLY D 605 32.35 -18.72 36.66
N GLU D 606 32.47 -17.82 37.63
CA GLU D 606 32.76 -16.43 37.35
C GLU D 606 34.21 -16.28 36.87
N PRO D 607 34.48 -15.34 35.97
CA PRO D 607 35.84 -15.14 35.47
C PRO D 607 36.66 -14.24 36.39
N LEU D 608 37.95 -14.16 36.07
CA LEU D 608 38.90 -13.30 36.78
C LEU D 608 39.73 -12.55 35.75
N ALA D 609 39.72 -11.21 35.79
CA ALA D 609 40.53 -10.45 34.85
C ALA D 609 42.01 -10.48 35.23
N ILE D 610 42.88 -10.58 34.21
CA ILE D 610 44.33 -10.69 34.40
C ILE D 610 45.05 -9.78 33.40
N LYS D 611 46.00 -9.01 33.88
CA LYS D 611 46.74 -8.09 33.02
C LYS D 611 47.56 -8.89 32.04
N ALA D 612 47.80 -8.32 30.86
CA ALA D 612 48.56 -9.02 29.84
C ALA D 612 49.33 -8.04 28.97
N LYS D 613 50.51 -8.46 28.53
CA LYS D 613 51.36 -7.64 27.67
C LYS D 613 50.87 -7.67 26.25
N ASN D 614 50.43 -8.83 25.79
CA ASN D 614 49.88 -8.98 24.44
C ASN D 614 48.82 -10.06 24.53
N ILE D 615 47.84 -10.01 23.65
CA ILE D 615 46.82 -11.04 23.60
C ILE D 615 46.96 -11.76 22.28
N ASN D 616 47.38 -13.02 22.35
CA ASN D 616 47.65 -13.92 21.25
C ASN D 616 46.46 -14.15 20.33
N PRO D 617 46.71 -14.47 19.06
CA PRO D 617 45.66 -15.13 18.28
C PRO D 617 45.20 -16.42 18.91
N TYR D 618 45.89 -16.91 19.94
CA TYR D 618 45.42 -18.03 20.72
C TYR D 618 44.69 -17.59 21.97
N LEU D 619 44.51 -16.26 22.13
CA LEU D 619 44.06 -15.65 23.40
C LEU D 619 44.96 -16.06 24.54
N ARG D 620 46.26 -16.00 24.29
CA ARG D 620 47.29 -16.21 25.30
C ARG D 620 48.14 -14.94 25.40
N ASP D 621 48.75 -14.76 26.56
CA ASP D 621 49.69 -13.66 26.72
C ASP D 621 51.04 -14.14 26.21
N GLY D 622 51.37 -13.81 24.96
CA GLY D 622 52.60 -14.30 24.38
C GLY D 622 52.91 -13.67 23.04
N VAL D 623 53.86 -14.30 22.34
CA VAL D 623 54.28 -13.84 21.01
C VAL D 623 53.17 -14.15 20.01
N ASP D 624 53.18 -13.42 18.89
CA ASP D 624 52.12 -13.56 17.89
C ASP D 624 52.31 -14.75 16.94
N VAL D 625 53.35 -15.55 17.13
CA VAL D 625 53.65 -16.64 16.21
C VAL D 625 52.56 -17.70 16.28
N ILE D 626 52.09 -18.13 15.11
CA ILE D 626 51.12 -19.20 15.00
C ILE D 626 51.80 -20.45 14.47
N ALA D 627 51.47 -21.59 15.07
CA ALA D 627 51.94 -22.89 14.58
C ALA D 627 51.05 -23.34 13.42
N CYS D 628 51.64 -23.55 12.25
CA CYS D 628 50.90 -23.96 11.05
C CYS D 628 50.95 -25.46 10.88
N LYS D 629 49.80 -26.05 10.57
CA LYS D 629 49.62 -27.36 9.95
C LYS D 629 50.83 -27.75 9.10
N ARG D 630 51.35 -28.97 9.25
CA ARG D 630 52.47 -29.42 8.43
C ARG D 630 52.24 -30.84 7.96
N GLN D 631 52.75 -31.16 6.77
CA GLN D 631 52.56 -32.52 6.30
C GLN D 631 53.67 -33.45 6.78
N GLN D 632 54.85 -32.91 7.07
CA GLN D 632 55.95 -33.71 7.59
C GLN D 632 56.58 -32.97 8.76
N PRO D 633 57.20 -33.69 9.69
CA PRO D 633 57.74 -33.01 10.88
C PRO D 633 58.87 -32.04 10.55
N ILE D 634 58.99 -30.98 11.36
CA ILE D 634 60.19 -30.14 11.31
C ILE D 634 61.35 -30.73 12.12
N SER D 635 61.07 -31.60 13.09
CA SER D 635 62.15 -32.25 13.80
C SER D 635 62.54 -33.53 13.08
N LYS D 636 63.64 -34.15 13.52
CA LYS D 636 64.04 -35.43 12.95
C LYS D 636 63.25 -36.52 13.67
N LEU D 637 62.04 -36.81 13.15
CA LEU D 637 61.06 -37.67 13.79
C LEU D 637 60.46 -38.68 12.81
N PRO D 638 60.13 -39.88 13.27
CA PRO D 638 59.47 -40.86 12.41
C PRO D 638 58.06 -40.42 12.08
N SER D 639 57.69 -40.50 10.79
CA SER D 639 56.37 -40.11 10.32
C SER D 639 55.27 -40.74 11.17
N MET D 640 54.26 -39.94 11.50
CA MET D 640 53.07 -40.40 12.18
C MET D 640 51.97 -40.77 11.18
N ARG D 641 51.13 -41.73 11.56
CA ARG D 641 50.07 -42.27 10.72
C ARG D 641 48.71 -42.16 11.42
N TYR D 642 47.65 -42.04 10.61
CA TYR D 642 46.27 -41.94 11.08
C TYR D 642 45.58 -43.30 10.92
N GLY D 643 44.83 -43.70 11.96
CA GLY D 643 44.24 -45.04 12.00
C GLY D 643 43.24 -45.38 10.90
N ASN D 644 42.69 -46.60 10.95
CA ASN D 644 41.81 -47.11 9.90
C ASN D 644 40.38 -46.63 10.11
N LYS D 645 39.84 -45.87 9.13
CA LYS D 645 38.48 -45.32 9.21
C LYS D 645 37.50 -46.22 8.47
N PRO D 646 36.62 -46.93 9.16
CA PRO D 646 35.84 -48.01 8.50
C PRO D 646 34.64 -47.54 7.65
N THR D 647 33.86 -46.56 8.11
CA THR D 647 32.65 -46.08 7.42
C THR D 647 31.72 -47.23 7.04
N ASP D 648 31.11 -47.85 8.05
CA ASP D 648 30.40 -49.10 7.86
C ASP D 648 29.11 -49.17 8.65
N ASP D 649 28.66 -48.06 9.22
CA ASP D 649 27.53 -48.06 10.12
C ASP D 649 27.59 -49.21 11.12
N GLY D 650 28.80 -49.51 11.61
CA GLY D 650 29.00 -50.55 12.60
C GLY D 650 28.98 -51.98 12.08
N ASN D 651 28.70 -52.24 10.79
CA ASN D 651 28.52 -53.62 10.35
C ASN D 651 29.79 -54.47 10.45
N PHE D 652 30.97 -53.87 10.52
CA PHE D 652 32.20 -54.62 10.74
C PHE D 652 32.65 -54.64 12.19
N LEU D 653 31.84 -54.13 13.14
CA LEU D 653 32.27 -53.96 14.52
C LEU D 653 31.42 -54.79 15.47
N PHE D 654 32.06 -55.35 16.50
CA PHE D 654 31.47 -56.37 17.35
C PHE D 654 31.92 -56.19 18.81
N THR D 655 30.99 -56.36 19.75
CA THR D 655 31.37 -56.51 21.15
C THR D 655 31.87 -57.92 21.37
N ASP D 656 31.99 -58.33 22.63
CA ASP D 656 32.43 -59.69 22.88
C ASP D 656 31.30 -60.69 22.71
N GLU D 657 30.11 -60.42 23.26
CA GLU D 657 29.00 -61.33 23.06
C GLU D 657 28.69 -61.49 21.57
N GLU D 658 28.72 -60.37 20.83
CA GLU D 658 28.42 -60.42 19.40
C GLU D 658 29.47 -61.19 18.62
N LYS D 659 30.75 -61.10 19.02
CA LYS D 659 31.77 -61.94 18.39
C LYS D 659 31.53 -63.41 18.70
N ASN D 660 31.06 -63.71 19.91
CA ASN D 660 30.79 -65.08 20.29
C ASN D 660 29.58 -65.62 19.52
N GLN D 661 28.44 -64.92 19.58
CA GLN D 661 27.26 -65.34 18.82
C GLN D 661 27.58 -65.53 17.34
N PHE D 662 28.21 -64.53 16.72
CA PHE D 662 28.53 -64.62 15.29
C PHE D 662 29.40 -65.83 14.99
N ILE D 663 30.38 -66.12 15.85
CA ILE D 663 31.32 -67.22 15.58
C ILE D 663 30.61 -68.56 15.61
N THR D 664 29.73 -68.80 16.60
CA THR D 664 29.07 -70.10 16.67
C THR D 664 28.20 -70.34 15.45
N ASN D 665 27.56 -69.28 14.92
CA ASN D 665 26.70 -69.42 13.74
C ASN D 665 27.49 -69.52 12.44
N GLU D 666 28.68 -68.92 12.36
CA GLU D 666 29.59 -69.10 11.22
C GLU D 666 30.97 -69.40 11.76
N PRO D 667 31.22 -70.63 12.17
CA PRO D 667 32.55 -70.99 12.68
C PRO D 667 33.69 -70.76 11.70
N SER D 668 33.44 -70.73 10.40
CA SER D 668 34.57 -70.48 9.51
C SER D 668 35.01 -69.02 9.50
N SER D 669 34.36 -68.14 10.27
CA SER D 669 34.68 -66.71 10.27
C SER D 669 35.79 -66.33 11.26
N GLU D 670 36.22 -67.25 12.15
CA GLU D 670 37.19 -66.88 13.18
C GLU D 670 38.47 -66.30 12.57
N LYS D 671 38.95 -66.87 11.46
CA LYS D 671 40.20 -66.42 10.88
C LYS D 671 40.20 -64.95 10.50
N TYR D 672 39.03 -64.34 10.32
CA TYR D 672 38.93 -62.96 9.85
C TYR D 672 38.72 -61.94 10.97
N PHE D 673 38.39 -62.39 12.18
CA PHE D 673 38.25 -61.48 13.31
C PHE D 673 39.61 -60.96 13.75
N ARG D 674 39.66 -59.70 14.13
CA ARG D 674 40.87 -59.07 14.66
C ARG D 674 40.44 -58.05 15.69
N ARG D 675 41.29 -57.83 16.70
CA ARG D 675 40.94 -56.91 17.79
C ARG D 675 40.85 -55.49 17.28
N PHE D 676 39.84 -54.77 17.74
CA PHE D 676 39.57 -53.42 17.26
C PHE D 676 39.76 -52.43 18.39
N VAL D 677 40.61 -51.43 18.19
CA VAL D 677 40.99 -50.55 19.30
C VAL D 677 40.83 -49.10 18.89
N GLY D 678 39.81 -48.44 19.43
CA GLY D 678 39.65 -47.01 19.34
C GLY D 678 40.36 -46.27 20.48
N GLY D 679 39.94 -45.04 20.70
CA GLY D 679 40.46 -44.29 21.83
C GLY D 679 39.74 -44.66 23.10
N ASP D 680 38.41 -44.75 23.00
CA ASP D 680 37.64 -45.26 24.13
C ASP D 680 38.19 -46.60 24.59
N GLU D 681 38.28 -47.56 23.65
CA GLU D 681 38.70 -48.91 24.00
C GLU D 681 40.11 -48.95 24.57
N PHE D 682 41.03 -48.16 24.00
CA PHE D 682 42.43 -48.20 24.42
C PHE D 682 42.60 -47.60 25.80
N ILE D 683 41.92 -46.47 26.05
CA ILE D 683 42.09 -45.77 27.31
C ILE D 683 41.39 -46.50 28.44
N ASN D 684 40.29 -47.21 28.14
CA ASN D 684 39.48 -47.83 29.17
C ASN D 684 39.59 -49.34 29.13
N ASN D 685 40.60 -49.86 28.45
CA ASN D 685 40.85 -51.30 28.34
C ASN D 685 39.55 -52.09 28.15
N THR D 686 38.79 -51.71 27.12
CA THR D 686 37.55 -52.40 26.77
C THR D 686 37.75 -53.13 25.45
N SER D 687 37.09 -54.28 25.32
CA SER D 687 37.35 -55.21 24.22
C SER D 687 36.33 -54.99 23.09
N ARG D 688 36.85 -54.84 21.87
CA ARG D 688 36.04 -54.67 20.67
C ARG D 688 36.69 -55.43 19.50
N TRP D 689 35.86 -55.91 18.57
CA TRP D 689 36.35 -56.77 17.50
C TRP D 689 35.89 -56.27 16.15
N CYS D 690 36.68 -56.57 15.11
CA CYS D 690 36.24 -56.20 13.76
C CYS D 690 36.53 -57.31 12.76
N LEU D 691 35.74 -57.30 11.69
CA LEU D 691 35.93 -58.17 10.53
C LEU D 691 36.98 -57.54 9.62
N TRP D 692 38.21 -58.03 9.70
CA TRP D 692 39.30 -57.50 8.87
C TRP D 692 39.40 -58.36 7.61
N LEU D 693 39.00 -57.78 6.47
CA LEU D 693 38.88 -58.51 5.22
C LEU D 693 39.80 -57.98 4.11
N ASP D 694 40.77 -57.10 4.44
CA ASP D 694 41.70 -56.54 3.45
C ASP D 694 42.67 -57.61 2.81
N GLY D 695 42.64 -58.90 3.11
CA GLY D 695 43.46 -59.83 2.35
C GLY D 695 42.72 -61.14 2.15
N ALA D 696 41.44 -61.03 1.91
CA ALA D 696 40.54 -62.16 2.01
C ALA D 696 40.50 -62.95 0.72
N ASP D 697 40.72 -64.26 0.84
CA ASP D 697 40.49 -65.21 -0.24
C ASP D 697 38.98 -65.27 -0.53
N ILE D 698 38.55 -64.64 -1.63
CA ILE D 698 37.12 -64.46 -1.88
C ILE D 698 36.37 -65.79 -1.87
N SER D 699 37.03 -66.88 -2.25
CA SER D 699 36.38 -68.19 -2.16
C SER D 699 36.03 -68.54 -0.72
N GLU D 700 36.84 -68.11 0.25
CA GLU D 700 36.44 -68.34 1.64
C GLU D 700 35.26 -67.45 2.02
N ILE D 701 35.14 -66.28 1.40
CA ILE D 701 34.02 -65.39 1.73
C ILE D 701 32.73 -65.84 1.06
N ARG D 702 32.81 -66.44 -0.13
CA ARG D 702 31.62 -67.00 -0.76
C ARG D 702 30.93 -68.05 0.09
N ALA D 703 31.68 -68.70 0.99
CA ALA D 703 31.13 -69.78 1.79
C ALA D 703 30.27 -69.29 2.94
N MET D 704 30.33 -68.00 3.27
CA MET D 704 29.82 -67.50 4.56
C MET D 704 28.71 -66.48 4.34
N PRO D 705 27.45 -66.89 4.44
CA PRO D 705 26.36 -65.90 4.27
C PRO D 705 26.38 -64.80 5.31
N LEU D 706 26.61 -65.14 6.59
CA LEU D 706 26.57 -64.12 7.63
C LEU D 706 27.53 -62.98 7.32
N VAL D 707 28.72 -63.31 6.80
CA VAL D 707 29.68 -62.26 6.49
C VAL D 707 29.24 -61.50 5.25
N LEU D 708 28.68 -62.22 4.26
CA LEU D 708 28.18 -61.58 3.04
C LEU D 708 27.05 -60.61 3.35
N ALA D 709 26.20 -60.94 4.33
CA ALA D 709 25.13 -60.04 4.74
C ALA D 709 25.69 -58.75 5.36
N ARG D 710 26.70 -58.87 6.24
CA ARG D 710 27.40 -57.67 6.71
C ARG D 710 27.97 -56.90 5.52
N ILE D 711 28.59 -57.62 4.58
CA ILE D 711 29.26 -56.96 3.48
C ILE D 711 28.26 -56.14 2.66
N LYS D 712 27.13 -56.75 2.28
CA LYS D 712 26.15 -56.02 1.48
C LYS D 712 25.64 -54.81 2.25
N LYS D 713 25.42 -54.95 3.57
CA LYS D 713 24.91 -53.81 4.36
C LYS D 713 25.88 -52.62 4.33
N VAL D 714 27.18 -52.88 4.32
CA VAL D 714 28.15 -51.80 4.19
C VAL D 714 28.00 -51.11 2.84
N GLN D 715 27.90 -51.89 1.75
CA GLN D 715 27.65 -51.34 0.43
C GLN D 715 26.36 -50.54 0.41
N GLU D 716 25.34 -51.01 1.12
CA GLU D 716 24.05 -50.32 1.11
C GLU D 716 24.15 -48.97 1.79
N PHE D 717 24.85 -48.93 2.94
CA PHE D 717 24.99 -47.67 3.67
C PHE D 717 25.90 -46.70 2.92
N ARG D 718 26.95 -47.23 2.30
CA ARG D 718 27.83 -46.34 1.58
C ARG D 718 27.12 -45.69 0.40
N LEU D 719 26.24 -46.45 -0.29
CA LEU D 719 25.54 -45.87 -1.43
C LEU D 719 24.65 -44.69 -1.01
N LYS D 720 24.00 -44.77 0.16
CA LYS D 720 23.18 -43.65 0.62
C LYS D 720 23.99 -42.38 0.94
N SER D 721 25.32 -42.43 0.95
CA SER D 721 26.05 -41.31 1.53
C SER D 721 25.98 -40.07 0.66
N SER D 722 26.10 -38.90 1.31
CA SER D 722 26.10 -37.63 0.58
C SER D 722 27.47 -37.28 0.00
N ALA D 723 28.54 -37.93 0.46
CA ALA D 723 29.89 -37.61 0.01
C ALA D 723 30.27 -38.55 -1.11
N LYS D 724 30.60 -37.99 -2.26
CA LYS D 724 30.98 -38.78 -3.43
C LYS D 724 32.04 -39.82 -3.11
N PRO D 725 33.16 -39.48 -2.46
CA PRO D 725 34.17 -40.52 -2.20
C PRO D 725 33.63 -41.66 -1.37
N THR D 726 32.60 -41.44 -0.54
CA THR D 726 32.07 -42.56 0.22
C THR D 726 31.24 -43.47 -0.69
N ARG D 727 30.30 -42.89 -1.46
CA ARG D 727 29.55 -43.69 -2.43
C ARG D 727 30.50 -44.58 -3.24
N GLN D 728 31.61 -44.01 -3.70
CA GLN D 728 32.59 -44.77 -4.47
C GLN D 728 33.14 -45.94 -3.66
N SER D 729 33.37 -45.74 -2.36
CA SER D 729 33.91 -46.82 -1.52
C SER D 729 32.95 -48.00 -1.39
N ALA D 730 31.66 -47.80 -1.67
CA ALA D 730 30.68 -48.90 -1.65
C ALA D 730 31.07 -50.03 -2.59
N SER D 731 31.85 -49.73 -3.64
CA SER D 731 32.31 -50.65 -4.68
C SER D 731 33.48 -51.51 -4.23
N THR D 732 34.05 -51.24 -3.04
CA THR D 732 34.98 -52.14 -2.37
C THR D 732 34.42 -52.46 -0.99
N PRO D 733 33.24 -53.08 -0.93
CA PRO D 733 32.51 -53.17 0.35
C PRO D 733 33.17 -54.00 1.44
N MET D 734 34.18 -54.83 1.15
CA MET D 734 34.78 -55.60 2.25
C MET D 734 35.93 -54.86 2.93
N LYS D 735 36.48 -53.83 2.31
CA LYS D 735 37.65 -53.15 2.80
C LYS D 735 37.21 -51.83 3.40
N PHE D 736 37.74 -51.53 4.59
CA PHE D 736 37.62 -50.27 5.30
C PHE D 736 37.78 -49.10 4.34
N PHE D 737 37.08 -47.99 4.60
CA PHE D 737 37.16 -46.82 3.73
C PHE D 737 38.57 -46.25 3.64
N TYR D 738 39.31 -46.23 4.75
CA TYR D 738 40.70 -45.82 4.73
C TYR D 738 41.50 -46.84 5.52
N ILE D 739 42.58 -47.35 4.91
CA ILE D 739 43.39 -48.42 5.49
C ILE D 739 44.83 -47.94 5.62
N SER D 740 45.38 -48.07 6.82
CA SER D 740 46.74 -47.61 7.06
C SER D 740 47.52 -48.57 7.91
N GLN D 741 46.88 -49.63 8.39
CA GLN D 741 47.44 -50.66 9.27
C GLN D 741 48.88 -50.95 8.88
N PRO D 742 49.80 -50.99 9.84
CA PRO D 742 51.18 -51.33 9.52
C PRO D 742 51.46 -52.83 9.64
N ASP D 743 52.58 -53.24 9.02
CA ASP D 743 53.04 -54.62 9.15
C ASP D 743 53.70 -54.89 10.50
N THR D 744 54.19 -53.86 11.20
CA THR D 744 54.93 -54.03 12.45
C THR D 744 54.15 -53.50 13.65
N ASP D 745 54.63 -53.82 14.85
CA ASP D 745 54.03 -53.31 16.08
C ASP D 745 54.09 -51.78 16.12
N TYR D 746 53.21 -51.16 16.90
CA TYR D 746 53.11 -49.73 16.75
C TYR D 746 52.73 -49.04 18.04
N LEU D 747 53.06 -47.74 18.09
CA LEU D 747 52.72 -46.88 19.21
C LEU D 747 51.40 -46.18 18.91
N LEU D 748 50.48 -46.19 19.88
CA LEU D 748 49.13 -45.67 19.68
C LEU D 748 48.92 -44.39 20.49
N ILE D 749 48.41 -43.35 19.84
CA ILE D 749 48.10 -42.06 20.45
C ILE D 749 46.60 -41.83 20.30
N PRO D 750 45.83 -41.77 21.37
CA PRO D 750 44.39 -41.52 21.25
C PRO D 750 44.09 -40.10 20.76
N GLU D 751 43.06 -39.96 19.95
CA GLU D 751 42.78 -38.63 19.42
C GLU D 751 42.07 -37.73 20.43
N THR D 752 40.94 -38.19 20.98
CA THR D 752 40.11 -37.35 21.82
C THR D 752 40.05 -37.96 23.21
N SER D 753 40.29 -37.14 24.24
CA SER D 753 40.49 -37.65 25.59
C SER D 753 40.55 -36.50 26.59
N SER D 754 40.32 -36.84 27.87
CA SER D 754 39.96 -35.87 28.90
C SER D 754 41.03 -34.81 29.13
N GLU D 755 40.61 -33.54 29.21
CA GLU D 755 41.56 -32.47 29.47
C GLU D 755 42.05 -32.46 30.91
N ASN D 756 41.49 -33.30 31.77
CA ASN D 756 41.85 -33.36 33.18
C ASN D 756 43.12 -34.16 33.44
N ARG D 757 43.61 -34.91 32.46
CA ARG D 757 44.83 -35.69 32.61
C ARG D 757 46.02 -34.81 32.25
N GLN D 758 47.17 -35.12 32.85
CA GLN D 758 48.38 -34.36 32.54
C GLN D 758 49.18 -34.95 31.39
N PHE D 759 49.02 -36.24 31.09
CA PHE D 759 49.60 -36.82 29.91
C PHE D 759 48.50 -37.54 29.16
N ILE D 760 48.51 -37.43 27.83
CA ILE D 760 47.64 -38.28 27.03
C ILE D 760 48.17 -39.71 27.19
N PRO D 761 47.36 -40.65 27.69
CA PRO D 761 47.85 -42.03 27.84
C PRO D 761 48.14 -42.69 26.51
N ILE D 762 49.40 -43.00 26.22
CA ILE D 762 49.73 -43.68 24.98
C ILE D 762 50.41 -45.00 25.29
N GLY D 763 50.51 -45.86 24.28
CA GLY D 763 51.11 -47.16 24.55
C GLY D 763 51.38 -47.94 23.28
N PHE D 764 51.89 -49.15 23.49
CA PHE D 764 52.31 -50.02 22.40
C PHE D 764 51.26 -51.09 22.15
N VAL D 765 51.13 -51.46 20.88
CA VAL D 765 50.05 -52.34 20.45
C VAL D 765 50.60 -53.38 19.49
N ASP D 766 50.13 -54.63 19.63
CA ASP D 766 50.57 -55.68 18.72
C ASP D 766 50.13 -55.37 17.29
N ARG D 767 50.90 -55.90 16.32
CA ARG D 767 50.64 -55.60 14.91
C ARG D 767 49.35 -56.24 14.40
N ASN D 768 48.75 -57.18 15.13
CA ASN D 768 47.49 -57.77 14.68
C ASN D 768 46.28 -57.00 15.16
N VAL D 769 46.47 -56.00 16.01
CA VAL D 769 45.33 -55.23 16.48
C VAL D 769 45.04 -54.14 15.46
N ILE D 770 43.80 -54.07 15.02
CA ILE D 770 43.38 -53.02 14.11
C ILE D 770 43.02 -51.79 14.95
N SER D 771 43.63 -50.67 14.61
CA SER D 771 43.36 -49.40 15.27
C SER D 771 42.42 -48.56 14.42
N SER D 772 41.65 -47.72 15.08
CA SER D 772 40.58 -46.95 14.46
C SER D 772 41.06 -45.53 14.16
N ASN D 773 40.29 -44.83 13.32
CA ASN D 773 40.68 -43.47 12.99
C ASN D 773 40.52 -42.52 14.15
N ALA D 774 40.06 -43.00 15.30
CA ALA D 774 40.02 -42.22 16.51
C ALA D 774 41.36 -42.24 17.28
N THR D 775 42.43 -42.64 16.59
CA THR D 775 43.76 -42.78 17.16
C THR D 775 44.78 -42.51 16.09
N TYR D 776 45.94 -42.00 16.49
CA TYR D 776 47.10 -41.97 15.60
C TYR D 776 48.09 -43.05 16.02
N HIS D 777 49.00 -43.40 15.10
CA HIS D 777 49.98 -44.41 15.44
C HIS D 777 51.29 -44.17 14.72
N ILE D 778 52.38 -44.55 15.37
CA ILE D 778 53.73 -44.56 14.82
C ILE D 778 54.13 -46.03 14.65
N PRO D 779 54.36 -46.50 13.42
CA PRO D 779 54.75 -47.91 13.23
C PRO D 779 56.23 -48.14 13.54
N SER D 780 56.49 -49.21 14.30
CA SER D 780 57.84 -49.66 14.63
C SER D 780 58.59 -48.56 15.43
N ALA D 781 58.07 -48.33 16.64
CA ALA D 781 58.45 -47.17 17.44
C ALA D 781 59.50 -47.54 18.47
N GLU D 782 60.68 -46.93 18.35
CA GLU D 782 61.71 -47.13 19.36
C GLU D 782 61.29 -46.51 20.69
N PRO D 783 61.71 -47.11 21.81
CA PRO D 783 61.30 -46.58 23.13
C PRO D 783 61.60 -45.10 23.35
N LEU D 784 62.60 -44.55 22.65
CA LEU D 784 62.89 -43.13 22.80
C LEU D 784 61.72 -42.26 22.37
N ILE D 785 61.02 -42.65 21.29
CA ILE D 785 59.86 -41.88 20.84
C ILE D 785 58.70 -41.96 21.83
N PHE D 786 58.51 -43.13 22.45
CA PHE D 786 57.50 -43.23 23.51
C PHE D 786 57.78 -42.26 24.64
N GLY D 787 59.03 -42.19 25.11
CA GLY D 787 59.36 -41.22 26.14
C GLY D 787 59.04 -39.80 25.71
N LEU D 788 59.43 -39.44 24.50
CA LEU D 788 59.22 -38.09 24.02
C LEU D 788 57.74 -37.71 24.02
N LEU D 789 56.88 -38.58 23.45
CA LEU D 789 55.45 -38.26 23.35
C LEU D 789 54.73 -38.38 24.68
N SER D 790 55.34 -39.02 25.67
CA SER D 790 54.80 -38.97 27.03
C SER D 790 55.30 -37.77 27.84
N SER D 791 56.18 -36.95 27.29
CA SER D 791 56.84 -35.93 28.08
C SER D 791 55.92 -34.74 28.33
N THR D 792 56.16 -34.04 29.44
CA THR D 792 55.43 -32.81 29.70
C THR D 792 55.64 -31.81 28.58
N MET D 793 56.86 -31.76 28.03
CA MET D 793 57.16 -30.83 26.95
C MET D 793 56.22 -31.06 25.77
N HIS D 794 56.03 -32.33 25.39
CA HIS D 794 55.16 -32.65 24.27
C HIS D 794 53.71 -32.35 24.60
N ASN D 795 53.22 -32.87 25.74
CA ASN D 795 51.84 -32.59 26.14
C ASN D 795 51.57 -31.10 26.19
N CYS D 796 52.53 -30.31 26.69
CA CYS D 796 52.32 -28.89 26.78
C CYS D 796 52.18 -28.25 25.40
N TRP D 797 52.96 -28.75 24.43
CA TRP D 797 52.78 -28.31 23.04
C TRP D 797 51.41 -28.73 22.51
N MET D 798 50.93 -29.91 22.91
CA MET D 798 49.62 -30.34 22.45
C MET D 798 48.53 -29.40 22.96
N ARG D 799 48.59 -29.06 24.25
CA ARG D 799 47.59 -28.22 24.89
C ARG D 799 47.47 -26.85 24.26
N ASN D 800 48.52 -26.35 23.60
CA ASN D 800 48.52 -24.96 23.14
C ASN D 800 48.44 -24.81 21.63
N VAL D 801 48.92 -25.76 20.85
CA VAL D 801 48.84 -25.62 19.41
C VAL D 801 47.84 -26.57 18.80
N GLY D 802 47.45 -27.64 19.50
CA GLY D 802 46.43 -28.53 19.03
C GLY D 802 45.04 -27.91 19.11
N GLY D 803 44.07 -28.68 18.61
CA GLY D 803 42.68 -28.32 18.68
C GLY D 803 42.00 -29.03 19.83
N ARG D 804 40.70 -28.76 19.99
CA ARG D 804 39.94 -29.28 21.12
C ARG D 804 38.52 -29.63 20.68
N LEU D 805 37.93 -30.59 21.40
CA LEU D 805 36.52 -30.96 21.26
C LEU D 805 35.85 -30.40 22.49
N GLU D 806 35.15 -29.27 22.33
CA GLU D 806 34.76 -28.42 23.43
C GLU D 806 36.08 -28.01 24.11
N SER D 807 36.50 -28.74 25.13
CA SER D 807 37.83 -28.55 25.71
C SER D 807 38.63 -29.85 25.80
N ARG D 808 38.17 -30.95 25.23
CA ARG D 808 39.01 -32.14 25.32
C ARG D 808 40.22 -31.99 24.41
N TYR D 809 41.31 -32.60 24.85
CA TYR D 809 42.45 -32.85 23.99
C TYR D 809 42.03 -33.51 22.68
N ARG D 810 42.39 -32.90 21.55
CA ARG D 810 42.26 -33.55 20.26
C ARG D 810 43.62 -33.52 19.60
N TYR D 811 44.26 -34.68 19.51
CA TYR D 811 45.56 -34.79 18.86
C TYR D 811 45.41 -34.75 17.36
N SER D 812 46.36 -34.12 16.69
CA SER D 812 46.46 -34.28 15.25
C SER D 812 47.94 -34.30 14.89
N ALA D 813 48.29 -35.15 13.92
CA ALA D 813 49.70 -35.27 13.57
C ALA D 813 50.19 -34.01 12.87
N SER D 814 49.41 -33.50 11.92
CA SER D 814 49.85 -32.32 11.17
C SER D 814 49.91 -31.05 12.03
N LEU D 815 49.21 -31.02 13.17
CA LEU D 815 49.14 -29.80 13.97
C LEU D 815 50.05 -29.84 15.19
N VAL D 816 50.14 -30.97 15.86
CA VAL D 816 50.98 -31.11 17.04
C VAL D 816 52.32 -31.72 16.65
N TYR D 817 52.30 -33.03 16.35
CA TYR D 817 53.53 -33.79 16.09
C TYR D 817 54.40 -33.14 15.02
N ASN D 818 53.85 -32.88 13.84
CA ASN D 818 54.65 -32.35 12.73
C ASN D 818 55.16 -30.93 12.98
N THR D 819 54.70 -30.27 14.03
CA THR D 819 55.19 -28.94 14.36
C THR D 819 56.03 -28.95 15.62
N PHE D 820 55.94 -30.02 16.38
CA PHE D 820 56.56 -30.14 17.68
C PHE D 820 58.06 -29.91 17.53
N PRO D 821 58.63 -28.88 18.14
CA PRO D 821 60.05 -28.59 17.94
C PRO D 821 60.91 -29.39 18.89
N TRP D 822 61.86 -30.16 18.34
CA TRP D 822 62.63 -31.13 19.10
C TRP D 822 64.09 -30.99 18.71
N ILE D 823 65.00 -31.10 19.69
CA ILE D 823 66.43 -30.93 19.44
C ILE D 823 67.09 -32.30 19.52
N GLN D 824 68.08 -32.51 18.66
CA GLN D 824 68.80 -33.78 18.62
C GLN D 824 69.45 -34.11 19.96
N PRO D 825 69.06 -35.22 20.61
CA PRO D 825 69.78 -35.65 21.81
C PRO D 825 71.08 -36.35 21.44
N ASN D 826 72.04 -36.34 22.37
CA ASN D 826 73.26 -37.13 22.18
C ASN D 826 73.04 -38.54 22.73
N GLU D 827 74.06 -39.40 22.58
CA GLU D 827 73.87 -40.79 22.98
C GLU D 827 73.55 -40.92 24.47
N LYS D 828 74.14 -40.05 25.29
CA LYS D 828 73.96 -40.20 26.73
C LYS D 828 72.53 -39.83 27.12
N GLN D 829 72.06 -38.66 26.68
CA GLN D 829 70.66 -38.29 26.94
C GLN D 829 69.67 -39.32 26.37
N SER D 830 69.93 -39.85 25.17
CA SER D 830 69.00 -40.81 24.56
C SER D 830 68.80 -42.03 25.44
N LYS D 831 69.89 -42.56 26.00
CA LYS D 831 69.75 -43.73 26.88
C LYS D 831 68.97 -43.35 28.12
N ALA D 832 69.16 -42.12 28.60
CA ALA D 832 68.42 -41.66 29.76
C ALA D 832 66.92 -41.62 29.46
N ILE D 833 66.53 -40.99 28.34
CA ILE D 833 65.12 -41.01 27.96
C ILE D 833 64.62 -42.44 27.79
N GLU D 834 65.40 -43.30 27.11
CA GLU D 834 65.01 -44.70 26.99
C GLU D 834 64.86 -45.35 28.36
N GLU D 835 65.68 -44.95 29.34
CA GLU D 835 65.59 -45.59 30.65
C GLU D 835 64.29 -45.20 31.34
N ALA D 836 63.91 -43.92 31.28
CA ALA D 836 62.65 -43.52 31.88
C ALA D 836 61.48 -44.13 31.11
N ALA D 837 61.58 -44.20 29.79
CA ALA D 837 60.57 -44.91 28.99
C ALA D 837 60.24 -46.26 29.62
N PHE D 838 61.27 -47.08 29.89
CA PHE D 838 61.04 -48.38 30.50
C PHE D 838 60.59 -48.26 31.95
N ALA D 839 61.05 -47.23 32.67
CA ALA D 839 60.55 -47.00 34.01
C ALA D 839 59.04 -46.71 33.99
N ILE D 840 58.58 -45.92 33.01
CA ILE D 840 57.14 -45.67 32.89
C ILE D 840 56.40 -46.97 32.60
N LEU D 841 56.89 -47.75 31.63
CA LEU D 841 56.20 -48.98 31.25
C LEU D 841 56.09 -49.96 32.42
N LYS D 842 57.17 -50.11 33.19
CA LYS D 842 57.13 -51.02 34.34
C LYS D 842 56.13 -50.53 35.38
N ALA D 843 56.24 -49.25 35.77
CA ALA D 843 55.27 -48.65 36.70
C ALA D 843 53.85 -49.03 36.32
N ARG D 844 53.48 -48.83 35.05
CA ARG D 844 52.15 -49.27 34.62
C ARG D 844 51.98 -50.76 34.82
N SER D 845 52.99 -51.54 34.42
CA SER D 845 52.91 -53.00 34.48
C SER D 845 52.62 -53.47 35.91
N ASN D 846 53.09 -52.74 36.91
CA ASN D 846 52.89 -53.16 38.29
C ASN D 846 51.47 -52.93 38.78
N TYR D 847 50.58 -52.37 37.97
CA TYR D 847 49.17 -52.21 38.32
C TYR D 847 48.35 -52.83 37.21
N PRO D 848 48.37 -54.18 37.07
CA PRO D 848 47.38 -54.82 36.18
C PRO D 848 46.02 -54.73 36.84
N ASN D 849 44.95 -55.20 36.21
CA ASN D 849 43.60 -54.97 36.72
C ASN D 849 43.25 -53.49 36.74
N GLU D 850 43.98 -52.67 35.98
CA GLU D 850 43.81 -51.23 36.02
C GLU D 850 43.98 -50.65 34.62
N SER D 851 43.06 -49.77 34.26
CA SER D 851 43.07 -49.17 32.94
C SER D 851 43.98 -47.97 32.91
N LEU D 852 44.39 -47.60 31.70
CA LEU D 852 45.13 -46.35 31.54
C LEU D 852 44.31 -45.15 32.02
N ALA D 853 42.98 -45.20 31.91
CA ALA D 853 42.20 -44.10 32.49
C ALA D 853 42.38 -44.06 34.01
N GLY D 854 42.35 -45.23 34.67
CA GLY D 854 42.59 -45.25 36.10
C GLY D 854 43.99 -44.81 36.46
N LEU D 855 44.98 -45.25 35.69
CA LEU D 855 46.36 -44.94 36.02
C LEU D 855 46.67 -43.46 35.87
N TYR D 856 46.02 -42.77 34.94
CA TYR D 856 46.39 -41.40 34.62
C TYR D 856 45.35 -40.38 35.08
N ASP D 857 44.42 -40.78 35.92
CA ASP D 857 43.66 -39.79 36.65
C ASP D 857 44.62 -39.16 37.65
N PRO D 858 44.85 -37.84 37.61
CA PRO D 858 45.80 -37.25 38.57
C PRO D 858 45.49 -37.56 40.02
N LYS D 859 44.20 -37.55 40.42
CA LYS D 859 43.82 -37.87 41.79
C LYS D 859 44.03 -39.34 42.14
N THR D 860 44.23 -40.22 41.15
CA THR D 860 44.32 -41.65 41.37
C THR D 860 45.65 -42.25 40.96
N MET D 861 46.60 -41.43 40.51
CA MET D 861 47.80 -41.97 39.89
C MET D 861 48.78 -42.46 40.94
N PRO D 862 49.29 -43.69 40.82
CA PRO D 862 50.27 -44.18 41.80
C PRO D 862 51.56 -43.39 41.76
N SER D 863 52.07 -43.05 42.96
CA SER D 863 53.28 -42.22 43.06
C SER D 863 54.43 -42.83 42.27
N GLU D 864 54.49 -44.16 42.17
CA GLU D 864 55.55 -44.79 41.38
C GLU D 864 55.49 -44.35 39.91
N LEU D 865 54.28 -44.15 39.37
CA LEU D 865 54.17 -43.75 37.97
C LEU D 865 54.53 -42.29 37.79
N LEU D 866 54.01 -41.41 38.65
CA LEU D 866 54.41 -40.00 38.58
C LEU D 866 55.92 -39.83 38.70
N LYS D 867 56.58 -40.65 39.53
CA LYS D 867 58.03 -40.56 39.63
C LYS D 867 58.70 -40.96 38.31
N ALA D 868 58.21 -42.02 37.67
CA ALA D 868 58.75 -42.37 36.37
C ALA D 868 58.59 -41.20 35.40
N HIS D 869 57.42 -40.56 35.42
CA HIS D 869 57.24 -39.41 34.53
C HIS D 869 58.17 -38.25 34.92
N GLN D 870 58.28 -37.97 36.22
CA GLN D 870 59.25 -36.96 36.62
C GLN D 870 60.67 -37.33 36.20
N LYS D 871 61.04 -38.62 36.27
CA LYS D 871 62.35 -39.00 35.72
C LYS D 871 62.41 -38.72 34.23
N LEU D 872 61.33 -39.06 33.49
CA LEU D 872 61.27 -38.86 32.05
C LEU D 872 61.47 -37.41 31.67
N ASP D 873 60.75 -36.50 32.34
CA ASP D 873 60.85 -35.09 32.00
C ASP D 873 62.19 -34.49 32.39
N LYS D 874 62.88 -35.04 33.39
CA LYS D 874 64.27 -34.66 33.65
C LYS D 874 65.13 -34.90 32.42
N ALA D 875 65.13 -36.13 31.90
CA ALA D 875 65.94 -36.42 30.73
C ALA D 875 65.52 -35.60 29.51
N VAL D 876 64.21 -35.45 29.30
CA VAL D 876 63.74 -34.68 28.14
C VAL D 876 64.18 -33.22 28.26
N ASP D 877 63.90 -32.57 29.39
CA ASP D 877 64.36 -31.20 29.60
C ASP D 877 65.85 -31.04 29.32
N SER D 878 66.67 -32.05 29.63
CA SER D 878 68.11 -31.94 29.44
C SER D 878 68.48 -31.82 27.96
N VAL D 879 67.76 -32.53 27.08
CA VAL D 879 68.02 -32.41 25.64
C VAL D 879 67.80 -30.98 25.17
N TYR D 880 66.75 -30.32 25.70
CA TYR D 880 66.48 -28.93 25.38
C TYR D 880 67.38 -27.96 26.15
N GLY D 881 67.97 -28.40 27.25
CA GLY D 881 68.59 -27.45 28.14
C GLY D 881 67.58 -26.59 28.84
N PHE D 882 66.39 -27.12 29.08
CA PHE D 882 65.37 -26.31 29.73
C PHE D 882 65.66 -26.31 31.22
N LYS D 883 66.23 -25.21 31.69
CA LYS D 883 66.43 -24.99 33.11
C LYS D 883 65.33 -24.12 33.69
N GLY D 884 64.41 -23.61 32.85
CA GLY D 884 63.38 -22.66 33.24
C GLY D 884 62.46 -23.19 34.32
N PRO D 885 61.53 -22.37 34.78
CA PRO D 885 60.59 -22.85 35.82
C PRO D 885 59.71 -23.96 35.27
N ASN D 886 59.22 -24.79 36.19
CA ASN D 886 58.36 -25.92 35.81
C ASN D 886 56.89 -25.49 35.70
N THR D 887 56.62 -24.55 34.81
CA THR D 887 55.25 -24.08 34.58
C THR D 887 54.88 -24.21 33.11
N GLU D 888 53.59 -24.46 32.86
CA GLU D 888 53.11 -24.50 31.49
C GLU D 888 53.42 -23.19 30.77
N ILE D 889 53.43 -22.07 31.49
CA ILE D 889 53.64 -20.78 30.85
C ILE D 889 55.08 -20.66 30.37
N ALA D 890 56.05 -21.07 31.21
CA ALA D 890 57.46 -20.98 30.84
C ALA D 890 57.81 -22.02 29.77
N ARG D 891 57.28 -23.24 29.89
CA ARG D 891 57.56 -24.25 28.86
C ARG D 891 56.98 -23.85 27.50
N ILE D 892 55.76 -23.29 27.45
CA ILE D 892 55.19 -22.99 26.14
C ILE D 892 55.96 -21.86 25.47
N ALA D 893 56.39 -20.86 26.24
CA ALA D 893 57.19 -19.79 25.66
C ALA D 893 58.50 -20.35 25.11
N PHE D 894 59.06 -21.33 25.79
CA PHE D 894 60.33 -21.91 25.38
C PHE D 894 60.17 -22.68 24.08
N LEU D 895 59.20 -23.61 24.05
CA LEU D 895 58.90 -24.36 22.82
C LEU D 895 58.64 -23.43 21.66
N PHE D 896 57.96 -22.30 21.89
CA PHE D 896 57.68 -21.41 20.78
C PHE D 896 58.93 -20.70 20.31
N GLU D 897 59.90 -20.48 21.21
CA GLU D 897 61.18 -19.95 20.77
C GLU D 897 61.91 -20.99 19.92
N THR D 898 62.04 -22.22 20.44
CA THR D 898 62.68 -23.26 19.63
C THR D 898 61.96 -23.43 18.29
N TYR D 899 60.62 -23.48 18.32
CA TYR D 899 59.84 -23.65 17.08
C TYR D 899 60.10 -22.51 16.10
N GLN D 900 60.16 -21.27 16.58
CA GLN D 900 60.33 -20.15 15.67
C GLN D 900 61.71 -20.17 15.01
N LYS D 901 62.76 -20.53 15.76
CA LYS D 901 64.09 -20.58 15.17
C LYS D 901 64.19 -21.66 14.10
N MET D 902 63.48 -22.78 14.28
CA MET D 902 63.52 -23.85 13.27
C MET D 902 62.80 -23.47 11.99
N THR D 903 61.67 -22.76 12.10
CA THR D 903 60.99 -22.34 10.87
C THR D 903 61.81 -21.29 10.14
N SER D 904 62.49 -20.42 10.88
CA SER D 904 63.36 -19.43 10.26
C SER D 904 64.40 -20.08 9.36
N LEU D 905 64.76 -21.35 9.63
CA LEU D 905 65.73 -22.08 8.81
C LEU D 905 65.12 -22.71 7.56
N LEU D 906 63.80 -22.85 7.49
CA LEU D 906 63.18 -23.53 6.36
C LEU D 906 63.36 -22.74 5.07
CA CA G . -32.08 -9.23 -2.32
N SFG H . -24.62 11.58 -18.42
CA SFG H . -24.52 11.31 -17.00
C SFG H . -25.59 10.30 -16.65
O SFG H . -26.35 9.89 -17.56
OXT SFG H . -25.73 9.86 -15.48
CB SFG H . -24.73 12.60 -16.21
CG SFG H . -23.75 13.64 -16.72
CD SFG H . -24.17 14.95 -16.11
NE SFG H . -25.25 15.47 -16.93
C5' SFG H . -23.01 15.95 -16.04
C4' SFG H . -21.74 15.42 -15.28
O4' SFG H . -20.73 16.17 -15.58
C3' SFG H . -21.84 15.51 -13.75
O3' SFG H . -21.87 14.25 -13.26
C2' SFG H . -20.57 16.30 -13.29
O2' SFG H . -19.95 15.69 -12.08
C1' SFG H . -19.76 16.20 -14.28
N9 SFG H . -18.93 17.34 -14.48
C8 SFG H . -19.24 18.62 -14.32
N7 SFG H . -18.18 19.36 -14.66
C5 SFG H . -17.21 18.52 -15.04
C6 SFG H . -15.93 18.76 -15.45
N6 SFG H . -15.18 19.98 -15.65
N1 SFG H . -15.12 17.76 -15.78
C2 SFG H . -15.58 16.49 -15.69
N3 SFG H . -16.85 16.25 -15.27
C4 SFG H . -17.67 17.27 -14.93
CA CA I . -1.83 -9.38 31.81
N SFG J . 22.53 -12.55 20.72
CA SFG J . 21.42 -13.09 19.97
C SFG J . 20.14 -13.07 20.81
O SFG J . 20.20 -13.21 22.07
OXT SFG J . 19.03 -12.91 20.24
CB SFG J . 21.70 -14.51 19.48
CG SFG J . 22.11 -14.44 18.01
CD SFG J . 22.40 -15.85 17.52
NE SFG J . 23.30 -16.48 18.46
C5' SFG J . 22.99 -15.83 16.10
C4' SFG J . 22.00 -15.28 15.02
O4' SFG J . 22.57 -15.11 13.87
C3' SFG J . 20.84 -16.24 14.70
O3' SFG J . 19.76 -15.64 15.22
C2' SFG J . 20.71 -16.27 13.16
O2' SFG J . 19.30 -16.08 12.73
C1' SFG J . 21.42 -15.27 12.75
N9 SFG J . 22.10 -15.56 11.54
C8 SFG J . 22.61 -16.71 11.09
N7 SFG J . 23.18 -16.48 9.91
C5 SFG J . 23.04 -15.18 9.64
C6 SFG J . 23.45 -14.42 8.58
N6 SFG J . 24.17 -14.66 7.35
N1 SFG J . 23.19 -13.13 8.57
C2 SFG J . 22.52 -12.58 9.58
N3 SFG J . 22.12 -13.32 10.63
C4 SFG J . 22.37 -14.62 10.64
#